data_6V46
#
_entry.id   6V46
#
_cell.length_a   170.047
_cell.length_b   98.086
_cell.length_c   132.735
_cell.angle_alpha   90.000
_cell.angle_beta   115.200
_cell.angle_gamma   90.000
#
_symmetry.space_group_name_H-M   'C 1 2 1'
#
loop_
_entity.id
_entity.type
_entity.pdbx_description
1 polymer 'Hemagglutinin HA1 chain'
2 polymer 'Hemagglutinin HA2 chain'
3 branched 2-acetamido-2-deoxy-beta-D-glucopyranose-(1-4)-[alpha-L-fucopyranose-(1-6)]2-acetamido-2-deoxy-beta-D-glucopyranose
4 branched 2-acetamido-2-deoxy-beta-D-glucopyranose-(1-4)-2-acetamido-2-deoxy-beta-D-glucopyranose
5 non-polymer 2-acetamido-2-deoxy-beta-D-glucopyranose
6 water water
#
loop_
_entity_poly.entity_id
_entity_poly.type
_entity_poly.pdbx_seq_one_letter_code
_entity_poly.pdbx_strand_id
1 'polypeptide(L)'
;ADPGDRICIGYQSNNSTDTVNTLIEQNVPVTQTMELVETEKHPAYCNTDLGAPLELRDCKIEAVIYGNPKCDIHLKDQGW
SYIVERPSAPEGMCYPGSVENLEELRFVFSSAASYKRIRLFDYSRWNVTRSGTSKACNASTGGQSFYRSINWLTKKKPDT
YDFNEGAYVNNEDGDIIFLWGIHHPPDTKEQTTLYKNANTLSSVTTNTINRSFQPNIGPRPLVRGQQGRMDYYWGILKRG
ETLKIRTNGNLIAPEFGYLLKGESYGRIIQNEDIPIGNCNTKCQTYAGAINSSKPFQNASRHYMGECPKYVKKASLRLAV
GLRNTPSVEPR
;
A,C,E
2 'polypeptide(L)'
;GLFGAIAGFIEGGWSGMIDGWYGFHHSNSEGTGMAADQKSTQEAIDKITNKVNNIVDKMNREFEVVNHEFSEVEKRINMI
NDKIDDQIEDLWAYNAELLVLLENQKTLDEHDSNVKNLFDEVKRRLSANAIDAGNGCFDILHKCDNECMETIKNGTYDHK
EYEEEAKLERSKINSGRLVPRGS
;
B,D,F
#
loop_
_chem_comp.id
_chem_comp.type
_chem_comp.name
_chem_comp.formula
FUC L-saccharide, alpha linking alpha-L-fucopyranose 'C6 H12 O5'
NAG D-saccharide, beta linking 2-acetamido-2-deoxy-beta-D-glucopyranose 'C8 H15 N O6'
#
# COMPACT_ATOMS: atom_id res chain seq x y z
N ASP A 5 45.05 45.67 13.16
CA ASP A 5 45.14 44.21 13.11
C ASP A 5 43.77 43.56 13.30
N ARG A 6 43.49 42.56 12.47
CA ARG A 6 42.11 42.14 12.28
C ARG A 6 42.10 40.69 11.79
N ILE A 7 41.16 39.90 12.31
CA ILE A 7 40.93 38.52 11.84
C ILE A 7 39.43 38.32 11.62
N CYS A 8 39.09 37.76 10.46
CA CYS A 8 37.71 37.61 9.98
C CYS A 8 37.39 36.13 9.77
N ILE A 9 36.15 35.74 10.08
CA ILE A 9 35.66 34.38 9.83
C ILE A 9 34.75 34.46 8.64
N GLY A 10 34.90 33.53 7.69
CA GLY A 10 34.06 33.56 6.50
C GLY A 10 33.81 32.18 5.93
N TYR A 11 33.00 32.17 4.88
CA TYR A 11 32.60 30.97 4.17
C TYR A 11 32.76 31.19 2.68
N GLN A 12 32.70 30.09 1.93
CA GLN A 12 33.02 30.08 0.51
C GLN A 12 31.81 30.41 -0.35
N SER A 13 32.05 31.18 -1.41
CA SER A 13 31.16 31.31 -2.57
C SER A 13 31.87 30.81 -3.82
N ASN A 14 31.10 30.42 -4.83
CA ASN A 14 31.71 29.88 -6.05
C ASN A 14 30.81 30.27 -7.22
N ASN A 15 31.16 29.77 -8.40
CA ASN A 15 30.46 30.09 -9.64
C ASN A 15 29.31 29.13 -9.95
N SER A 16 28.99 28.20 -9.04
CA SER A 16 27.83 27.33 -9.27
C SER A 16 26.61 28.13 -9.68
N THR A 17 25.87 27.61 -10.64
CA THR A 17 24.55 28.11 -10.98
C THR A 17 23.42 27.23 -10.43
N ASP A 18 23.76 26.15 -9.72
CA ASP A 18 22.78 25.31 -9.03
C ASP A 18 21.86 26.09 -8.11
N THR A 19 20.59 25.69 -8.10
CA THR A 19 19.61 26.11 -7.11
C THR A 19 18.93 24.88 -6.53
N VAL A 20 18.38 25.04 -5.32
CA VAL A 20 17.50 24.03 -4.76
C VAL A 20 16.25 24.71 -4.25
N ASN A 21 15.21 23.90 -4.03
CA ASN A 21 14.06 24.35 -3.24
C ASN A 21 14.18 23.86 -1.81
N THR A 22 13.75 24.70 -0.87
CA THR A 22 13.58 24.30 0.51
C THR A 22 12.12 24.49 0.89
N LEU A 23 11.78 24.00 2.08
CA LEU A 23 10.41 24.09 2.56
C LEU A 23 9.92 25.54 2.62
N ILE A 24 10.82 26.50 2.86
CA ILE A 24 10.44 27.90 3.04
C ILE A 24 10.87 28.82 1.88
N GLU A 25 11.69 28.35 0.93
CA GLU A 25 12.18 29.22 -0.14
C GLU A 25 12.28 28.48 -1.47
N GLN A 26 11.92 29.18 -2.55
CA GLN A 26 12.11 28.65 -3.91
C GLN A 26 13.43 29.11 -4.48
N ASN A 27 14.12 28.22 -5.21
CA ASN A 27 15.29 28.56 -6.05
C ASN A 27 16.41 29.29 -5.30
N VAL A 28 16.92 28.65 -4.25
CA VAL A 28 18.03 29.17 -3.47
C VAL A 28 19.32 28.73 -4.17
N PRO A 29 20.19 29.66 -4.56
CA PRO A 29 21.49 29.25 -5.14
C PRO A 29 22.36 28.60 -4.07
N VAL A 30 23.06 27.52 -4.44
CA VAL A 30 23.90 26.81 -3.49
C VAL A 30 25.18 26.40 -4.20
N THR A 31 26.25 26.20 -3.41
CA THR A 31 27.56 25.96 -4.01
C THR A 31 27.71 24.57 -4.60
N GLN A 32 26.89 23.60 -4.17
CA GLN A 32 26.84 22.31 -4.85
C GLN A 32 25.60 21.51 -4.41
N THR A 33 25.10 20.72 -5.34
CA THR A 33 23.91 19.91 -5.13
C THR A 33 24.17 18.51 -5.65
N MET A 34 23.22 17.61 -5.38
CA MET A 34 23.21 16.31 -6.03
C MET A 34 21.77 15.92 -6.29
N GLU A 35 21.58 15.18 -7.38
CA GLU A 35 20.26 14.83 -7.90
C GLU A 35 19.84 13.49 -7.30
N LEU A 36 18.58 13.42 -6.86
CA LEU A 36 18.07 12.20 -6.24
C LEU A 36 17.17 11.38 -7.17
N VAL A 37 16.72 11.93 -8.28
CA VAL A 37 15.87 11.22 -9.23
C VAL A 37 16.71 10.84 -10.43
N GLU A 38 16.76 9.55 -10.75
CA GLU A 38 17.39 9.08 -11.97
C GLU A 38 16.47 9.36 -13.14
N THR A 39 16.92 10.22 -14.06
CA THR A 39 16.10 10.63 -15.19
C THR A 39 16.70 10.22 -16.51
N GLU A 40 17.91 9.67 -16.51
CA GLU A 40 18.52 9.19 -17.73
C GLU A 40 18.29 7.70 -17.88
N LYS A 41 17.94 7.29 -19.10
CA LYS A 41 17.70 5.88 -19.38
C LYS A 41 18.26 5.50 -20.74
N HIS A 42 18.75 4.25 -20.83
CA HIS A 42 19.11 3.64 -22.09
C HIS A 42 17.86 3.00 -22.70
N PRO A 43 17.32 3.55 -23.81
CA PRO A 43 15.98 3.14 -24.29
C PRO A 43 15.99 1.80 -25.04
N ALA A 44 16.25 0.73 -24.30
CA ALA A 44 16.36 -0.60 -24.87
C ALA A 44 16.06 -1.63 -23.78
N TYR A 45 15.71 -2.85 -24.21
CA TYR A 45 15.50 -3.99 -23.31
C TYR A 45 16.78 -4.83 -23.24
N CYS A 46 17.42 -4.83 -22.07
CA CYS A 46 18.72 -5.45 -21.85
C CYS A 46 18.60 -6.75 -21.06
N ASN A 47 19.74 -7.43 -20.92
CA ASN A 47 19.86 -8.52 -19.97
C ASN A 47 19.85 -8.00 -18.54
N THR A 48 19.33 -8.83 -17.64
CA THR A 48 19.36 -8.60 -16.19
C THR A 48 20.11 -9.78 -15.56
N ASP A 49 20.07 -9.84 -14.22
CA ASP A 49 20.72 -10.94 -13.49
C ASP A 49 20.25 -12.32 -13.93
N LEU A 50 18.99 -12.44 -14.33
CA LEU A 50 18.41 -13.70 -14.78
C LEU A 50 18.65 -13.96 -16.26
N GLY A 51 19.30 -13.03 -16.98
CA GLY A 51 19.67 -13.27 -18.37
C GLY A 51 18.96 -12.40 -19.39
N ALA A 52 18.70 -12.98 -20.63
CA ALA A 52 18.27 -12.24 -21.79
C ALA A 52 16.75 -12.27 -21.94
N PRO A 53 16.15 -11.24 -22.50
CA PRO A 53 14.71 -11.28 -22.79
C PRO A 53 14.44 -12.18 -24.00
N LEU A 54 13.21 -12.69 -24.04
CA LEU A 54 12.66 -13.35 -25.22
C LEU A 54 11.79 -12.31 -25.94
N GLU A 55 12.10 -12.03 -27.20
CA GLU A 55 11.31 -11.10 -28.00
C GLU A 55 10.31 -11.88 -28.85
N LEU A 56 9.04 -11.43 -28.82
CA LEU A 56 7.98 -12.02 -29.64
C LEU A 56 7.43 -10.94 -30.57
N ARG A 57 7.93 -10.91 -31.83
CA ARG A 57 7.48 -9.89 -32.78
C ARG A 57 6.17 -10.28 -33.48
N ASP A 58 6.05 -11.53 -33.92
CA ASP A 58 4.91 -11.93 -34.73
C ASP A 58 3.96 -12.89 -34.04
N CYS A 59 4.30 -13.39 -32.86
CA CYS A 59 3.53 -14.40 -32.16
C CYS A 59 3.19 -13.96 -30.75
N LYS A 60 1.96 -14.21 -30.33
CA LYS A 60 1.61 -14.04 -28.94
C LYS A 60 2.15 -15.20 -28.13
N ILE A 61 2.28 -14.98 -26.81
CA ILE A 61 2.80 -16.04 -25.94
C ILE A 61 2.01 -17.33 -26.13
N GLU A 62 0.66 -17.26 -26.16
CA GLU A 62 -0.17 -18.47 -26.35
C GLU A 62 0.24 -19.24 -27.60
N ALA A 63 0.51 -18.52 -28.68
CA ALA A 63 0.83 -19.16 -29.96
C ALA A 63 2.11 -19.98 -29.85
N VAL A 64 3.16 -19.43 -29.23
CA VAL A 64 4.39 -20.21 -29.11
C VAL A 64 4.19 -21.38 -28.15
N ILE A 65 3.42 -21.18 -27.07
CA ILE A 65 3.20 -22.30 -26.14
C ILE A 65 2.48 -23.45 -26.86
N TYR A 66 1.36 -23.17 -27.51
CA TYR A 66 0.61 -24.22 -28.18
C TYR A 66 1.31 -24.64 -29.47
N GLY A 67 2.17 -23.78 -29.99
CA GLY A 67 2.98 -24.11 -31.14
C GLY A 67 2.28 -23.89 -32.46
N ASN A 68 1.64 -22.73 -32.59
CA ASN A 68 1.13 -22.28 -33.87
C ASN A 68 2.21 -22.47 -34.94
N PRO A 69 1.92 -23.18 -36.04
CA PRO A 69 3.01 -23.58 -36.95
C PRO A 69 3.59 -22.41 -37.74
N LYS A 70 2.98 -21.24 -37.71
CA LYS A 70 3.64 -20.05 -38.25
C LYS A 70 4.67 -19.47 -37.28
N CYS A 71 4.82 -20.01 -36.10
CA CYS A 71 5.64 -19.41 -35.04
C CYS A 71 6.97 -20.13 -35.00
N ASP A 72 7.98 -19.54 -35.65
CA ASP A 72 9.31 -20.17 -35.77
C ASP A 72 10.10 -20.09 -34.48
N ILE A 73 9.68 -19.21 -33.57
CA ILE A 73 10.41 -18.78 -32.38
C ILE A 73 11.24 -19.90 -31.76
N HIS A 74 12.53 -19.64 -31.62
CA HIS A 74 13.45 -20.54 -30.95
C HIS A 74 13.46 -20.21 -29.46
N LEU A 75 12.89 -21.09 -28.65
CA LEU A 75 13.01 -20.97 -27.20
C LEU A 75 14.30 -21.68 -26.82
N LYS A 76 15.23 -20.93 -26.26
CA LYS A 76 16.51 -21.56 -26.03
C LYS A 76 16.55 -22.19 -24.65
N ASP A 77 17.46 -23.14 -24.51
CA ASP A 77 17.53 -23.99 -23.32
C ASP A 77 18.02 -23.22 -22.10
N GLN A 78 18.83 -22.15 -22.32
CA GLN A 78 19.16 -21.24 -21.22
C GLN A 78 17.92 -20.62 -20.60
N GLY A 79 16.83 -20.49 -21.36
CA GLY A 79 15.64 -19.81 -20.89
C GLY A 79 15.73 -18.32 -21.14
N TRP A 80 15.05 -17.53 -20.33
CA TRP A 80 14.84 -16.11 -20.62
C TRP A 80 14.44 -15.44 -19.31
N SER A 81 14.78 -14.15 -19.18
CA SER A 81 14.48 -13.47 -17.92
C SER A 81 13.11 -12.83 -17.93
N TYR A 82 12.62 -12.46 -19.10
CA TYR A 82 11.33 -11.81 -19.27
C TYR A 82 10.97 -11.88 -20.75
N ILE A 83 9.71 -11.61 -21.05
CA ILE A 83 9.17 -11.64 -22.40
C ILE A 83 8.78 -10.24 -22.80
N VAL A 84 9.28 -9.80 -23.95
CA VAL A 84 8.83 -8.61 -24.64
C VAL A 84 7.89 -9.09 -25.74
N GLU A 85 6.61 -8.82 -25.58
CA GLU A 85 5.62 -9.19 -26.57
C GLU A 85 5.13 -7.93 -27.27
N ARG A 86 5.45 -7.81 -28.56
CA ARG A 86 4.96 -6.70 -29.39
C ARG A 86 3.44 -6.71 -29.51
N PRO A 87 2.71 -5.64 -29.09
CA PRO A 87 1.23 -5.64 -29.24
C PRO A 87 0.73 -5.88 -30.66
N SER A 88 1.57 -5.63 -31.66
CA SER A 88 1.19 -5.80 -33.05
C SER A 88 1.31 -7.23 -33.57
N ALA A 89 1.86 -8.15 -32.77
CA ALA A 89 2.05 -9.54 -33.16
C ALA A 89 0.73 -10.13 -33.64
N PRO A 90 0.64 -10.58 -34.92
CA PRO A 90 -0.65 -11.03 -35.47
C PRO A 90 -1.10 -12.43 -35.07
N GLU A 91 -0.16 -13.35 -34.87
CA GLU A 91 -0.51 -14.76 -34.74
C GLU A 91 -0.88 -15.10 -33.29
N GLY A 92 -2.07 -15.64 -33.10
CA GLY A 92 -2.52 -16.17 -31.84
C GLY A 92 -2.94 -17.62 -31.99
N MET A 93 -4.10 -17.98 -31.45
CA MET A 93 -4.61 -19.33 -31.61
C MET A 93 -5.19 -19.40 -33.01
N CYS A 94 -4.46 -20.07 -33.92
CA CYS A 94 -4.86 -20.14 -35.32
C CYS A 94 -6.22 -20.86 -35.50
N TYR A 95 -6.45 -21.96 -34.80
CA TYR A 95 -7.80 -22.51 -34.88
C TYR A 95 -8.67 -21.83 -33.83
N PRO A 96 -9.80 -21.22 -34.22
CA PRO A 96 -10.50 -20.31 -33.31
C PRO A 96 -11.00 -20.99 -32.05
N GLY A 97 -10.95 -20.24 -30.95
CA GLY A 97 -11.36 -20.69 -29.63
C GLY A 97 -10.45 -20.06 -28.61
N SER A 98 -10.76 -20.23 -27.33
CA SER A 98 -10.02 -19.48 -26.33
C SER A 98 -9.42 -20.40 -25.29
N VAL A 99 -8.38 -19.88 -24.65
CA VAL A 99 -7.59 -20.61 -23.67
C VAL A 99 -8.14 -20.32 -22.28
N GLU A 100 -8.60 -21.37 -21.60
CA GLU A 100 -8.97 -21.24 -20.18
C GLU A 100 -7.78 -20.79 -19.32
N ASN A 101 -8.02 -19.80 -18.45
CA ASN A 101 -7.00 -19.25 -17.54
C ASN A 101 -5.78 -18.79 -18.35
N LEU A 102 -6.07 -18.03 -19.40
CA LEU A 102 -5.04 -17.55 -20.32
C LEU A 102 -4.01 -16.69 -19.59
N GLU A 103 -4.46 -15.76 -18.74
CA GLU A 103 -3.51 -14.87 -18.09
C GLU A 103 -2.59 -15.66 -17.17
N GLU A 104 -3.13 -16.68 -16.48
CA GLU A 104 -2.25 -17.48 -15.65
C GLU A 104 -1.24 -18.28 -16.47
N LEU A 105 -1.62 -18.72 -17.69
CA LEU A 105 -0.69 -19.50 -18.51
C LEU A 105 0.46 -18.62 -18.98
N ARG A 106 0.12 -17.46 -19.54
CA ARG A 106 1.14 -16.49 -19.91
C ARG A 106 2.05 -16.20 -18.71
N PHE A 107 1.47 -16.06 -17.52
CA PHE A 107 2.27 -15.81 -16.33
C PHE A 107 3.32 -16.90 -16.12
N VAL A 108 2.93 -18.18 -16.21
CA VAL A 108 3.92 -19.23 -15.94
C VAL A 108 5.03 -19.30 -16.97
N PHE A 109 4.81 -18.79 -18.19
CA PHE A 109 5.86 -18.82 -19.20
C PHE A 109 6.75 -17.59 -19.24
N SER A 110 6.56 -16.60 -18.32
CA SER A 110 7.20 -15.29 -18.51
C SER A 110 8.67 -15.30 -18.14
N SER A 111 9.12 -16.21 -17.25
CA SER A 111 10.54 -16.42 -16.97
C SER A 111 10.83 -17.91 -16.93
N ALA A 112 12.08 -18.26 -17.25
CA ALA A 112 12.53 -19.65 -17.13
C ALA A 112 14.04 -19.64 -16.96
N ALA A 113 14.51 -20.21 -15.85
CA ALA A 113 15.95 -20.34 -15.65
C ALA A 113 16.55 -21.38 -16.60
N SER A 114 15.75 -22.32 -17.09
CA SER A 114 16.08 -23.14 -18.24
C SER A 114 14.80 -23.77 -18.76
N TYR A 115 14.91 -24.34 -19.95
CA TYR A 115 13.76 -24.77 -20.72
C TYR A 115 14.06 -26.12 -21.36
N LYS A 116 13.07 -27.02 -21.33
CA LYS A 116 13.19 -28.31 -22.00
C LYS A 116 11.80 -28.74 -22.46
N ARG A 117 11.70 -29.05 -23.75
CA ARG A 117 10.48 -29.57 -24.35
C ARG A 117 10.45 -31.09 -24.22
N ILE A 118 9.34 -31.63 -23.72
CA ILE A 118 9.24 -33.05 -23.40
C ILE A 118 8.11 -33.71 -24.18
N ARG A 119 8.41 -34.83 -24.84
CA ARG A 119 7.35 -35.65 -25.46
C ARG A 119 6.59 -36.43 -24.41
N LEU A 120 5.27 -36.29 -24.41
CA LEU A 120 4.39 -36.98 -23.46
C LEU A 120 3.72 -38.21 -24.05
N PHE A 121 3.35 -38.18 -25.34
CA PHE A 121 2.70 -39.33 -25.95
C PHE A 121 3.17 -39.47 -27.39
N ASP A 122 3.21 -40.72 -27.86
CA ASP A 122 3.44 -41.03 -29.27
C ASP A 122 2.15 -41.64 -29.80
N TYR A 123 1.50 -40.94 -30.72
CA TYR A 123 0.19 -41.34 -31.18
C TYR A 123 0.23 -42.35 -32.33
N SER A 124 1.44 -42.77 -32.76
CA SER A 124 1.65 -44.03 -33.50
C SER A 124 0.95 -45.20 -32.83
N ARG A 125 1.05 -45.27 -31.52
CA ARG A 125 0.66 -46.41 -30.73
C ARG A 125 -0.86 -46.48 -30.53
N TRP A 126 -1.59 -45.47 -31.03
CA TRP A 126 -2.99 -45.27 -30.71
C TRP A 126 -3.85 -45.75 -31.87
N ASN A 127 -5.04 -46.27 -31.55
CA ASN A 127 -5.96 -46.77 -32.57
C ASN A 127 -6.82 -45.65 -33.15
N VAL A 128 -6.14 -44.70 -33.78
CA VAL A 128 -6.77 -43.53 -34.36
C VAL A 128 -5.92 -43.14 -35.56
N THR A 129 -6.45 -42.25 -36.38
CA THR A 129 -5.62 -41.54 -37.33
C THR A 129 -5.18 -40.23 -36.70
N ARG A 130 -3.89 -39.94 -36.79
CA ARG A 130 -3.26 -38.90 -36.02
C ARG A 130 -2.87 -37.74 -36.93
N SER A 131 -2.57 -36.60 -36.29
CA SER A 131 -1.93 -35.44 -36.94
C SER A 131 -2.81 -34.75 -37.99
N GLY A 132 -4.10 -34.65 -37.73
CA GLY A 132 -4.95 -33.80 -38.55
C GLY A 132 -4.47 -32.36 -38.68
N THR A 133 -4.86 -31.71 -39.77
CA THR A 133 -4.40 -30.39 -40.12
C THR A 133 -5.61 -29.56 -40.57
N SER A 134 -5.38 -28.27 -40.75
CA SER A 134 -6.47 -27.34 -41.02
C SER A 134 -5.92 -26.14 -41.79
N LYS A 135 -6.74 -25.61 -42.69
CA LYS A 135 -6.38 -24.37 -43.36
C LYS A 135 -6.36 -23.19 -42.40
N ALA A 136 -7.01 -23.31 -41.23
CA ALA A 136 -6.94 -22.24 -40.25
C ALA A 136 -5.54 -22.12 -39.65
N CYS A 137 -4.73 -23.18 -39.77
CA CYS A 137 -3.43 -23.29 -39.12
C CYS A 137 -2.35 -23.57 -40.17
N ASN A 138 -2.19 -22.68 -41.13
CA ASN A 138 -1.18 -22.89 -42.18
C ASN A 138 0.23 -22.80 -41.62
N ALA A 139 1.11 -23.66 -42.12
CA ALA A 139 2.54 -23.52 -41.84
C ALA A 139 3.10 -22.26 -42.52
N SER A 140 4.28 -21.83 -42.07
CA SER A 140 4.94 -20.67 -42.69
C SER A 140 5.35 -20.96 -44.13
N THR A 141 5.58 -22.23 -44.49
CA THR A 141 5.92 -22.56 -45.87
C THR A 141 4.73 -22.41 -46.81
N GLY A 142 3.53 -22.84 -46.38
CA GLY A 142 2.31 -22.50 -47.08
C GLY A 142 1.15 -23.47 -46.93
N GLY A 143 1.46 -24.75 -46.82
CA GLY A 143 0.41 -25.75 -46.71
C GLY A 143 -0.29 -25.75 -45.36
N GLN A 144 -1.45 -26.40 -45.33
CA GLN A 144 -2.17 -26.52 -44.09
C GLN A 144 -1.40 -27.38 -43.08
N SER A 145 -1.54 -27.04 -41.80
CA SER A 145 -0.75 -27.68 -40.76
C SER A 145 -1.58 -27.69 -39.48
N PHE A 146 -0.92 -27.82 -38.34
CA PHE A 146 -1.58 -27.77 -37.04
C PHE A 146 -0.57 -27.37 -35.98
N TYR A 147 -1.07 -27.20 -34.76
CA TYR A 147 -0.22 -26.95 -33.60
C TYR A 147 0.82 -28.04 -33.44
N ARG A 148 2.00 -27.67 -32.94
CA ARG A 148 3.04 -28.64 -32.63
C ARG A 148 2.81 -29.35 -31.30
N SER A 149 2.15 -28.73 -30.33
CA SER A 149 2.13 -29.28 -28.97
C SER A 149 0.94 -30.20 -28.71
N ILE A 150 -0.12 -30.08 -29.49
CA ILE A 150 -1.33 -30.86 -29.31
C ILE A 150 -1.65 -31.46 -30.67
N ASN A 151 -2.28 -32.64 -30.67
CA ASN A 151 -2.38 -33.48 -31.85
C ASN A 151 -3.83 -33.79 -32.15
N TRP A 152 -4.28 -33.47 -33.35
CA TRP A 152 -5.68 -33.65 -33.71
C TRP A 152 -5.95 -35.12 -34.05
N LEU A 153 -6.55 -35.85 -33.12
CA LEU A 153 -6.94 -37.25 -33.36
C LEU A 153 -8.34 -37.37 -33.95
N THR A 154 -8.48 -38.17 -35.00
CA THR A 154 -9.77 -38.54 -35.58
C THR A 154 -9.86 -40.06 -35.74
N LYS A 155 -11.04 -40.55 -36.12
CA LYS A 155 -11.31 -41.99 -36.08
C LYS A 155 -10.38 -42.79 -36.99
N LYS A 156 -9.96 -43.96 -36.49
CA LYS A 156 -9.20 -44.90 -37.30
C LYS A 156 -10.04 -45.34 -38.49
N LYS A 157 -9.39 -45.47 -39.67
CA LYS A 157 -10.10 -45.76 -40.90
C LYS A 157 -10.39 -47.26 -40.99
N PRO A 158 -11.57 -47.66 -41.51
CA PRO A 158 -12.55 -46.77 -42.16
C PRO A 158 -13.50 -46.05 -41.20
N ASP A 159 -13.87 -46.68 -40.08
CA ASP A 159 -14.88 -46.08 -39.22
C ASP A 159 -14.90 -46.70 -37.81
N THR A 160 -13.79 -46.56 -37.07
CA THR A 160 -13.74 -47.03 -35.68
C THR A 160 -13.09 -45.97 -34.80
N TYR A 161 -13.76 -45.66 -33.67
CA TYR A 161 -13.15 -44.84 -32.61
C TYR A 161 -13.63 -45.40 -31.27
N ASP A 162 -12.90 -46.37 -30.76
CA ASP A 162 -13.21 -46.86 -29.42
C ASP A 162 -12.50 -45.98 -28.40
N PHE A 163 -12.86 -46.17 -27.14
CA PHE A 163 -12.08 -45.53 -26.08
C PHE A 163 -10.61 -45.93 -26.22
N ASN A 164 -9.77 -44.91 -26.43
CA ASN A 164 -8.31 -45.00 -26.38
C ASN A 164 -7.80 -44.35 -25.10
N GLU A 165 -6.80 -44.96 -24.48
CA GLU A 165 -6.22 -44.38 -23.29
C GLU A 165 -4.71 -44.61 -23.26
N GLY A 166 -4.00 -43.72 -22.56
CA GLY A 166 -2.56 -43.80 -22.44
C GLY A 166 -2.13 -43.05 -21.20
N ALA A 167 -0.88 -43.30 -20.79
CA ALA A 167 -0.34 -42.73 -19.57
C ALA A 167 1.06 -42.22 -19.81
N TYR A 168 1.38 -41.11 -19.14
CA TYR A 168 2.74 -40.59 -19.12
C TYR A 168 3.09 -40.34 -17.66
N VAL A 169 4.28 -40.81 -17.25
CA VAL A 169 4.82 -40.60 -15.91
C VAL A 169 5.89 -39.50 -15.96
N ASN A 170 5.76 -38.48 -15.12
CA ASN A 170 6.78 -37.42 -15.06
C ASN A 170 7.98 -37.93 -14.28
N ASN A 171 9.03 -38.31 -15.02
CA ASN A 171 10.29 -38.74 -14.42
C ASN A 171 11.35 -37.66 -14.60
N GLU A 172 10.94 -36.42 -14.82
CA GLU A 172 11.87 -35.38 -15.23
C GLU A 172 12.27 -34.53 -14.04
N ASP A 173 13.17 -33.58 -14.29
CA ASP A 173 13.67 -32.80 -13.16
C ASP A 173 12.74 -31.56 -12.91
N GLY A 174 11.43 -31.67 -13.14
CA GLY A 174 10.60 -30.59 -12.69
C GLY A 174 9.13 -30.82 -12.96
N ASP A 175 8.34 -29.73 -12.76
CA ASP A 175 6.93 -29.70 -13.05
C ASP A 175 6.80 -29.47 -14.53
N ILE A 176 5.86 -30.15 -15.17
CA ILE A 176 5.70 -30.06 -16.61
C ILE A 176 4.38 -29.37 -16.92
N ILE A 177 4.42 -28.38 -17.81
CA ILE A 177 3.20 -27.77 -18.34
C ILE A 177 2.73 -28.57 -19.55
N PHE A 178 1.48 -29.04 -19.52
CA PHE A 178 0.92 -29.73 -20.66
C PHE A 178 -0.37 -29.06 -21.10
N LEU A 179 -0.74 -29.34 -22.35
CA LEU A 179 -1.76 -28.61 -23.09
C LEU A 179 -2.70 -29.59 -23.78
N TRP A 180 -3.96 -29.19 -23.94
CA TRP A 180 -4.90 -29.97 -24.73
C TRP A 180 -6.03 -29.06 -25.19
N GLY A 181 -6.93 -29.65 -25.97
CA GLY A 181 -8.03 -28.94 -26.58
C GLY A 181 -9.19 -29.89 -26.78
N ILE A 182 -10.37 -29.33 -27.03
CA ILE A 182 -11.59 -30.09 -27.32
C ILE A 182 -12.26 -29.44 -28.51
N HIS A 183 -12.48 -30.24 -29.55
CA HIS A 183 -13.04 -29.75 -30.79
C HIS A 183 -14.56 -29.83 -30.73
N HIS A 184 -15.21 -28.73 -31.08
CA HIS A 184 -16.66 -28.67 -31.20
C HIS A 184 -17.00 -28.47 -32.67
N PRO A 185 -17.35 -29.53 -33.40
CA PRO A 185 -17.67 -29.39 -34.82
C PRO A 185 -18.99 -28.64 -35.00
N PRO A 186 -19.20 -28.04 -36.18
CA PRO A 186 -20.43 -27.26 -36.40
C PRO A 186 -21.70 -28.08 -36.64
N ASP A 187 -21.63 -29.37 -36.96
CA ASP A 187 -22.87 -30.11 -37.17
C ASP A 187 -22.62 -31.59 -36.97
N THR A 188 -23.72 -32.34 -36.81
CA THR A 188 -23.61 -33.77 -36.51
C THR A 188 -22.96 -34.55 -37.64
N LYS A 189 -23.11 -34.10 -38.89
CA LYS A 189 -22.41 -34.80 -39.97
C LYS A 189 -20.90 -34.72 -39.78
N GLU A 190 -20.38 -33.53 -39.45
CA GLU A 190 -18.93 -33.41 -39.26
C GLU A 190 -18.49 -34.22 -38.04
N GLN A 191 -19.30 -34.19 -36.97
CA GLN A 191 -19.00 -34.99 -35.78
C GLN A 191 -18.83 -36.47 -36.14
N THR A 192 -19.75 -37.02 -36.93
CA THR A 192 -19.67 -38.43 -37.24
C THR A 192 -18.52 -38.74 -38.19
N THR A 193 -18.25 -37.88 -39.17
CA THR A 193 -17.15 -38.16 -40.10
C THR A 193 -15.80 -38.08 -39.39
N LEU A 194 -15.64 -37.13 -38.44
CA LEU A 194 -14.35 -37.01 -37.77
C LEU A 194 -14.17 -38.08 -36.70
N TYR A 195 -15.21 -38.33 -35.90
CA TYR A 195 -15.10 -39.05 -34.65
C TYR A 195 -16.00 -40.28 -34.52
N LYS A 196 -16.86 -40.53 -35.52
CA LYS A 196 -17.82 -41.64 -35.53
C LYS A 196 -18.91 -41.50 -34.47
N ASN A 197 -18.53 -41.49 -33.20
CA ASN A 197 -19.51 -41.39 -32.12
C ASN A 197 -20.19 -40.03 -32.11
N ALA A 198 -21.51 -40.07 -31.94
CA ALA A 198 -22.30 -38.85 -31.98
C ALA A 198 -22.07 -38.02 -30.73
N ASN A 199 -21.70 -38.66 -29.64
CA ASN A 199 -21.26 -37.99 -28.43
C ASN A 199 -20.09 -38.75 -27.83
N THR A 200 -19.15 -38.01 -27.23
CA THR A 200 -17.88 -38.56 -26.80
C THR A 200 -17.59 -38.10 -25.37
N LEU A 201 -16.68 -38.82 -24.71
CA LEU A 201 -16.17 -38.42 -23.39
C LEU A 201 -14.65 -38.40 -23.48
N SER A 202 -14.05 -37.26 -23.14
CA SER A 202 -12.61 -37.10 -23.08
C SER A 202 -12.24 -36.73 -21.66
N SER A 203 -11.33 -37.49 -21.05
CA SER A 203 -10.92 -37.28 -19.68
C SER A 203 -9.42 -37.02 -19.64
N VAL A 204 -9.04 -35.97 -18.90
CA VAL A 204 -7.65 -35.63 -18.64
C VAL A 204 -7.50 -35.64 -17.13
N THR A 205 -6.68 -36.55 -16.61
CA THR A 205 -6.59 -36.78 -15.17
C THR A 205 -5.13 -36.95 -14.76
N THR A 206 -4.84 -36.54 -13.54
CA THR A 206 -3.53 -36.79 -12.97
C THR A 206 -3.78 -37.29 -11.57
N ASN A 207 -2.72 -37.40 -10.77
CA ASN A 207 -2.90 -37.72 -9.37
C ASN A 207 -3.88 -36.77 -8.70
N THR A 208 -3.94 -35.50 -9.15
CA THR A 208 -4.78 -34.48 -8.53
C THR A 208 -5.83 -33.84 -9.44
N ILE A 209 -5.68 -33.90 -10.74
CA ILE A 209 -6.57 -33.25 -11.69
C ILE A 209 -7.58 -34.28 -12.15
N ASN A 210 -8.85 -33.87 -12.27
CA ASN A 210 -9.93 -34.81 -12.65
C ASN A 210 -10.91 -34.09 -13.55
N ARG A 211 -10.64 -34.11 -14.85
CA ARG A 211 -11.40 -33.27 -15.77
C ARG A 211 -11.94 -34.09 -16.93
N SER A 212 -13.18 -33.80 -17.33
CA SER A 212 -13.86 -34.54 -18.38
C SER A 212 -14.60 -33.56 -19.27
N PHE A 213 -14.76 -33.92 -20.54
CA PHE A 213 -15.36 -33.01 -21.51
C PHE A 213 -16.18 -33.77 -22.56
N GLN A 214 -17.28 -33.14 -22.97
CA GLN A 214 -18.17 -33.63 -24.02
C GLN A 214 -18.39 -32.52 -25.04
N PRO A 215 -18.45 -32.85 -26.32
CA PRO A 215 -18.61 -31.82 -27.36
C PRO A 215 -20.03 -31.26 -27.41
N ASN A 216 -20.11 -30.00 -27.80
CA ASN A 216 -21.37 -29.28 -27.97
C ASN A 216 -21.48 -28.92 -29.42
N ILE A 217 -22.25 -29.71 -30.17
CA ILE A 217 -22.29 -29.56 -31.62
C ILE A 217 -23.17 -28.37 -32.01
N GLY A 218 -22.72 -27.63 -33.03
CA GLY A 218 -23.46 -26.48 -33.52
C GLY A 218 -22.57 -25.44 -34.19
N PRO A 219 -23.14 -24.66 -35.10
CA PRO A 219 -22.36 -23.62 -35.79
C PRO A 219 -22.16 -22.36 -34.93
N ARG A 220 -20.90 -21.93 -34.83
CA ARG A 220 -20.53 -20.63 -34.29
C ARG A 220 -20.23 -19.66 -35.43
N PRO A 221 -20.16 -18.37 -35.14
CA PRO A 221 -19.82 -17.40 -36.20
C PRO A 221 -18.54 -17.77 -36.94
N LEU A 222 -18.49 -17.44 -38.23
CA LEU A 222 -17.30 -17.72 -39.03
C LEU A 222 -16.11 -16.94 -38.50
N VAL A 223 -15.03 -17.68 -38.19
CA VAL A 223 -13.75 -17.09 -37.83
C VAL A 223 -12.66 -17.86 -38.55
N ARG A 224 -11.83 -17.15 -39.31
CA ARG A 224 -10.71 -17.72 -40.10
C ARG A 224 -11.13 -18.99 -40.84
N GLY A 225 -12.28 -18.90 -41.51
CA GLY A 225 -12.81 -19.99 -42.31
C GLY A 225 -13.64 -21.01 -41.56
N GLN A 226 -13.78 -20.89 -40.24
CA GLN A 226 -14.28 -22.00 -39.42
C GLN A 226 -15.55 -21.61 -38.70
N GLN A 227 -16.53 -22.50 -38.73
CA GLN A 227 -17.71 -22.41 -37.88
C GLN A 227 -17.64 -23.36 -36.68
N GLY A 228 -16.64 -24.28 -36.66
CA GLY A 228 -16.32 -25.03 -35.47
C GLY A 228 -15.49 -24.20 -34.49
N ARG A 229 -15.28 -24.76 -33.30
CA ARG A 229 -14.46 -24.13 -32.25
C ARG A 229 -13.67 -25.16 -31.49
N MET A 230 -12.52 -24.73 -30.97
CA MET A 230 -11.80 -25.48 -29.96
C MET A 230 -11.79 -24.71 -28.64
N ASP A 231 -12.04 -25.41 -27.52
CA ASP A 231 -11.67 -24.92 -26.20
C ASP A 231 -10.30 -25.46 -25.85
N TYR A 232 -9.39 -24.56 -25.46
CA TYR A 232 -8.04 -24.91 -25.08
C TYR A 232 -7.86 -24.85 -23.56
N TYR A 233 -7.05 -25.76 -23.03
CA TYR A 233 -6.84 -25.93 -21.61
C TYR A 233 -5.38 -26.20 -21.36
N TRP A 234 -4.99 -26.15 -20.09
CA TRP A 234 -3.62 -26.48 -19.76
C TRP A 234 -3.56 -26.98 -18.32
N GLY A 235 -2.47 -27.68 -18.00
CA GLY A 235 -2.28 -28.16 -16.64
C GLY A 235 -0.81 -28.30 -16.25
N ILE A 236 -0.61 -28.59 -14.97
CA ILE A 236 0.70 -28.78 -14.36
C ILE A 236 0.76 -30.22 -13.87
N LEU A 237 1.73 -30.97 -14.38
CA LEU A 237 2.01 -32.32 -13.91
C LEU A 237 3.24 -32.24 -13.01
N LYS A 238 3.04 -32.47 -11.72
CA LYS A 238 4.13 -32.32 -10.78
C LYS A 238 5.05 -33.54 -10.86
N ARG A 239 6.27 -33.37 -10.37
CA ARG A 239 7.25 -34.43 -10.35
C ARG A 239 6.70 -35.74 -9.84
N GLY A 240 6.99 -36.83 -10.54
CA GLY A 240 6.55 -38.12 -10.07
C GLY A 240 5.12 -38.46 -10.41
N GLU A 241 4.33 -37.49 -10.86
CA GLU A 241 2.90 -37.71 -11.06
C GLU A 241 2.66 -38.36 -12.43
N THR A 242 1.46 -38.91 -12.58
CA THR A 242 1.03 -39.55 -13.82
C THR A 242 -0.08 -38.75 -14.52
N LEU A 243 0.08 -38.56 -15.82
CA LEU A 243 -0.94 -37.98 -16.67
C LEU A 243 -1.62 -39.09 -17.45
N LYS A 244 -2.92 -39.31 -17.22
CA LYS A 244 -3.70 -40.25 -18.00
C LYS A 244 -4.72 -39.50 -18.86
N ILE A 245 -4.83 -39.92 -20.13
CA ILE A 245 -5.83 -39.36 -21.04
C ILE A 245 -6.64 -40.49 -21.63
N ARG A 246 -7.92 -40.20 -21.90
CA ARG A 246 -8.84 -41.21 -22.42
C ARG A 246 -9.86 -40.48 -23.30
N THR A 247 -10.12 -40.99 -24.50
CA THR A 247 -11.06 -40.32 -25.39
C THR A 247 -11.61 -41.32 -26.39
N ASN A 248 -12.89 -41.13 -26.75
CA ASN A 248 -13.45 -41.75 -27.94
C ASN A 248 -13.85 -40.72 -28.98
N GLY A 249 -13.20 -39.56 -28.95
CA GLY A 249 -13.41 -38.47 -29.91
C GLY A 249 -13.32 -37.08 -29.30
N ASN A 250 -12.95 -36.11 -30.14
CA ASN A 250 -13.04 -34.68 -29.91
C ASN A 250 -11.87 -34.17 -29.07
N LEU A 251 -11.04 -35.04 -28.52
CA LEU A 251 -9.87 -34.59 -27.81
C LEU A 251 -8.77 -34.24 -28.80
N ILE A 252 -8.22 -33.03 -28.66
CA ILE A 252 -6.99 -32.59 -29.31
C ILE A 252 -5.91 -32.86 -28.26
N ALA A 253 -5.16 -33.92 -28.45
CA ALA A 253 -4.48 -34.57 -27.33
C ALA A 253 -3.10 -33.98 -27.05
N PRO A 254 -2.65 -34.02 -25.79
CA PRO A 254 -1.32 -33.47 -25.46
C PRO A 254 -0.24 -34.32 -26.08
N GLU A 255 0.69 -33.66 -26.78
CA GLU A 255 1.83 -34.33 -27.37
C GLU A 255 3.17 -33.84 -26.85
N PHE A 256 3.39 -32.53 -26.71
CA PHE A 256 4.61 -32.00 -26.13
C PHE A 256 4.27 -31.14 -24.92
N GLY A 257 4.96 -31.41 -23.80
CA GLY A 257 4.91 -30.57 -22.64
C GLY A 257 6.18 -29.72 -22.49
N TYR A 258 6.17 -28.87 -21.45
CA TYR A 258 7.30 -27.97 -21.18
C TYR A 258 7.79 -28.09 -19.75
N LEU A 259 9.08 -28.35 -19.60
CA LEU A 259 9.79 -28.34 -18.32
C LEU A 259 10.52 -27.00 -18.21
N LEU A 260 9.98 -26.07 -17.40
CA LEU A 260 10.61 -24.78 -17.12
C LEU A 260 11.16 -24.76 -15.69
N LYS A 261 12.42 -24.42 -15.53
CA LYS A 261 12.95 -24.30 -14.18
C LYS A 261 12.93 -22.85 -13.74
N GLY A 262 12.84 -22.66 -12.43
CA GLY A 262 12.69 -21.36 -11.83
C GLY A 262 11.24 -21.07 -11.47
N GLU A 263 11.06 -20.11 -10.60
CA GLU A 263 9.72 -19.57 -10.43
C GLU A 263 9.51 -18.46 -11.46
N SER A 264 8.25 -18.20 -11.77
CA SER A 264 7.84 -17.12 -12.64
C SER A 264 7.40 -15.91 -11.82
N TYR A 265 7.50 -14.73 -12.43
CA TYR A 265 7.20 -13.50 -11.71
C TYR A 265 6.35 -12.54 -12.54
N GLY A 266 5.69 -13.03 -13.58
CA GLY A 266 4.85 -12.20 -14.42
C GLY A 266 5.60 -11.15 -15.22
N ARG A 267 6.86 -11.40 -15.55
CA ARG A 267 7.67 -10.45 -16.31
C ARG A 267 7.27 -10.46 -17.79
N ILE A 268 6.17 -9.76 -18.08
CA ILE A 268 5.70 -9.58 -19.46
C ILE A 268 5.67 -8.10 -19.79
N ILE A 269 6.37 -7.70 -20.84
CA ILE A 269 6.42 -6.31 -21.28
C ILE A 269 5.66 -6.19 -22.59
N GLN A 270 4.58 -5.41 -22.58
CA GLN A 270 3.70 -5.27 -23.74
C GLN A 270 4.07 -3.94 -24.42
N ASN A 271 5.10 -3.98 -25.27
CA ASN A 271 5.66 -2.75 -25.81
C ASN A 271 5.97 -2.88 -27.29
N GLU A 272 5.64 -1.85 -28.06
CA GLU A 272 5.85 -1.92 -29.51
C GLU A 272 7.25 -1.45 -29.96
N ASP A 273 7.73 -0.28 -29.54
CA ASP A 273 8.83 0.39 -30.26
C ASP A 273 10.17 0.45 -29.55
N ILE A 274 10.30 -0.01 -28.32
CA ILE A 274 11.61 -0.02 -27.67
C ILE A 274 12.33 -1.30 -28.09
N PRO A 275 13.56 -1.23 -28.62
CA PRO A 275 14.18 -2.45 -29.15
C PRO A 275 14.90 -3.27 -28.09
N ILE A 276 15.12 -4.54 -28.44
CA ILE A 276 16.07 -5.39 -27.72
C ILE A 276 17.46 -4.77 -27.85
N GLY A 277 18.15 -4.59 -26.73
CA GLY A 277 19.49 -4.04 -26.74
C GLY A 277 20.59 -5.09 -26.57
N ASN A 278 21.82 -4.64 -26.76
CA ASN A 278 23.02 -5.41 -26.46
C ASN A 278 23.66 -4.71 -25.26
N CYS A 279 23.24 -5.11 -24.06
CA CYS A 279 23.51 -4.34 -22.85
C CYS A 279 23.12 -5.19 -21.65
N ASN A 280 23.66 -4.83 -20.49
CA ASN A 280 23.33 -5.48 -19.23
C ASN A 280 22.94 -4.42 -18.20
N THR A 281 22.01 -4.77 -17.31
CA THR A 281 21.55 -3.78 -16.34
C THR A 281 21.11 -4.49 -15.07
N LYS A 282 21.27 -3.79 -13.94
CA LYS A 282 20.69 -4.23 -12.68
C LYS A 282 19.21 -3.90 -12.62
N CYS A 283 18.79 -2.88 -13.35
CA CYS A 283 17.43 -2.35 -13.29
C CYS A 283 16.95 -2.14 -14.72
N GLN A 284 15.94 -2.91 -15.09
CA GLN A 284 15.29 -2.79 -16.39
C GLN A 284 13.87 -2.26 -16.18
N THR A 285 13.63 -1.02 -16.57
CA THR A 285 12.25 -0.53 -16.55
C THR A 285 11.58 -0.82 -17.87
N TYR A 286 10.25 -0.71 -17.88
CA TYR A 286 9.50 -0.93 -19.11
C TYR A 286 9.72 0.15 -20.15
N ALA A 287 10.40 1.25 -19.80
CA ALA A 287 10.74 2.29 -20.75
C ALA A 287 12.23 2.31 -21.08
N GLY A 288 13.01 1.36 -20.55
CA GLY A 288 14.44 1.35 -20.80
C GLY A 288 15.25 0.99 -19.57
N ALA A 289 16.55 0.73 -19.76
CA ALA A 289 17.41 0.41 -18.63
C ALA A 289 17.93 1.68 -17.96
N ILE A 290 18.19 1.60 -16.65
CA ILE A 290 18.64 2.73 -15.85
C ILE A 290 19.63 2.25 -14.82
N ASN A 291 20.53 3.17 -14.43
CA ASN A 291 21.34 3.00 -13.22
C ASN A 291 20.44 3.02 -11.99
N SER A 292 20.85 2.28 -10.96
CA SER A 292 20.08 2.14 -9.75
C SER A 292 20.75 2.81 -8.55
N SER A 293 21.72 3.69 -8.81
CA SER A 293 22.49 4.36 -7.75
C SER A 293 21.61 5.25 -6.89
N LYS A 294 20.79 6.08 -7.52
CA LYS A 294 19.90 7.06 -6.91
C LYS A 294 18.67 6.40 -6.31
N PRO A 295 18.04 7.03 -5.32
CA PRO A 295 16.90 6.39 -4.67
C PRO A 295 15.60 6.47 -5.46
N PHE A 296 15.50 7.36 -6.44
CA PHE A 296 14.27 7.45 -7.20
C PHE A 296 14.55 7.52 -8.69
N GLN A 297 13.53 7.24 -9.49
CA GLN A 297 13.65 7.28 -10.95
C GLN A 297 12.31 7.68 -11.53
N ASN A 298 12.33 8.38 -12.65
CA ASN A 298 11.09 8.78 -13.30
C ASN A 298 10.91 8.14 -14.68
N ALA A 299 11.62 7.04 -14.96
CA ALA A 299 11.49 6.30 -16.21
C ALA A 299 10.14 5.60 -16.33
N SER A 300 9.72 4.88 -15.30
CA SER A 300 8.51 4.06 -15.44
C SER A 300 8.07 3.54 -14.08
N ARG A 301 6.75 3.43 -13.91
CA ARG A 301 6.23 2.73 -12.74
C ARG A 301 6.42 1.21 -12.82
N HIS A 302 6.69 0.64 -14.00
CA HIS A 302 6.90 -0.80 -14.12
C HIS A 302 8.37 -1.11 -14.35
N TYR A 303 8.91 -2.06 -13.58
CA TYR A 303 10.32 -2.35 -13.70
C TYR A 303 10.61 -3.71 -13.09
N MET A 304 11.82 -4.19 -13.38
CA MET A 304 12.35 -5.46 -12.90
C MET A 304 13.80 -5.27 -12.46
N GLY A 305 14.20 -6.08 -11.47
CA GLY A 305 15.57 -6.06 -11.03
C GLY A 305 15.72 -5.30 -9.73
N GLU A 306 16.83 -4.58 -9.56
CA GLU A 306 17.14 -3.86 -8.33
C GLU A 306 17.00 -2.39 -8.70
N CYS A 307 15.85 -1.82 -8.36
CA CYS A 307 15.38 -0.59 -8.96
C CYS A 307 15.10 0.47 -7.92
N PRO A 308 15.35 1.73 -8.24
CA PRO A 308 14.84 2.79 -7.37
C PRO A 308 13.33 2.89 -7.52
N LYS A 309 12.69 3.49 -6.52
CA LYS A 309 11.26 3.71 -6.56
C LYS A 309 10.92 4.78 -7.60
N TYR A 310 9.75 4.61 -8.19
CA TYR A 310 9.26 5.52 -9.21
C TYR A 310 8.65 6.78 -8.59
N VAL A 311 9.04 7.94 -9.10
CA VAL A 311 8.34 9.19 -8.81
C VAL A 311 8.15 9.94 -10.12
N LYS A 312 6.98 10.55 -10.28
CA LYS A 312 6.77 11.36 -11.47
C LYS A 312 7.17 12.80 -11.17
N LYS A 313 8.48 13.03 -11.08
CA LYS A 313 9.07 14.34 -10.90
C LYS A 313 10.27 14.47 -11.82
N ALA A 314 10.51 15.68 -12.33
CA ALA A 314 11.64 15.90 -13.22
C ALA A 314 12.98 15.98 -12.49
N SER A 315 12.97 16.20 -11.18
CA SER A 315 14.19 16.45 -10.42
C SER A 315 13.86 16.57 -8.93
N LEU A 316 14.83 16.20 -8.09
CA LEU A 316 14.77 16.36 -6.62
C LEU A 316 16.19 16.67 -6.18
N ARG A 317 16.56 17.95 -6.21
CA ARG A 317 17.93 18.39 -5.94
C ARG A 317 18.14 18.59 -4.44
N LEU A 318 19.11 17.87 -3.90
CA LEU A 318 19.47 17.94 -2.49
C LEU A 318 20.62 18.92 -2.33
N ALA A 319 20.48 19.86 -1.41
CA ALA A 319 21.58 20.76 -1.10
C ALA A 319 22.71 19.98 -0.46
N VAL A 320 23.92 20.23 -0.93
CA VAL A 320 25.14 19.71 -0.32
C VAL A 320 26.00 20.83 0.25
N GLY A 321 26.27 21.85 -0.56
CA GLY A 321 27.08 22.98 -0.14
C GLY A 321 26.27 24.08 0.50
N LEU A 322 26.82 25.28 0.44
CA LEU A 322 26.33 26.44 1.17
C LEU A 322 25.39 27.25 0.30
N ARG A 323 24.59 28.08 0.95
CA ARG A 323 23.88 29.13 0.25
C ARG A 323 24.90 30.01 -0.48
N ASN A 324 24.76 30.12 -1.80
CA ASN A 324 25.74 30.81 -2.64
C ASN A 324 25.48 32.33 -2.66
N THR A 325 26.04 33.06 -1.69
CA THR A 325 25.83 34.51 -1.56
C THR A 325 27.15 35.25 -1.45
N PRO A 326 27.75 35.66 -2.57
CA PRO A 326 29.04 36.34 -2.53
C PRO A 326 28.94 37.77 -1.99
N SER A 327 30.05 38.25 -1.45
CA SER A 327 30.15 39.54 -0.76
C SER A 327 29.89 40.73 -1.70
N ILE B 6 38.65 44.68 5.25
CA ILE B 6 38.20 43.31 5.02
C ILE B 6 37.05 42.94 5.96
N ALA B 7 36.08 42.19 5.45
CA ALA B 7 34.88 41.80 6.17
C ALA B 7 34.78 40.28 6.27
N GLY B 8 34.10 39.84 7.31
CA GLY B 8 33.79 38.44 7.52
C GLY B 8 32.46 38.06 6.92
N PHE B 9 31.90 36.96 7.46
CA PHE B 9 30.71 36.31 6.92
C PHE B 9 29.42 37.13 6.94
N ILE B 10 29.28 38.14 7.82
CA ILE B 10 28.04 38.92 7.88
C ILE B 10 27.76 39.61 6.54
N GLU B 11 28.82 40.04 5.85
CA GLU B 11 28.64 40.79 4.61
C GLU B 11 28.78 39.94 3.35
N GLY B 12 28.74 38.61 3.49
CA GLY B 12 28.64 37.70 2.36
C GLY B 12 29.81 36.75 2.26
N GLY B 13 29.73 35.87 1.23
CA GLY B 13 30.72 34.83 1.04
C GLY B 13 31.95 35.28 0.23
N TRP B 14 33.01 34.48 0.35
CA TRP B 14 34.30 34.77 -0.28
C TRP B 14 34.53 33.86 -1.49
N SER B 15 34.60 34.47 -2.69
CA SER B 15 35.03 33.74 -3.88
C SER B 15 36.50 33.37 -3.85
N GLY B 16 37.31 34.04 -3.03
CA GLY B 16 38.74 33.71 -2.94
C GLY B 16 39.01 32.34 -2.36
N MET B 17 38.23 31.93 -1.37
CA MET B 17 38.53 30.68 -0.67
C MET B 17 38.20 29.50 -1.58
N ILE B 18 39.21 28.70 -1.91
CA ILE B 18 39.07 27.60 -2.85
C ILE B 18 39.38 26.26 -2.22
N ASP B 19 39.91 26.22 -0.99
CA ASP B 19 40.35 24.99 -0.36
C ASP B 19 39.43 24.54 0.78
N GLY B 20 38.18 25.00 0.81
CA GLY B 20 37.32 24.66 1.92
C GLY B 20 36.08 25.52 1.99
N TRP B 21 35.21 25.17 2.92
CA TRP B 21 33.92 25.81 3.08
C TRP B 21 33.97 26.96 4.07
N TYR B 22 34.76 26.84 5.12
CA TYR B 22 34.83 27.88 6.14
C TYR B 22 36.27 28.26 6.45
N GLY B 23 36.53 29.52 6.75
CA GLY B 23 37.86 29.87 7.17
C GLY B 23 38.14 31.31 7.60
N PHE B 24 39.37 31.74 7.31
CA PHE B 24 40.00 32.87 7.97
C PHE B 24 40.59 33.82 6.95
N HIS B 25 40.39 35.11 7.22
CA HIS B 25 41.01 36.19 6.47
C HIS B 25 41.55 37.19 7.48
N HIS B 26 42.88 37.32 7.55
CA HIS B 26 43.53 38.22 8.48
C HIS B 26 44.26 39.33 7.74
N SER B 27 44.46 40.47 8.41
CA SER B 27 45.23 41.57 7.85
C SER B 27 46.09 42.19 8.94
N ASN B 28 47.40 42.14 8.75
CA ASN B 28 48.30 42.86 9.63
C ASN B 28 49.26 43.69 8.76
N SER B 29 50.34 44.21 9.35
CA SER B 29 51.26 45.02 8.57
C SER B 29 52.06 44.19 7.56
N GLU B 30 52.18 42.89 7.80
CA GLU B 30 52.83 42.05 6.80
C GLU B 30 51.93 41.75 5.61
N GLY B 31 50.69 42.24 5.62
CA GLY B 31 49.70 41.93 4.61
C GLY B 31 48.57 41.04 5.09
N THR B 32 47.98 40.30 4.16
CA THR B 32 46.76 39.56 4.45
C THR B 32 46.96 38.08 4.12
N GLY B 33 46.16 37.25 4.79
CA GLY B 33 46.16 35.82 4.51
C GLY B 33 44.76 35.24 4.48
N MET B 34 44.45 34.44 3.46
CA MET B 34 43.17 33.74 3.37
C MET B 34 43.42 32.24 3.28
N ALA B 35 42.99 31.51 4.30
CA ALA B 35 43.08 30.06 4.31
C ALA B 35 41.80 29.46 4.89
N ALA B 36 41.42 28.29 4.35
CA ALA B 36 40.35 27.49 4.95
C ALA B 36 40.77 26.95 6.32
N ASP B 37 39.82 26.92 7.24
CA ASP B 37 39.96 26.11 8.46
C ASP B 37 39.63 24.67 8.12
N GLN B 38 40.65 23.81 8.05
CA GLN B 38 40.42 22.44 7.60
C GLN B 38 39.60 21.63 8.59
N LYS B 39 39.71 21.94 9.90
CA LYS B 39 39.03 21.15 10.92
C LYS B 39 37.51 21.38 10.91
N SER B 40 37.08 22.64 10.80
CA SER B 40 35.64 22.86 10.73
C SER B 40 35.07 22.45 9.36
N THR B 41 35.87 22.57 8.30
CA THR B 41 35.44 22.09 7.00
C THR B 41 35.25 20.58 6.96
N GLN B 42 36.22 19.82 7.48
CA GLN B 42 36.13 18.36 7.43
C GLN B 42 34.94 17.86 8.21
N GLU B 43 34.75 18.37 9.43
CA GLU B 43 33.57 18.06 10.21
C GLU B 43 32.31 18.21 9.37
N ALA B 44 32.12 19.38 8.77
CA ALA B 44 30.88 19.61 8.02
C ALA B 44 30.78 18.65 6.84
N ILE B 45 31.90 18.36 6.17
CA ILE B 45 31.85 17.46 5.03
C ILE B 45 31.44 16.04 5.48
N ASP B 46 32.04 15.55 6.57
CA ASP B 46 31.67 14.26 7.14
C ASP B 46 30.19 14.20 7.47
N LYS B 47 29.65 15.28 8.03
CA LYS B 47 28.25 15.32 8.41
C LYS B 47 27.35 15.25 7.18
N ILE B 48 27.62 16.08 6.18
CA ILE B 48 26.77 16.11 4.99
C ILE B 48 26.90 14.79 4.23
N THR B 49 28.08 14.18 4.26
CA THR B 49 28.26 12.88 3.64
C THR B 49 27.35 11.84 4.30
N ASN B 50 27.34 11.83 5.64
CA ASN B 50 26.46 10.94 6.39
C ASN B 50 25.00 11.16 6.01
N LYS B 51 24.58 12.42 6.02
CA LYS B 51 23.21 12.75 5.63
C LYS B 51 22.87 12.18 4.26
N VAL B 52 23.72 12.45 3.27
CA VAL B 52 23.46 11.95 1.92
C VAL B 52 23.44 10.43 1.92
N ASN B 53 24.38 9.80 2.61
CA ASN B 53 24.43 8.35 2.59
C ASN B 53 23.19 7.76 3.24
N ASN B 54 22.68 8.38 4.31
CA ASN B 54 21.46 7.87 4.94
C ASN B 54 20.27 7.98 4.00
N ILE B 55 20.14 9.11 3.31
CA ILE B 55 18.99 9.31 2.46
C ILE B 55 19.03 8.34 1.28
N VAL B 56 20.21 8.15 0.69
CA VAL B 56 20.32 7.29 -0.48
C VAL B 56 20.35 5.81 -0.08
N ASP B 57 21.15 5.45 0.94
CA ASP B 57 21.41 4.04 1.21
C ASP B 57 20.30 3.35 2.00
N LYS B 58 19.49 4.06 2.78
CA LYS B 58 18.42 3.37 3.50
C LYS B 58 17.29 2.94 2.60
N MET B 59 17.29 3.36 1.34
CA MET B 59 16.24 2.96 0.42
C MET B 59 16.46 1.50 0.01
N ASN B 60 15.39 0.72 0.04
CA ASN B 60 15.44 -0.67 -0.40
C ASN B 60 15.25 -0.78 -1.91
N ARG B 61 16.07 -1.62 -2.57
CA ARG B 61 15.98 -1.87 -4.01
C ARG B 61 15.84 -3.38 -4.22
N GLU B 62 14.84 -3.95 -3.56
CA GLU B 62 14.61 -5.37 -3.54
C GLU B 62 13.37 -5.80 -4.33
N PHE B 63 12.33 -4.98 -4.40
CA PHE B 63 11.07 -5.45 -4.93
C PHE B 63 10.78 -4.85 -6.30
N GLU B 64 10.06 -5.62 -7.08
CA GLU B 64 9.87 -5.46 -8.51
C GLU B 64 8.41 -5.07 -8.74
N VAL B 65 8.12 -4.32 -9.80
CA VAL B 65 6.73 -3.93 -10.10
C VAL B 65 6.45 -4.28 -11.57
N VAL B 66 5.90 -5.48 -11.82
CA VAL B 66 5.56 -5.83 -13.19
C VAL B 66 4.14 -5.33 -13.48
N ASN B 67 3.80 -5.28 -14.76
CA ASN B 67 2.47 -4.90 -15.22
C ASN B 67 1.66 -6.18 -15.39
N HIS B 68 0.78 -6.46 -14.42
CA HIS B 68 -0.06 -7.66 -14.43
C HIS B 68 -1.19 -7.54 -15.46
N GLU B 69 -1.64 -8.71 -15.92
CA GLU B 69 -2.67 -8.83 -16.95
C GLU B 69 -3.95 -9.41 -16.36
N PHE B 70 -5.09 -8.93 -16.84
CA PHE B 70 -6.38 -9.33 -16.31
C PHE B 70 -7.34 -9.58 -17.47
N SER B 71 -8.22 -10.57 -17.29
CA SER B 71 -9.28 -10.75 -18.27
C SER B 71 -10.34 -9.66 -18.15
N GLU B 72 -11.27 -9.66 -19.11
CA GLU B 72 -12.35 -8.66 -19.06
C GLU B 72 -13.41 -8.96 -17.99
N VAL B 73 -13.33 -10.11 -17.32
CA VAL B 73 -14.21 -10.38 -16.18
C VAL B 73 -13.41 -10.40 -14.88
N GLU B 74 -12.27 -9.74 -14.89
CA GLU B 74 -11.49 -9.49 -13.70
C GLU B 74 -11.23 -7.99 -13.51
N LYS B 75 -12.26 -7.18 -13.76
CA LYS B 75 -12.14 -5.73 -13.60
C LYS B 75 -11.86 -5.33 -12.15
N ARG B 76 -12.49 -6.00 -11.19
CA ARG B 76 -12.29 -5.62 -9.79
C ARG B 76 -10.84 -5.84 -9.33
N ILE B 77 -10.26 -7.03 -9.62
CA ILE B 77 -8.89 -7.23 -9.15
C ILE B 77 -7.92 -6.36 -9.94
N ASN B 78 -8.24 -6.05 -11.19
CA ASN B 78 -7.48 -5.09 -11.97
C ASN B 78 -7.40 -3.74 -11.26
N MET B 79 -8.53 -3.23 -10.78
CA MET B 79 -8.57 -1.95 -10.08
C MET B 79 -7.86 -2.01 -8.72
N ILE B 80 -7.97 -3.14 -8.01
CA ILE B 80 -7.27 -3.31 -6.75
C ILE B 80 -5.76 -3.25 -6.97
N ASN B 81 -5.27 -4.00 -7.95
CA ASN B 81 -3.85 -3.92 -8.33
C ASN B 81 -3.43 -2.48 -8.60
N ASP B 82 -4.18 -1.76 -9.45
CA ASP B 82 -3.88 -0.35 -9.74
C ASP B 82 -3.93 0.53 -8.48
N LYS B 83 -4.83 0.22 -7.55
CA LYS B 83 -4.94 0.99 -6.31
C LYS B 83 -3.67 0.87 -5.48
N ILE B 84 -3.12 -0.35 -5.37
CA ILE B 84 -1.84 -0.50 -4.67
C ILE B 84 -0.80 0.40 -5.28
N ASP B 85 -0.62 0.30 -6.63
CA ASP B 85 0.42 1.08 -7.29
C ASP B 85 0.17 2.58 -7.11
N ASP B 86 -1.08 3.05 -7.29
CA ASP B 86 -1.42 4.47 -7.20
C ASP B 86 -1.18 5.01 -5.80
N GLN B 87 -1.70 4.31 -4.77
CA GLN B 87 -1.60 4.83 -3.41
C GLN B 87 -0.15 4.79 -2.91
N ILE B 88 0.59 3.72 -3.23
CA ILE B 88 1.99 3.65 -2.82
C ILE B 88 2.76 4.79 -3.47
N GLU B 89 2.53 5.02 -4.76
CA GLU B 89 3.20 6.10 -5.48
C GLU B 89 2.90 7.49 -4.89
N ASP B 90 1.63 7.75 -4.53
CA ASP B 90 1.32 9.01 -3.84
C ASP B 90 2.09 9.13 -2.53
N LEU B 91 2.22 8.03 -1.78
CA LEU B 91 3.00 8.14 -0.55
C LEU B 91 4.46 8.51 -0.87
N TRP B 92 5.09 7.83 -1.84
CA TRP B 92 6.50 8.14 -2.09
C TRP B 92 6.69 9.57 -2.64
N ALA B 93 5.78 10.00 -3.52
CA ALA B 93 5.90 11.30 -4.14
C ALA B 93 5.88 12.39 -3.08
N TYR B 94 4.96 12.27 -2.14
CA TYR B 94 4.79 13.29 -1.11
C TYR B 94 5.95 13.26 -0.11
N ASN B 95 6.30 12.08 0.36
CA ASN B 95 7.34 12.02 1.38
C ASN B 95 8.69 12.39 0.80
N ALA B 96 8.95 12.02 -0.46
CA ALA B 96 10.26 12.31 -1.05
C ALA B 96 10.41 13.81 -1.31
N GLU B 97 9.37 14.46 -1.84
CA GLU B 97 9.39 15.92 -1.96
C GLU B 97 9.60 16.57 -0.60
N LEU B 98 8.79 16.21 0.39
CA LEU B 98 8.84 16.91 1.67
C LEU B 98 10.17 16.65 2.39
N LEU B 99 10.70 15.42 2.27
CA LEU B 99 11.99 15.11 2.86
C LEU B 99 13.08 16.03 2.33
N VAL B 100 13.16 16.16 1.02
CA VAL B 100 14.18 16.99 0.38
C VAL B 100 14.00 18.47 0.74
N LEU B 101 12.76 18.97 0.70
CA LEU B 101 12.51 20.36 1.11
C LEU B 101 12.95 20.61 2.55
N LEU B 102 12.50 19.77 3.48
CA LEU B 102 12.91 19.84 4.88
C LEU B 102 14.42 19.78 5.01
N GLU B 103 15.03 18.77 4.40
CA GLU B 103 16.46 18.59 4.62
C GLU B 103 17.27 19.68 3.95
N ASN B 104 16.81 20.19 2.79
CA ASN B 104 17.49 21.31 2.16
C ASN B 104 17.48 22.52 3.07
N GLN B 105 16.33 22.82 3.70
CA GLN B 105 16.31 23.94 4.64
C GLN B 105 17.27 23.70 5.81
N LYS B 106 17.31 22.48 6.32
CA LYS B 106 18.20 22.19 7.45
C LYS B 106 19.68 22.27 7.04
N THR B 107 20.02 21.85 5.82
CA THR B 107 21.42 21.88 5.41
C THR B 107 21.94 23.31 5.36
N LEU B 108 21.16 24.23 4.77
CA LEU B 108 21.64 25.61 4.67
C LEU B 108 21.72 26.24 6.05
N ASP B 109 20.80 25.89 6.96
CA ASP B 109 20.92 26.38 8.33
C ASP B 109 22.12 25.75 9.04
N GLU B 110 22.42 24.50 8.75
CA GLU B 110 23.59 23.88 9.37
C GLU B 110 24.89 24.58 8.96
N HIS B 111 24.99 25.00 7.69
CA HIS B 111 26.18 25.74 7.25
C HIS B 111 26.32 27.08 7.98
N ASP B 112 25.24 27.85 8.05
CA ASP B 112 25.29 29.12 8.78
C ASP B 112 25.73 28.90 10.22
N SER B 113 25.23 27.85 10.85
CA SER B 113 25.53 27.58 12.24
C SER B 113 26.97 27.11 12.44
N ASN B 114 27.52 26.37 11.48
CA ASN B 114 28.95 25.99 11.53
C ASN B 114 29.85 27.23 11.46
N VAL B 115 29.47 28.21 10.66
CA VAL B 115 30.25 29.44 10.54
C VAL B 115 30.22 30.19 11.86
N LYS B 116 29.03 30.35 12.45
CA LYS B 116 28.91 31.02 13.74
C LYS B 116 29.59 30.22 14.86
N ASN B 117 29.62 28.91 14.77
CA ASN B 117 30.39 28.16 15.78
C ASN B 117 31.88 28.47 15.68
N LEU B 118 32.39 28.64 14.46
CA LEU B 118 33.81 28.93 14.29
C LEU B 118 34.14 30.33 14.79
N PHE B 119 33.27 31.29 14.49
CA PHE B 119 33.41 32.64 15.01
C PHE B 119 33.47 32.63 16.53
N ASP B 120 32.48 32.00 17.17
CA ASP B 120 32.43 31.95 18.63
C ASP B 120 33.62 31.18 19.22
N GLU B 121 34.19 30.23 18.49
CA GLU B 121 35.37 29.54 19.01
C GLU B 121 36.59 30.48 19.03
N VAL B 122 36.60 31.48 18.16
CA VAL B 122 37.70 32.42 18.13
C VAL B 122 37.47 33.57 19.10
N LYS B 123 36.22 34.00 19.31
CA LYS B 123 35.98 35.01 20.33
C LYS B 123 36.36 34.52 21.71
N ARG B 124 36.19 33.22 21.99
CA ARG B 124 36.56 32.70 23.30
C ARG B 124 38.07 32.63 23.48
N ARG B 125 38.84 32.32 22.43
CA ARG B 125 40.29 32.33 22.59
C ARG B 125 40.83 33.76 22.73
N LEU B 126 40.23 34.72 22.02
CA LEU B 126 40.74 36.09 22.04
C LEU B 126 40.36 36.81 23.32
N SER B 127 39.12 36.65 23.79
CA SER B 127 38.69 37.17 25.09
C SER B 127 38.77 38.69 25.05
N ALA B 128 39.46 39.34 26.00
CA ALA B 128 39.53 40.78 26.10
C ALA B 128 40.55 41.38 25.15
N ASN B 129 41.33 40.56 24.46
CA ASN B 129 42.36 41.02 23.54
C ASN B 129 41.81 41.54 22.21
N ALA B 130 40.50 41.48 21.99
CA ALA B 130 39.95 41.96 20.72
C ALA B 130 38.54 42.51 20.94
N ILE B 131 38.18 43.48 20.10
CA ILE B 131 36.81 43.99 20.07
C ILE B 131 36.05 43.20 19.01
N ASP B 132 35.01 42.48 19.45
CA ASP B 132 34.16 41.62 18.64
C ASP B 132 33.37 42.41 17.59
N ALA B 133 33.62 43.71 17.51
CA ALA B 133 32.71 44.58 16.77
C ALA B 133 32.85 44.37 15.27
N GLY B 134 31.73 44.57 14.58
CA GLY B 134 31.68 44.54 13.15
C GLY B 134 30.85 43.42 12.53
N ASN B 135 31.52 42.62 11.71
CA ASN B 135 30.90 41.99 10.56
C ASN B 135 31.45 40.58 10.38
N GLY B 136 31.52 39.83 11.46
CA GLY B 136 32.16 38.54 11.42
C GLY B 136 33.65 38.65 11.58
N CYS B 137 34.11 39.70 12.24
CA CYS B 137 35.49 40.13 12.23
C CYS B 137 35.89 40.67 13.59
N PHE B 138 37.09 40.27 14.05
CA PHE B 138 37.68 40.81 15.25
C PHE B 138 38.74 41.86 14.93
N ASP B 139 38.73 42.95 15.68
CA ASP B 139 39.79 43.95 15.66
C ASP B 139 40.73 43.68 16.83
N ILE B 140 41.95 43.23 16.54
CA ILE B 140 42.89 42.81 17.56
C ILE B 140 43.66 44.02 18.10
N LEU B 141 43.77 44.12 19.42
CA LEU B 141 44.28 45.29 20.07
C LEU B 141 45.79 45.27 20.29
N HIS B 142 46.51 44.35 19.64
CA HIS B 142 47.95 44.25 19.87
C HIS B 142 48.70 43.89 18.61
N LYS B 143 50.02 43.86 18.79
CA LYS B 143 51.02 43.24 17.92
C LYS B 143 50.60 41.86 17.52
N CYS B 144 50.01 41.59 16.37
CA CYS B 144 49.86 40.14 16.20
C CYS B 144 50.26 39.89 14.76
N ASP B 145 51.49 39.43 14.60
CA ASP B 145 52.15 39.11 13.33
C ASP B 145 51.68 37.77 12.79
N ASN B 146 52.25 37.34 11.67
CA ASN B 146 51.83 36.10 11.03
C ASN B 146 52.02 34.86 11.92
N GLU B 147 52.76 34.95 13.03
CA GLU B 147 52.86 33.74 13.83
C GLU B 147 51.90 33.73 15.00
N CYS B 148 51.59 34.90 15.53
CA CYS B 148 50.42 35.08 16.35
C CYS B 148 49.11 34.74 15.62
N MET B 149 48.96 35.18 14.37
CA MET B 149 47.77 34.80 13.58
C MET B 149 47.62 33.27 13.51
N GLU B 150 48.68 32.58 13.06
CA GLU B 150 48.63 31.15 12.86
C GLU B 150 48.35 30.39 14.15
N THR B 151 48.53 31.03 15.31
CA THR B 151 48.13 30.44 16.58
C THR B 151 46.66 30.70 16.93
N ILE B 152 46.10 31.82 16.46
CA ILE B 152 44.66 32.02 16.63
C ILE B 152 43.88 30.97 15.83
N LYS B 153 44.48 30.47 14.75
CA LYS B 153 43.80 29.55 13.85
C LYS B 153 43.94 28.09 14.28
N ASN B 154 45.13 27.67 14.72
CA ASN B 154 45.32 26.30 15.15
C ASN B 154 45.00 26.10 16.63
N GLY B 155 44.56 27.16 17.33
CA GLY B 155 44.05 27.04 18.68
C GLY B 155 45.08 27.23 19.79
N THR B 156 46.38 27.10 19.46
CA THR B 156 47.50 27.20 20.40
C THR B 156 47.86 28.67 20.67
N TYR B 157 46.93 29.40 21.29
CA TYR B 157 47.07 30.84 21.50
C TYR B 157 46.59 31.18 22.91
N ASP B 158 47.46 31.80 23.73
CA ASP B 158 47.12 32.17 25.10
C ASP B 158 46.85 33.67 25.25
N HIS B 159 46.72 34.12 26.50
CA HIS B 159 46.58 35.53 26.80
C HIS B 159 47.87 36.10 27.40
N LYS B 160 48.98 35.72 26.76
CA LYS B 160 50.25 36.44 26.84
C LYS B 160 50.04 37.94 26.87
N GLU B 161 49.35 38.44 25.86
CA GLU B 161 49.26 39.84 25.45
C GLU B 161 48.37 40.69 26.37
N TYR B 162 47.92 40.13 27.50
CA TYR B 162 46.88 40.72 28.34
C TYR B 162 46.97 42.22 28.56
N GLU B 163 48.16 42.78 28.79
CA GLU B 163 48.19 44.19 29.11
C GLU B 163 48.72 45.07 28.00
N GLU B 164 49.33 44.51 26.95
CA GLU B 164 49.62 45.33 25.77
C GLU B 164 48.34 45.90 25.17
N GLU B 165 47.25 45.13 25.22
CA GLU B 165 45.95 45.59 24.77
C GLU B 165 45.27 46.46 25.80
N ALA B 166 45.39 46.09 27.09
CA ALA B 166 44.81 46.91 28.15
C ALA B 166 45.20 48.37 27.97
N LYS B 167 46.43 48.63 27.54
CA LYS B 167 46.85 49.98 27.22
C LYS B 167 46.16 50.49 25.95
N LEU B 168 46.18 49.69 24.89
CA LEU B 168 45.53 50.04 23.63
C LEU B 168 44.01 50.22 23.77
N GLU B 169 43.39 49.62 24.79
CA GLU B 169 41.92 49.70 24.89
C GLU B 169 41.46 50.98 25.58
N ARG B 170 42.27 51.57 26.47
CA ARG B 170 41.89 52.82 27.07
C ARG B 170 42.08 54.00 26.11
N SER B 171 42.99 53.89 25.15
CA SER B 171 43.03 54.85 24.03
C SER B 171 41.86 54.63 23.07
N ASP C 5 17.63 57.25 26.46
CA ASP C 5 17.25 56.90 25.09
C ASP C 5 17.44 55.41 24.82
N ARG C 6 16.46 54.80 24.16
CA ARG C 6 16.32 53.35 24.22
C ARG C 6 15.56 52.86 22.99
N ILE C 7 16.02 51.75 22.41
CA ILE C 7 15.35 51.09 21.29
C ILE C 7 15.25 49.59 21.59
N CYS C 8 14.04 49.04 21.44
CA CYS C 8 13.67 47.68 21.81
C CYS C 8 13.18 46.91 20.60
N ILE C 9 13.52 45.62 20.53
CA ILE C 9 13.04 44.74 19.45
C ILE C 9 11.97 43.85 20.04
N GLY C 10 10.86 43.67 19.32
CA GLY C 10 9.79 42.84 19.86
C GLY C 10 8.98 42.15 18.79
N TYR C 11 8.03 41.35 19.25
CA TYR C 11 7.13 40.59 18.40
C TYR C 11 5.69 40.79 18.86
N GLN C 12 4.76 40.44 17.98
CA GLN C 12 3.34 40.69 18.20
C GLN C 12 2.65 39.57 19.00
N SER C 13 1.77 39.99 19.90
CA SER C 13 0.74 39.15 20.50
C SER C 13 -0.64 39.69 20.13
N ASN C 14 -1.65 38.82 20.17
CA ASN C 14 -3.00 39.22 19.77
C ASN C 14 -3.98 38.48 20.65
N ASN C 15 -5.27 38.61 20.35
CA ASN C 15 -6.31 37.96 21.12
C ASN C 15 -6.69 36.56 20.63
N SER C 16 -5.99 36.00 19.64
CA SER C 16 -6.30 34.62 19.23
C SER C 16 -6.40 33.69 20.44
N THR C 17 -7.37 32.78 20.39
CA THR C 17 -7.45 31.67 21.32
C THR C 17 -6.98 30.35 20.71
N ASP C 18 -6.57 30.35 19.44
CA ASP C 18 -5.97 29.18 18.79
C ASP C 18 -4.82 28.57 19.59
N THR C 19 -4.78 27.26 19.61
CA THR C 19 -3.63 26.51 20.10
C THR C 19 -3.22 25.50 19.02
N VAL C 20 -1.97 25.03 19.10
CA VAL C 20 -1.51 23.88 18.32
C VAL C 20 -0.76 22.93 19.23
N ASN C 21 -0.58 21.71 18.74
CA ASN C 21 0.38 20.76 19.29
C ASN C 21 1.66 20.76 18.48
N THR C 22 2.78 20.61 19.17
CA THR C 22 4.06 20.40 18.52
C THR C 22 4.63 19.07 19.04
N LEU C 23 5.72 18.64 18.42
CA LEU C 23 6.33 17.37 18.84
C LEU C 23 6.69 17.37 20.32
N ILE C 24 7.00 18.53 20.90
CA ILE C 24 7.49 18.60 22.28
C ILE C 24 6.51 19.24 23.26
N GLU C 25 5.41 19.85 22.79
CA GLU C 25 4.51 20.57 23.69
C GLU C 25 3.06 20.38 23.27
N GLN C 26 2.17 20.23 24.25
CA GLN C 26 0.73 20.19 23.99
C GLN C 26 0.11 21.58 24.15
N ASN C 27 -0.84 21.93 23.26
CA ASN C 27 -1.72 23.12 23.38
C ASN C 27 -0.97 24.44 23.60
N VAL C 28 -0.12 24.79 22.64
CA VAL C 28 0.62 26.04 22.67
C VAL C 28 -0.24 27.12 22.02
N PRO C 29 -0.53 28.23 22.72
CA PRO C 29 -1.29 29.32 22.07
C PRO C 29 -0.44 29.97 20.98
N VAL C 30 -1.08 30.27 19.83
CA VAL C 30 -0.36 30.87 18.70
C VAL C 30 -1.24 31.93 18.05
N THR C 31 -0.61 32.91 17.37
CA THR C 31 -1.37 34.07 16.91
C THR C 31 -2.23 33.76 15.70
N GLN C 32 -1.89 32.72 14.93
CA GLN C 32 -2.82 32.25 13.90
C GLN C 32 -2.43 30.86 13.45
N THR C 33 -3.44 30.08 13.08
CA THR C 33 -3.29 28.70 12.64
C THR C 33 -4.09 28.48 11.38
N MET C 34 -3.89 27.31 10.77
CA MET C 34 -4.76 26.87 9.70
C MET C 34 -4.98 25.36 9.83
N GLU C 35 -6.19 24.96 9.43
CA GLU C 35 -6.66 23.59 9.58
C GLU C 35 -6.34 22.80 8.32
N LEU C 36 -5.79 21.60 8.49
CA LEU C 36 -5.42 20.77 7.34
C LEU C 36 -6.39 19.63 7.07
N VAL C 37 -7.30 19.32 8.01
CA VAL C 37 -8.26 18.25 7.81
C VAL C 37 -9.60 18.88 7.49
N GLU C 38 -10.13 18.56 6.32
CA GLU C 38 -11.45 19.03 5.93
C GLU C 38 -12.49 18.21 6.66
N THR C 39 -13.24 18.86 7.55
CA THR C 39 -14.18 18.17 8.42
C THR C 39 -15.63 18.55 8.16
N GLU C 40 -15.89 19.53 7.32
CA GLU C 40 -17.24 19.89 6.95
C GLU C 40 -17.64 19.24 5.63
N LYS C 41 -18.87 18.71 5.58
CA LYS C 41 -19.37 18.06 4.40
C LYS C 41 -20.84 18.45 4.16
N HIS C 42 -21.21 18.54 2.87
CA HIS C 42 -22.62 18.66 2.48
C HIS C 42 -23.22 17.27 2.38
N PRO C 43 -24.14 16.87 3.29
CA PRO C 43 -24.62 15.46 3.42
C PRO C 43 -25.60 15.05 2.33
N ALA C 44 -25.10 14.99 1.11
CA ALA C 44 -25.94 14.72 -0.05
C ALA C 44 -25.02 14.16 -1.13
N TYR C 45 -25.63 13.45 -2.09
CA TYR C 45 -24.94 12.92 -3.26
C TYR C 45 -25.15 13.88 -4.45
N CYS C 46 -24.07 14.53 -4.87
CA CYS C 46 -24.13 15.57 -5.89
C CYS C 46 -23.65 15.07 -7.25
N ASN C 47 -23.77 15.94 -8.25
CA ASN C 47 -23.06 15.72 -9.50
C ASN C 47 -21.57 15.89 -9.31
N THR C 48 -20.80 15.18 -10.13
CA THR C 48 -19.35 15.28 -10.24
C THR C 48 -19.00 15.67 -11.68
N ASP C 49 -17.71 15.67 -12.00
CA ASP C 49 -17.24 15.97 -13.36
C ASP C 49 -17.89 15.09 -14.41
N LEU C 50 -18.21 13.84 -14.07
CA LEU C 50 -18.82 12.90 -14.98
C LEU C 50 -20.35 13.00 -14.99
N GLY C 51 -20.95 13.86 -14.16
CA GLY C 51 -22.39 14.07 -14.25
C GLY C 51 -23.16 13.61 -13.02
N ALA C 52 -24.43 13.14 -13.25
CA ALA C 52 -25.35 12.96 -12.13
C ALA C 52 -25.39 11.51 -11.68
N PRO C 53 -25.66 11.29 -10.41
CA PRO C 53 -25.85 9.92 -9.95
C PRO C 53 -27.15 9.32 -10.48
N LEU C 54 -27.16 8.00 -10.54
CA LEU C 54 -28.38 7.23 -10.74
C LEU C 54 -28.80 6.69 -9.37
N GLU C 55 -30.01 7.05 -8.92
CA GLU C 55 -30.52 6.54 -7.65
C GLU C 55 -31.43 5.34 -7.90
N LEU C 56 -31.19 4.28 -7.13
CA LEU C 56 -31.99 3.07 -7.18
C LEU C 56 -32.64 2.86 -5.80
N ARG C 57 -33.90 3.29 -5.66
CA ARG C 57 -34.63 3.15 -4.40
C ARG C 57 -35.31 1.78 -4.28
N ASP C 58 -35.93 1.30 -5.35
CA ASP C 58 -36.75 0.10 -5.26
C ASP C 58 -36.18 -1.11 -6.00
N CYS C 59 -35.12 -0.92 -6.81
CA CYS C 59 -34.57 -1.98 -7.64
C CYS C 59 -33.07 -2.11 -7.42
N LYS C 60 -32.61 -3.35 -7.34
CA LYS C 60 -31.18 -3.56 -7.38
C LYS C 60 -30.68 -3.41 -8.80
N ILE C 61 -29.36 -3.16 -8.93
CA ILE C 61 -28.75 -2.97 -10.26
C ILE C 61 -29.09 -4.13 -11.19
N GLU C 62 -28.95 -5.41 -10.73
CA GLU C 62 -29.31 -6.56 -11.59
C GLU C 62 -30.73 -6.45 -12.11
N ALA C 63 -31.66 -6.01 -11.26
CA ALA C 63 -33.05 -5.94 -11.66
C ALA C 63 -33.26 -4.93 -12.80
N VAL C 64 -32.65 -3.74 -12.71
CA VAL C 64 -32.84 -2.79 -13.81
C VAL C 64 -32.13 -3.30 -15.08
N ILE C 65 -30.96 -3.95 -14.92
CA ILE C 65 -30.26 -4.48 -16.10
C ILE C 65 -31.10 -5.56 -16.80
N TYR C 66 -31.57 -6.58 -16.05
CA TYR C 66 -32.36 -7.62 -16.70
C TYR C 66 -33.75 -7.12 -17.04
N GLY C 67 -34.20 -6.07 -16.38
CA GLY C 67 -35.44 -5.41 -16.71
C GLY C 67 -36.62 -6.05 -16.02
N ASN C 68 -36.45 -6.28 -14.73
CA ASN C 68 -37.54 -6.68 -13.87
C ASN C 68 -38.72 -5.76 -14.16
N PRO C 69 -39.91 -6.30 -14.48
CA PRO C 69 -40.98 -5.44 -14.99
C PRO C 69 -41.57 -4.52 -13.95
N LYS C 70 -41.26 -4.71 -12.67
CA LYS C 70 -41.59 -3.75 -11.63
C LYS C 70 -40.64 -2.53 -11.59
N CYS C 71 -39.60 -2.49 -12.41
CA CYS C 71 -38.56 -1.46 -12.31
C CYS C 71 -38.81 -0.43 -13.40
N ASP C 72 -39.47 0.66 -13.01
CA ASP C 72 -39.81 1.71 -13.96
C ASP C 72 -38.59 2.53 -14.34
N ILE C 73 -37.52 2.40 -13.57
CA ILE C 73 -36.35 3.28 -13.59
C ILE C 73 -36.01 3.84 -14.99
N HIS C 74 -35.82 5.17 -14.99
CA HIS C 74 -35.36 5.97 -16.12
C HIS C 74 -33.86 5.75 -16.28
N LEU C 75 -33.44 5.03 -17.31
CA LEU C 75 -32.02 5.13 -17.63
C LEU C 75 -31.86 6.21 -18.69
N LYS C 76 -31.13 7.28 -18.35
CA LYS C 76 -31.05 8.41 -19.25
C LYS C 76 -29.91 8.24 -20.24
N ASP C 77 -30.06 8.86 -21.41
CA ASP C 77 -29.10 8.71 -22.49
C ASP C 77 -27.81 9.47 -22.18
N GLN C 78 -27.90 10.52 -21.37
CA GLN C 78 -26.70 11.16 -20.83
C GLN C 78 -25.84 10.18 -20.06
N GLY C 79 -26.45 9.14 -19.49
CA GLY C 79 -25.72 8.24 -18.63
C GLY C 79 -25.72 8.75 -17.20
N TRP C 80 -24.70 8.37 -16.43
CA TRP C 80 -24.67 8.59 -14.99
C TRP C 80 -23.23 8.45 -14.53
N SER C 81 -22.86 9.17 -13.47
CA SER C 81 -21.47 9.12 -13.03
C SER C 81 -21.25 8.04 -11.99
N TYR C 82 -22.30 7.70 -11.25
CA TYR C 82 -22.22 6.66 -10.24
C TYR C 82 -23.64 6.23 -9.85
N ILE C 83 -23.72 5.09 -9.15
CA ILE C 83 -25.00 4.55 -8.75
C ILE C 83 -25.11 4.59 -7.25
N VAL C 84 -26.18 5.19 -6.75
CA VAL C 84 -26.56 5.12 -5.35
C VAL C 84 -27.65 4.05 -5.26
N GLU C 85 -27.31 2.91 -4.68
CA GLU C 85 -28.24 1.81 -4.52
C GLU C 85 -28.64 1.72 -3.05
N ARG C 86 -29.90 2.01 -2.78
CA ARG C 86 -30.47 1.87 -1.44
C ARG C 86 -30.46 0.41 -0.98
N PRO C 87 -29.82 0.08 0.15
CA PRO C 87 -29.80 -1.33 0.60
C PRO C 87 -31.18 -1.94 0.80
N SER C 88 -32.20 -1.14 1.04
CA SER C 88 -33.54 -1.66 1.29
C SER C 88 -34.32 -1.94 0.01
N ALA C 89 -33.77 -1.63 -1.17
CA ALA C 89 -34.45 -1.87 -2.43
C ALA C 89 -34.91 -3.33 -2.48
N PRO C 90 -36.23 -3.58 -2.59
CA PRO C 90 -36.73 -4.96 -2.49
C PRO C 90 -36.58 -5.80 -3.75
N GLU C 91 -36.64 -5.20 -4.95
CA GLU C 91 -36.77 -5.96 -6.18
C GLU C 91 -35.41 -6.40 -6.72
N GLY C 92 -35.25 -7.71 -6.88
CA GLY C 92 -34.06 -8.24 -7.50
C GLY C 92 -34.43 -9.08 -8.69
N MET C 93 -33.85 -10.27 -8.79
CA MET C 93 -34.18 -11.18 -9.87
C MET C 93 -35.52 -11.81 -9.49
N CYS C 94 -36.60 -11.36 -10.14
CA CYS C 94 -37.95 -11.80 -9.79
C CYS C 94 -38.15 -13.30 -9.99
N TYR C 95 -37.68 -13.87 -11.08
CA TYR C 95 -37.77 -15.32 -11.18
C TYR C 95 -36.53 -15.92 -10.52
N PRO C 96 -36.68 -16.85 -9.56
CA PRO C 96 -35.54 -17.22 -8.71
C PRO C 96 -34.40 -17.84 -9.50
N GLY C 97 -33.19 -17.53 -9.05
CA GLY C 97 -31.93 -17.99 -9.65
C GLY C 97 -30.92 -16.88 -9.52
N SER C 98 -29.67 -17.19 -9.84
CA SER C 98 -28.62 -16.23 -9.57
C SER C 98 -27.82 -15.90 -10.83
N VAL C 99 -27.17 -14.74 -10.76
CA VAL C 99 -26.43 -14.18 -11.88
C VAL C 99 -24.97 -14.62 -11.76
N GLU C 100 -24.48 -15.35 -12.76
CA GLU C 100 -23.05 -15.64 -12.83
C GLU C 100 -22.23 -14.35 -12.92
N ASN C 101 -21.14 -14.25 -12.15
CA ASN C 101 -20.26 -13.08 -12.18
C ASN C 101 -21.07 -11.80 -11.93
N LEU C 102 -21.91 -11.85 -10.88
CA LEU C 102 -22.81 -10.76 -10.55
C LEU C 102 -22.04 -9.48 -10.20
N GLU C 103 -21.00 -9.59 -9.38
CA GLU C 103 -20.26 -8.40 -8.98
C GLU C 103 -19.60 -7.73 -10.19
N GLU C 104 -19.10 -8.54 -11.14
CA GLU C 104 -18.50 -7.95 -12.32
C GLU C 104 -19.56 -7.26 -13.20
N LEU C 105 -20.79 -7.77 -13.22
CA LEU C 105 -21.85 -7.14 -14.01
C LEU C 105 -22.23 -5.80 -13.42
N ARG C 106 -22.50 -5.77 -12.11
CA ARG C 106 -22.80 -4.53 -11.43
C ARG C 106 -21.69 -3.52 -11.70
N PHE C 107 -20.43 -3.97 -11.63
CA PHE C 107 -19.29 -3.11 -11.89
C PHE C 107 -19.38 -2.46 -13.27
N VAL C 108 -19.65 -3.24 -14.34
CA VAL C 108 -19.64 -2.60 -15.66
C VAL C 108 -20.79 -1.57 -15.82
N PHE C 109 -21.86 -1.67 -15.04
CA PHE C 109 -22.98 -0.74 -15.16
C PHE C 109 -22.86 0.48 -14.26
N SER C 110 -21.77 0.61 -13.50
CA SER C 110 -21.75 1.60 -12.42
C SER C 110 -21.52 3.02 -12.93
N SER C 111 -20.89 3.20 -14.11
CA SER C 111 -20.81 4.51 -14.76
C SER C 111 -21.07 4.37 -16.25
N ALA C 112 -21.58 5.44 -16.85
CA ALA C 112 -21.75 5.46 -18.30
C ALA C 112 -21.73 6.91 -18.78
N ALA C 113 -20.80 7.23 -19.68
CA ALA C 113 -20.77 8.56 -20.28
C ALA C 113 -21.96 8.78 -21.20
N SER C 114 -22.52 7.71 -21.76
CA SER C 114 -23.83 7.74 -22.40
C SER C 114 -24.34 6.30 -22.51
N TYR C 115 -25.63 6.18 -22.84
CA TYR C 115 -26.34 4.93 -22.74
C TYR C 115 -27.30 4.75 -23.91
N LYS C 116 -27.34 3.54 -24.47
CA LYS C 116 -28.26 3.21 -25.54
C LYS C 116 -28.70 1.76 -25.39
N ARG C 117 -30.01 1.54 -25.41
CA ARG C 117 -30.60 0.20 -25.44
C ARG C 117 -30.76 -0.26 -26.87
N ILE C 118 -30.25 -1.46 -27.18
CA ILE C 118 -30.20 -1.97 -28.54
C ILE C 118 -31.01 -3.26 -28.65
N ARG C 119 -31.88 -3.34 -29.66
CA ARG C 119 -32.54 -4.61 -29.97
C ARG C 119 -31.57 -5.57 -30.64
N LEU C 120 -31.43 -6.76 -30.08
CA LEU C 120 -30.54 -7.76 -30.68
C LEU C 120 -31.29 -8.75 -31.53
N PHE C 121 -32.52 -9.13 -31.13
CA PHE C 121 -33.30 -10.11 -31.87
C PHE C 121 -34.77 -9.77 -31.82
N ASP C 122 -35.48 -10.14 -32.88
CA ASP C 122 -36.94 -10.11 -32.94
C ASP C 122 -37.44 -11.56 -33.02
N TYR C 123 -38.15 -12.01 -31.99
CA TYR C 123 -38.56 -13.41 -31.91
C TYR C 123 -39.88 -13.70 -32.64
N SER C 124 -40.49 -12.66 -33.27
CA SER C 124 -41.47 -12.85 -34.35
C SER C 124 -41.00 -13.86 -35.37
N ARG C 125 -39.72 -13.80 -35.72
CA ARG C 125 -39.15 -14.52 -36.84
C ARG C 125 -38.86 -15.98 -36.51
N TRP C 126 -39.07 -16.37 -35.26
CA TRP C 126 -38.64 -17.65 -34.72
C TRP C 126 -39.80 -18.63 -34.67
N ASN C 127 -39.50 -19.91 -34.88
CA ASN C 127 -40.49 -20.98 -34.84
C ASN C 127 -40.70 -21.48 -33.41
N VAL C 128 -41.17 -20.56 -32.58
CA VAL C 128 -41.38 -20.79 -31.16
C VAL C 128 -42.55 -19.90 -30.77
N THR C 129 -43.11 -20.14 -29.60
CA THR C 129 -44.00 -19.15 -29.02
C THR C 129 -43.18 -18.29 -28.07
N ARG C 130 -43.35 -16.98 -28.18
CA ARG C 130 -42.46 -16.03 -27.54
C ARG C 130 -43.20 -15.33 -26.39
N SER C 131 -42.41 -14.67 -25.56
CA SER C 131 -42.89 -13.71 -24.56
C SER C 131 -43.69 -14.37 -23.43
N GLY C 132 -43.24 -15.55 -23.00
CA GLY C 132 -43.79 -16.15 -21.80
C GLY C 132 -43.73 -15.25 -20.59
N THR C 133 -44.64 -15.48 -19.63
CA THR C 133 -44.78 -14.62 -18.47
C THR C 133 -44.91 -15.51 -17.23
N SER C 134 -44.89 -14.89 -16.06
CA SER C 134 -44.83 -15.64 -14.82
C SER C 134 -45.40 -14.79 -13.68
N LYS C 135 -46.05 -15.47 -12.73
CA LYS C 135 -46.51 -14.79 -11.53
C LYS C 135 -45.35 -14.37 -10.63
N ALA C 136 -44.18 -15.00 -10.77
CA ALA C 136 -43.04 -14.53 -9.99
C ALA C 136 -42.57 -13.15 -10.46
N CYS C 137 -42.96 -12.74 -11.67
CA CYS C 137 -42.46 -11.53 -12.32
C CYS C 137 -43.63 -10.64 -12.72
N ASN C 138 -44.40 -10.20 -11.72
CA ASN C 138 -45.56 -9.35 -11.94
C ASN C 138 -45.16 -7.95 -12.39
N ALA C 139 -45.93 -7.40 -13.34
CA ALA C 139 -45.79 -6.00 -13.67
C ALA C 139 -46.23 -5.10 -12.51
N SER C 140 -45.81 -3.82 -12.58
CA SER C 140 -46.24 -2.85 -11.57
C SER C 140 -47.74 -2.58 -11.65
N THR C 141 -48.34 -2.73 -12.83
CA THR C 141 -49.79 -2.56 -12.96
C THR C 141 -50.56 -3.70 -12.29
N GLY C 142 -50.09 -4.94 -12.42
CA GLY C 142 -50.58 -6.03 -11.60
C GLY C 142 -50.50 -7.43 -12.19
N GLY C 143 -50.66 -7.52 -13.50
CA GLY C 143 -50.66 -8.81 -14.16
C GLY C 143 -49.28 -9.45 -14.20
N GLN C 144 -49.29 -10.74 -14.47
CA GLN C 144 -48.03 -11.44 -14.65
C GLN C 144 -47.29 -10.93 -15.90
N SER C 145 -45.96 -10.93 -15.81
CA SER C 145 -45.14 -10.35 -16.86
C SER C 145 -43.82 -11.10 -16.89
N PHE C 146 -42.79 -10.46 -17.46
CA PHE C 146 -41.46 -11.04 -17.47
C PHE C 146 -40.41 -9.95 -17.64
N TYR C 147 -39.14 -10.35 -17.55
CA TYR C 147 -38.02 -9.45 -17.82
C TYR C 147 -38.17 -8.81 -19.19
N ARG C 148 -37.74 -7.55 -19.30
CA ARG C 148 -37.75 -6.86 -20.58
C ARG C 148 -36.58 -7.24 -21.47
N SER C 149 -35.43 -7.63 -20.91
CA SER C 149 -34.22 -7.79 -21.70
C SER C 149 -34.03 -9.19 -22.26
N ILE C 150 -34.71 -10.18 -21.69
CA ILE C 150 -34.59 -11.56 -22.10
C ILE C 150 -36.00 -12.12 -22.28
N ASN C 151 -36.13 -13.08 -23.19
CA ASN C 151 -37.44 -13.45 -23.69
C ASN C 151 -37.64 -14.94 -23.48
N TRP C 152 -38.71 -15.28 -22.76
CA TRP C 152 -38.98 -16.68 -22.42
C TRP C 152 -39.59 -17.36 -23.65
N LEU C 153 -38.77 -18.14 -24.37
CA LEU C 153 -39.25 -18.92 -25.51
C LEU C 153 -39.75 -20.30 -25.08
N THR C 154 -40.92 -20.71 -25.60
CA THR C 154 -41.44 -22.07 -25.39
C THR C 154 -41.84 -22.68 -26.75
N LYS C 155 -42.21 -23.95 -26.75
CA LYS C 155 -42.41 -24.65 -28.03
C LYS C 155 -43.53 -24.02 -28.88
N LYS C 156 -43.30 -23.96 -30.20
CA LYS C 156 -44.36 -23.55 -31.11
C LYS C 156 -45.52 -24.53 -31.01
N LYS C 157 -46.76 -23.98 -31.05
CA LYS C 157 -47.95 -24.78 -30.84
C LYS C 157 -48.36 -25.48 -32.14
N PRO C 158 -48.83 -26.74 -32.06
CA PRO C 158 -49.19 -27.45 -30.82
C PRO C 158 -48.02 -28.14 -30.08
N ASP C 159 -47.00 -28.64 -30.78
CA ASP C 159 -45.92 -29.35 -30.09
C ASP C 159 -44.68 -29.50 -30.97
N THR C 160 -44.04 -28.39 -31.34
CA THR C 160 -42.80 -28.47 -32.10
C THR C 160 -41.78 -27.50 -31.52
N TYR C 161 -40.57 -27.99 -31.26
CA TYR C 161 -39.43 -27.14 -30.92
C TYR C 161 -38.20 -27.75 -31.58
N ASP C 162 -37.95 -27.35 -32.82
CA ASP C 162 -36.72 -27.77 -33.46
C ASP C 162 -35.60 -26.80 -33.06
N PHE C 163 -34.37 -27.15 -33.38
CA PHE C 163 -33.29 -26.19 -33.21
C PHE C 163 -33.63 -24.91 -33.96
N ASN C 164 -33.74 -23.80 -33.22
CA ASN C 164 -33.84 -22.46 -33.81
C ASN C 164 -32.50 -21.74 -33.63
N GLU C 165 -32.10 -20.97 -34.64
CA GLU C 165 -30.88 -20.20 -34.52
C GLU C 165 -31.03 -18.85 -35.20
N GLY C 166 -30.26 -17.87 -34.72
CA GLY C 166 -30.29 -16.52 -35.26
C GLY C 166 -28.98 -15.84 -34.95
N ALA C 167 -28.74 -14.72 -35.63
CA ALA C 167 -27.48 -13.99 -35.52
C ALA C 167 -27.74 -12.49 -35.40
N TYR C 168 -26.92 -11.82 -34.61
CA TYR C 168 -26.92 -10.37 -34.52
C TYR C 168 -25.48 -9.89 -34.72
N VAL C 169 -25.28 -8.91 -35.59
CA VAL C 169 -23.97 -8.30 -35.83
C VAL C 169 -23.91 -6.94 -35.15
N ASN C 170 -22.86 -6.71 -34.34
CA ASN C 170 -22.68 -5.44 -33.64
C ASN C 170 -22.14 -4.41 -34.61
N ASN C 171 -23.01 -3.54 -35.10
CA ASN C 171 -22.64 -2.44 -35.98
C ASN C 171 -22.72 -1.11 -35.26
N GLU C 172 -22.68 -1.13 -33.94
CA GLU C 172 -22.89 0.03 -33.11
C GLU C 172 -21.53 0.60 -32.77
N ASP C 173 -21.52 1.73 -32.07
CA ASP C 173 -20.33 2.50 -31.78
C ASP C 173 -19.58 2.01 -30.54
N GLY C 174 -19.63 0.72 -30.23
CA GLY C 174 -18.86 0.22 -29.09
C GLY C 174 -19.29 -1.18 -28.67
N ASP C 175 -18.89 -1.55 -27.47
CA ASP C 175 -19.17 -2.86 -26.92
C ASP C 175 -20.59 -2.93 -26.37
N ILE C 176 -21.26 -4.05 -26.62
CA ILE C 176 -22.63 -4.26 -26.16
C ILE C 176 -22.65 -5.35 -25.08
N ILE C 177 -23.29 -5.04 -23.96
CA ILE C 177 -23.58 -6.02 -22.92
C ILE C 177 -24.90 -6.71 -23.27
N PHE C 178 -24.86 -8.04 -23.36
CA PHE C 178 -26.07 -8.83 -23.57
C PHE C 178 -26.24 -9.84 -22.44
N LEU C 179 -27.47 -10.33 -22.32
CA LEU C 179 -27.93 -11.11 -21.16
C LEU C 179 -28.68 -12.33 -21.64
N TRP C 180 -28.65 -13.41 -20.87
CA TRP C 180 -29.53 -14.55 -21.15
C TRP C 180 -29.73 -15.36 -19.88
N GLY C 181 -30.52 -16.41 -20.02
CA GLY C 181 -30.88 -17.28 -18.91
C GLY C 181 -31.18 -18.67 -19.44
N ILE C 182 -31.18 -19.63 -18.53
CA ILE C 182 -31.52 -21.03 -18.80
C ILE C 182 -32.50 -21.48 -17.74
N HIS C 183 -33.66 -21.95 -18.18
CA HIS C 183 -34.72 -22.35 -17.27
C HIS C 183 -34.56 -23.81 -16.93
N HIS C 184 -34.59 -24.11 -15.63
CA HIS C 184 -34.55 -25.49 -15.14
C HIS C 184 -35.92 -25.80 -14.54
N PRO C 185 -36.79 -26.52 -15.24
CA PRO C 185 -38.11 -26.85 -14.70
C PRO C 185 -38.00 -27.84 -13.56
N PRO C 186 -39.01 -27.89 -12.68
CA PRO C 186 -38.96 -28.83 -11.54
C PRO C 186 -39.26 -30.29 -11.87
N ASP C 187 -39.84 -30.61 -13.03
CA ASP C 187 -40.11 -32.02 -13.30
C ASP C 187 -40.21 -32.25 -14.80
N THR C 188 -40.14 -33.53 -15.20
CA THR C 188 -40.11 -33.88 -16.62
C THR C 188 -41.40 -33.52 -17.34
N LYS C 189 -42.54 -33.55 -16.65
CA LYS C 189 -43.79 -33.13 -17.28
C LYS C 189 -43.73 -31.66 -17.66
N GLU C 190 -43.23 -30.79 -16.76
CA GLU C 190 -43.12 -29.37 -17.12
C GLU C 190 -42.14 -29.16 -18.26
N GLN C 191 -41.01 -29.89 -18.25
CA GLN C 191 -40.03 -29.81 -19.33
C GLN C 191 -40.68 -30.08 -20.68
N THR C 192 -41.49 -31.15 -20.76
CA THR C 192 -42.08 -31.53 -22.04
C THR C 192 -43.18 -30.56 -22.47
N THR C 193 -44.01 -30.07 -21.54
CA THR C 193 -45.07 -29.16 -21.94
C THR C 193 -44.52 -27.81 -22.38
N LEU C 194 -43.43 -27.33 -21.73
CA LEU C 194 -42.84 -26.06 -22.13
C LEU C 194 -42.00 -26.21 -23.39
N TYR C 195 -41.22 -27.28 -23.48
CA TYR C 195 -40.14 -27.35 -24.47
C TYR C 195 -40.17 -28.56 -25.39
N LYS C 196 -41.11 -29.49 -25.21
CA LYS C 196 -41.23 -30.75 -25.97
C LYS C 196 -40.06 -31.69 -25.72
N ASN C 197 -38.84 -31.30 -26.08
CA ASN C 197 -37.67 -32.16 -25.93
C ASN C 197 -37.33 -32.40 -24.46
N ALA C 198 -37.01 -33.65 -24.14
CA ALA C 198 -36.74 -34.02 -22.76
C ALA C 198 -35.39 -33.51 -22.32
N ASN C 199 -34.46 -33.33 -23.26
CA ASN C 199 -33.21 -32.67 -22.99
C ASN C 199 -32.89 -31.80 -24.20
N THR C 200 -32.25 -30.66 -23.93
CA THR C 200 -32.06 -29.61 -24.91
C THR C 200 -30.61 -29.14 -24.87
N LEU C 201 -30.19 -28.46 -25.94
CA LEU C 201 -28.89 -27.83 -26.02
C LEU C 201 -29.10 -26.37 -26.40
N SER C 202 -28.59 -25.44 -25.57
CA SER C 202 -28.65 -24.02 -25.89
C SER C 202 -27.22 -23.50 -25.95
N SER C 203 -26.87 -22.91 -27.08
CA SER C 203 -25.53 -22.41 -27.31
C SER C 203 -25.59 -20.91 -27.51
N VAL C 204 -24.71 -20.19 -26.81
CA VAL C 204 -24.54 -18.75 -26.94
C VAL C 204 -23.07 -18.54 -27.33
N THR C 205 -22.85 -18.06 -28.55
CA THR C 205 -21.49 -17.97 -29.10
C THR C 205 -21.24 -16.62 -29.79
N THR C 206 -20.00 -16.20 -29.73
CA THR C 206 -19.58 -15.02 -30.47
C THR C 206 -18.28 -15.37 -31.16
N ASN C 207 -17.60 -14.37 -31.70
CA ASN C 207 -16.28 -14.58 -32.27
C ASN C 207 -15.34 -15.23 -31.27
N THR C 208 -15.51 -14.94 -29.97
CA THR C 208 -14.62 -15.40 -28.91
C THR C 208 -15.32 -16.23 -27.82
N ILE C 209 -16.62 -16.14 -27.68
CA ILE C 209 -17.36 -16.82 -26.62
C ILE C 209 -17.93 -18.09 -27.19
N ASN C 210 -17.85 -19.17 -26.40
CA ASN C 210 -18.29 -20.50 -26.83
C ASN C 210 -18.92 -21.24 -25.65
N ARG C 211 -20.21 -21.03 -25.45
CA ARG C 211 -20.88 -21.54 -24.25
C ARG C 211 -22.14 -22.30 -24.62
N SER C 212 -22.37 -23.40 -23.91
CA SER C 212 -23.49 -24.29 -24.16
C SER C 212 -24.07 -24.69 -22.82
N PHE C 213 -25.36 -25.00 -22.81
CA PHE C 213 -26.07 -25.31 -21.58
C PHE C 213 -27.14 -26.37 -21.83
N GLN C 214 -27.34 -27.23 -20.84
CA GLN C 214 -28.38 -28.25 -20.84
C GLN C 214 -29.15 -28.15 -19.53
N PRO C 215 -30.47 -28.34 -19.55
CA PRO C 215 -31.25 -28.22 -18.32
C PRO C 215 -31.09 -29.41 -17.39
N ASN C 216 -31.18 -29.13 -16.10
CA ASN C 216 -31.11 -30.14 -15.03
C ASN C 216 -32.45 -30.12 -14.33
N ILE C 217 -33.30 -31.08 -14.66
CA ILE C 217 -34.67 -31.10 -14.18
C ILE C 217 -34.72 -31.59 -12.74
N GLY C 218 -35.61 -31.00 -11.94
CA GLY C 218 -35.73 -31.37 -10.54
C GLY C 218 -36.29 -30.25 -9.69
N PRO C 219 -36.95 -30.59 -8.58
CA PRO C 219 -37.51 -29.54 -7.70
C PRO C 219 -36.46 -28.90 -6.80
N ARG C 220 -36.42 -27.56 -6.80
CA ARG C 220 -35.66 -26.78 -5.83
C ARG C 220 -36.60 -26.17 -4.77
N PRO C 221 -36.09 -25.74 -3.64
CA PRO C 221 -36.96 -25.14 -2.61
C PRO C 221 -37.85 -24.04 -3.18
N LEU C 222 -39.06 -23.93 -2.63
CA LEU C 222 -40.00 -22.90 -3.09
C LEU C 222 -39.42 -21.53 -2.85
N VAL C 223 -39.37 -20.72 -3.90
CA VAL C 223 -39.03 -19.31 -3.80
C VAL C 223 -39.99 -18.55 -4.69
N ARG C 224 -40.66 -17.56 -4.11
CA ARG C 224 -41.63 -16.70 -4.80
C ARG C 224 -42.59 -17.53 -5.66
N GLY C 225 -43.10 -18.61 -5.08
CA GLY C 225 -44.06 -19.48 -5.73
C GLY C 225 -43.46 -20.56 -6.63
N GLN C 226 -42.14 -20.62 -6.74
CA GLN C 226 -41.49 -21.37 -7.81
C GLN C 226 -40.59 -22.47 -7.25
N GLN C 227 -40.71 -23.65 -7.83
CA GLN C 227 -39.75 -24.73 -7.58
C GLN C 227 -38.81 -24.97 -8.74
N GLY C 228 -39.04 -24.31 -9.90
CA GLY C 228 -38.04 -24.22 -10.95
C GLY C 228 -37.00 -23.12 -10.64
N ARG C 229 -35.97 -23.06 -11.48
CA ARG C 229 -34.92 -22.04 -11.37
C ARG C 229 -34.44 -21.58 -12.73
N MET C 230 -33.95 -20.34 -12.77
CA MET C 230 -33.18 -19.86 -13.90
C MET C 230 -31.74 -19.62 -13.48
N ASP C 231 -30.78 -20.02 -14.32
CA ASP C 231 -29.43 -19.48 -14.22
C ASP C 231 -29.30 -18.29 -15.17
N TYR C 232 -28.83 -17.17 -14.64
CA TYR C 232 -28.67 -15.95 -15.43
C TYR C 232 -27.21 -15.71 -15.79
N TYR C 233 -26.99 -15.24 -17.01
CA TYR C 233 -25.66 -15.06 -17.55
C TYR C 233 -25.58 -13.74 -18.27
N TRP C 234 -24.36 -13.35 -18.58
CA TRP C 234 -24.15 -12.15 -19.36
C TRP C 234 -22.82 -12.22 -20.11
N GLY C 235 -22.72 -11.40 -21.17
CA GLY C 235 -21.51 -11.31 -21.95
C GLY C 235 -21.27 -9.95 -22.59
N ILE C 236 -20.11 -9.80 -23.21
CA ILE C 236 -19.72 -8.59 -23.93
C ILE C 236 -19.52 -8.96 -25.39
N LEU C 237 -20.29 -8.31 -26.27
CA LEU C 237 -20.14 -8.41 -27.71
C LEU C 237 -19.38 -7.17 -28.18
N LYS C 238 -18.15 -7.36 -28.62
CA LYS C 238 -17.31 -6.24 -28.99
C LYS C 238 -17.70 -5.71 -30.37
N ARG C 239 -17.33 -4.45 -30.63
CA ARG C 239 -17.56 -3.79 -31.91
C ARG C 239 -17.22 -4.71 -33.08
N GLY C 240 -18.13 -4.83 -34.04
CA GLY C 240 -17.89 -5.67 -35.19
C GLY C 240 -18.19 -7.15 -35.01
N GLU C 241 -18.37 -7.63 -33.78
CA GLU C 241 -18.48 -9.06 -33.55
C GLU C 241 -19.91 -9.56 -33.84
N THR C 242 -20.06 -10.87 -33.97
CA THR C 242 -21.35 -11.52 -34.20
C THR C 242 -21.79 -12.35 -32.98
N LEU C 243 -23.05 -12.19 -32.58
CA LEU C 243 -23.65 -12.98 -31.52
C LEU C 243 -24.56 -14.03 -32.17
N LYS C 244 -24.21 -15.31 -32.03
CA LYS C 244 -25.09 -16.36 -32.52
C LYS C 244 -25.68 -17.15 -31.35
N ILE C 245 -26.98 -17.40 -31.43
CA ILE C 245 -27.70 -18.21 -30.44
C ILE C 245 -28.43 -19.33 -31.16
N ARG C 246 -28.51 -20.48 -30.48
CA ARG C 246 -29.14 -21.68 -31.02
C ARG C 246 -29.77 -22.43 -29.85
N THR C 247 -31.01 -22.90 -30.01
CA THR C 247 -31.67 -23.59 -28.91
C THR C 247 -32.79 -24.48 -29.45
N ASN C 248 -32.98 -25.64 -28.82
CA ASN C 248 -34.23 -26.38 -28.96
C ASN C 248 -34.99 -26.43 -27.63
N GLY C 249 -34.79 -25.46 -26.76
CA GLY C 249 -35.53 -25.32 -25.52
C GLY C 249 -34.66 -24.80 -24.37
N ASN C 250 -35.31 -24.19 -23.39
CA ASN C 250 -34.81 -23.85 -22.06
C ASN C 250 -33.99 -22.58 -22.10
N LEU C 251 -33.70 -22.03 -23.28
CA LEU C 251 -33.02 -20.76 -23.38
C LEU C 251 -34.03 -19.64 -23.14
N ILE C 252 -33.70 -18.76 -22.21
CA ILE C 252 -34.37 -17.47 -22.01
C ILE C 252 -33.52 -16.50 -22.81
N ALA C 253 -34.01 -16.12 -24.01
CA ALA C 253 -33.09 -15.65 -25.03
C ALA C 253 -32.82 -14.13 -24.95
N PRO C 254 -31.64 -13.69 -25.37
CA PRO C 254 -31.33 -12.26 -25.30
C PRO C 254 -32.18 -11.49 -26.29
N GLU C 255 -32.81 -10.42 -25.80
CA GLU C 255 -33.62 -9.57 -26.67
C GLU C 255 -33.13 -8.14 -26.73
N PHE C 256 -32.79 -7.52 -25.60
CA PHE C 256 -32.21 -6.18 -25.58
C PHE C 256 -30.85 -6.22 -24.89
N GLY C 257 -29.85 -5.66 -25.56
CA GLY C 257 -28.55 -5.39 -24.97
C GLY C 257 -28.38 -3.91 -24.65
N TYR C 258 -27.23 -3.58 -24.05
CA TYR C 258 -26.91 -2.22 -23.63
C TYR C 258 -25.57 -1.76 -24.19
N LEU C 259 -25.58 -0.61 -24.84
CA LEU C 259 -24.38 0.08 -25.31
C LEU C 259 -24.02 1.17 -24.30
N LEU C 260 -23.00 0.94 -23.48
CA LEU C 260 -22.49 1.96 -22.55
C LEU C 260 -21.16 2.51 -23.03
N LYS C 261 -21.05 3.83 -23.13
CA LYS C 261 -19.77 4.44 -23.46
C LYS C 261 -19.07 4.89 -22.19
N GLY C 262 -17.74 4.92 -22.23
CA GLY C 262 -16.92 5.22 -21.06
C GLY C 262 -16.35 3.97 -20.43
N GLU C 263 -15.32 4.16 -19.62
CA GLU C 263 -14.91 3.01 -18.82
C GLU C 263 -15.70 3.07 -17.52
N SER C 264 -15.84 1.94 -16.86
CA SER C 264 -16.44 1.92 -15.55
C SER C 264 -15.37 1.87 -14.48
N TYR C 265 -15.74 2.30 -13.27
CA TYR C 265 -14.76 2.41 -12.19
C TYR C 265 -15.28 1.87 -10.86
N GLY C 266 -16.32 1.03 -10.89
CA GLY C 266 -16.89 0.47 -9.69
C GLY C 266 -17.56 1.47 -8.77
N ARG C 267 -18.05 2.58 -9.30
CA ARG C 267 -18.70 3.62 -8.51
C ARG C 267 -20.11 3.21 -8.10
N ILE C 268 -20.19 2.37 -7.07
CA ILE C 268 -21.46 1.93 -6.47
C ILE C 268 -21.48 2.34 -5.01
N ILE C 269 -22.48 3.12 -4.63
CA ILE C 269 -22.61 3.58 -3.26
C ILE C 269 -23.80 2.86 -2.63
N GLN C 270 -23.53 2.05 -1.60
CA GLN C 270 -24.56 1.22 -0.96
C GLN C 270 -24.98 1.94 0.33
N ASN C 271 -25.92 2.89 0.19
CA ASN C 271 -26.28 3.79 1.30
C ASN C 271 -27.78 4.00 1.36
N GLU C 272 -28.32 4.02 2.59
CA GLU C 272 -29.76 4.18 2.78
C GLU C 272 -30.23 5.65 2.92
N ASP C 273 -29.61 6.46 3.80
CA ASP C 273 -30.26 7.70 4.28
C ASP C 273 -29.68 9.00 3.76
N ILE C 274 -28.58 8.97 3.00
CA ILE C 274 -28.07 10.21 2.44
C ILE C 274 -28.82 10.48 1.12
N PRO C 275 -29.44 11.63 0.94
CA PRO C 275 -30.27 11.86 -0.24
C PRO C 275 -29.48 12.35 -1.45
N ILE C 276 -30.11 12.20 -2.62
CA ILE C 276 -29.64 12.88 -3.83
C ILE C 276 -29.78 14.39 -3.63
N GLY C 277 -28.71 15.12 -3.90
CA GLY C 277 -28.71 16.56 -3.76
C GLY C 277 -28.82 17.28 -5.10
N ASN C 278 -29.03 18.59 -5.03
CA ASN C 278 -28.98 19.50 -6.17
C ASN C 278 -27.75 20.36 -5.96
N CYS C 279 -26.60 19.89 -6.43
CA CYS C 279 -25.31 20.43 -6.05
C CYS C 279 -24.27 19.84 -6.98
N ASN C 280 -23.13 20.51 -7.07
CA ASN C 280 -22.00 20.01 -7.86
C ASN C 280 -20.77 20.00 -6.96
N THR C 281 -19.87 19.05 -7.21
CA THR C 281 -18.70 18.94 -6.37
C THR C 281 -17.56 18.34 -7.16
N LYS C 282 -16.33 18.72 -6.80
CA LYS C 282 -15.16 18.04 -7.32
C LYS C 282 -14.91 16.72 -6.61
N CYS C 283 -15.34 16.61 -5.35
CA CYS C 283 -15.05 15.45 -4.52
C CYS C 283 -16.34 15.01 -3.86
N GLN C 284 -16.80 13.82 -4.22
CA GLN C 284 -17.99 13.20 -3.64
C GLN C 284 -17.56 12.02 -2.78
N THR C 285 -17.66 12.17 -1.45
CA THR C 285 -17.40 11.02 -0.62
C THR C 285 -18.70 10.23 -0.40
N TYR C 286 -18.54 9.01 0.11
CA TYR C 286 -19.70 8.19 0.41
C TYR C 286 -20.50 8.74 1.59
N ALA C 287 -19.98 9.74 2.31
CA ALA C 287 -20.71 10.36 3.41
C ALA C 287 -21.19 11.77 3.09
N GLY C 288 -20.96 12.25 1.85
CA GLY C 288 -21.36 13.58 1.46
C GLY C 288 -20.30 14.29 0.62
N ALA C 289 -20.65 15.43 0.04
CA ALA C 289 -19.71 16.18 -0.78
C ALA C 289 -18.82 17.07 0.08
N ILE C 290 -17.60 17.34 -0.38
CA ILE C 290 -16.65 18.12 0.39
C ILE C 290 -15.81 18.97 -0.55
N ASN C 291 -15.38 20.14 -0.05
CA ASN C 291 -14.32 20.92 -0.68
C ASN C 291 -13.02 20.12 -0.65
N SER C 292 -12.21 20.28 -1.67
CA SER C 292 -11.00 19.48 -1.81
C SER C 292 -9.74 20.33 -1.64
N SER C 293 -9.87 21.52 -1.07
CA SER C 293 -8.74 22.45 -0.93
C SER C 293 -7.68 21.93 0.03
N LYS C 294 -8.09 21.45 1.19
CA LYS C 294 -7.21 20.95 2.22
C LYS C 294 -6.67 19.56 1.85
N PRO C 295 -5.52 19.19 2.40
CA PRO C 295 -4.90 17.92 2.00
C PRO C 295 -5.50 16.69 2.65
N PHE C 296 -6.23 16.82 3.76
CA PHE C 296 -6.85 15.66 4.36
C PHE C 296 -8.31 15.94 4.64
N GLN C 297 -9.06 14.85 4.83
CA GLN C 297 -10.47 14.93 5.15
C GLN C 297 -10.85 13.73 6.02
N ASN C 298 -11.82 13.93 6.91
CA ASN C 298 -12.27 12.88 7.80
C ASN C 298 -13.72 12.49 7.54
N ALA C 299 -14.23 12.86 6.37
CA ALA C 299 -15.60 12.49 5.98
C ALA C 299 -15.74 10.99 5.74
N SER C 300 -14.85 10.40 4.93
CA SER C 300 -15.02 8.99 4.62
C SER C 300 -13.80 8.42 3.89
N ARG C 301 -13.51 7.16 4.19
CA ARG C 301 -12.45 6.47 3.47
C ARG C 301 -12.84 6.15 2.03
N HIS C 302 -14.13 6.20 1.68
CA HIS C 302 -14.57 5.94 0.30
C HIS C 302 -15.00 7.25 -0.35
N TYR C 303 -14.50 7.49 -1.56
CA TYR C 303 -14.81 8.75 -2.24
C TYR C 303 -14.54 8.63 -3.72
N MET C 304 -15.06 9.59 -4.48
CA MET C 304 -14.88 9.68 -5.92
C MET C 304 -14.51 11.11 -6.30
N GLY C 305 -13.71 11.27 -7.36
CA GLY C 305 -13.36 12.59 -7.87
C GLY C 305 -11.95 13.00 -7.46
N GLU C 306 -11.75 14.29 -7.19
CA GLU C 306 -10.44 14.88 -6.86
C GLU C 306 -10.51 15.21 -5.37
N CYS C 307 -9.93 14.34 -4.55
CA CYS C 307 -10.27 14.27 -3.14
C CYS C 307 -9.03 14.32 -2.26
N PRO C 308 -9.12 14.93 -1.08
CA PRO C 308 -8.03 14.80 -0.11
C PRO C 308 -8.03 13.39 0.44
N LYS C 309 -6.88 12.99 0.98
CA LYS C 309 -6.73 11.67 1.58
C LYS C 309 -7.50 11.59 2.89
N TYR C 310 -8.01 10.40 3.17
CA TYR C 310 -8.76 10.18 4.39
C TYR C 310 -7.84 10.01 5.58
N VAL C 311 -8.14 10.72 6.66
CA VAL C 311 -7.53 10.47 7.96
C VAL C 311 -8.66 10.47 8.98
N LYS C 312 -8.59 9.58 9.97
CA LYS C 312 -9.62 9.60 11.02
C LYS C 312 -9.10 10.43 12.20
N LYS C 313 -9.11 11.75 12.00
CA LYS C 313 -8.70 12.73 12.99
C LYS C 313 -9.68 13.88 12.97
N ALA C 314 -9.95 14.45 14.14
CA ALA C 314 -10.87 15.59 14.22
C ALA C 314 -10.22 16.90 13.76
N SER C 315 -8.89 16.98 13.72
CA SER C 315 -8.22 18.23 13.40
C SER C 315 -6.71 18.00 13.29
N LEU C 316 -6.07 18.82 12.44
CA LEU C 316 -4.61 18.86 12.29
C LEU C 316 -4.28 20.32 12.05
N ARG C 317 -4.12 21.07 13.14
CA ARG C 317 -3.88 22.51 13.07
C ARG C 317 -2.38 22.79 12.90
N LEU C 318 -2.05 23.49 11.82
CA LEU C 318 -0.69 23.88 11.51
C LEU C 318 -0.47 25.29 12.06
N ALA C 319 0.63 25.48 12.77
CA ALA C 319 1.00 26.82 13.21
C ALA C 319 1.37 27.69 12.02
N VAL C 320 0.86 28.92 12.01
CA VAL C 320 1.24 29.93 11.04
C VAL C 320 1.92 31.12 11.72
N GLY C 321 1.29 31.65 12.77
CA GLY C 321 1.82 32.77 13.50
C GLY C 321 2.76 32.37 14.61
N LEU C 322 2.84 33.26 15.60
CA LEU C 322 3.84 33.19 16.64
C LEU C 322 3.27 32.51 17.86
N ARG C 323 4.16 32.01 18.71
CA ARG C 323 3.75 31.64 20.07
C ARG C 323 3.12 32.86 20.75
N ASN C 324 1.86 32.75 21.14
CA ASN C 324 1.09 33.88 21.67
C ASN C 324 1.35 34.07 23.16
N THR C 325 2.38 34.85 23.50
CA THR C 325 2.81 35.07 24.89
C THR C 325 2.96 36.56 25.16
N PRO C 326 1.89 37.23 25.60
CA PRO C 326 1.98 38.67 25.85
C PRO C 326 2.75 38.96 27.12
N SER C 327 3.37 40.14 27.15
CA SER C 327 4.27 40.53 28.25
C SER C 327 3.54 40.73 29.58
N ILE D 6 10.38 50.68 29.11
CA ILE D 6 9.93 49.81 28.02
C ILE D 6 10.89 48.62 27.81
N ALA D 7 10.31 47.44 27.52
CA ALA D 7 11.05 46.19 27.37
C ALA D 7 10.87 45.61 25.97
N GLY D 8 11.87 44.82 25.55
CA GLY D 8 11.82 44.11 24.30
C GLY D 8 11.27 42.71 24.43
N PHE D 9 11.64 41.87 23.46
CA PHE D 9 11.05 40.53 23.29
C PHE D 9 11.34 39.57 24.44
N ILE D 10 12.44 39.76 25.18
CA ILE D 10 12.76 38.84 26.28
C ILE D 10 11.64 38.78 27.29
N GLU D 11 10.92 39.88 27.50
CA GLU D 11 9.88 39.91 28.52
C GLU D 11 8.48 39.69 27.96
N GLY D 12 8.34 39.25 26.72
CA GLY D 12 7.06 38.84 26.16
C GLY D 12 6.68 39.66 24.94
N GLY D 13 5.48 39.31 24.40
CA GLY D 13 4.98 39.91 23.17
C GLY D 13 4.25 41.23 23.41
N TRP D 14 4.07 42.01 22.33
CA TRP D 14 3.42 43.32 22.36
C TRP D 14 2.03 43.21 21.73
N SER D 15 1.00 43.46 22.55
CA SER D 15 -0.36 43.61 22.03
C SER D 15 -0.55 44.89 21.23
N GLY D 16 0.30 45.90 21.41
CA GLY D 16 0.17 47.14 20.65
C GLY D 16 0.42 46.96 19.16
N MET D 17 1.40 46.13 18.79
CA MET D 17 1.80 46.02 17.40
C MET D 17 0.72 45.30 16.59
N ILE D 18 0.15 46.02 15.62
CA ILE D 18 -0.97 45.52 14.83
C ILE D 18 -0.65 45.44 13.35
N ASP D 19 0.49 45.98 12.91
CA ASP D 19 0.80 46.06 11.49
C ASP D 19 1.92 45.10 11.07
N GLY D 20 2.19 44.07 11.86
CA GLY D 20 3.29 43.17 11.55
C GLY D 20 3.64 42.27 12.71
N TRP D 21 4.57 41.37 12.42
CA TRP D 21 4.93 40.33 13.37
C TRP D 21 6.10 40.73 14.27
N TYR D 22 7.06 41.45 13.72
CA TYR D 22 8.23 41.86 14.48
C TYR D 22 8.50 43.36 14.27
N GLY D 23 8.99 44.02 15.31
CA GLY D 23 9.36 45.41 15.09
C GLY D 23 10.01 46.13 16.24
N PHE D 24 9.71 47.42 16.37
CA PHE D 24 10.53 48.36 17.12
C PHE D 24 9.67 49.19 18.08
N HIS D 25 10.21 49.39 19.28
CA HIS D 25 9.63 50.29 20.27
C HIS D 25 10.76 51.15 20.85
N HIS D 26 10.74 52.45 20.54
CA HIS D 26 11.78 53.39 20.97
C HIS D 26 11.23 54.42 21.95
N SER D 27 12.11 54.96 22.80
CA SER D 27 11.73 56.03 23.72
C SER D 27 12.85 57.07 23.80
N ASN D 28 12.53 58.30 23.42
CA ASN D 28 13.44 59.43 23.62
C ASN D 28 12.70 60.58 24.28
N SER D 29 13.29 61.78 24.27
CA SER D 29 12.62 62.92 24.92
C SER D 29 11.37 63.35 24.17
N GLU D 30 11.27 63.04 22.89
CA GLU D 30 10.06 63.34 22.14
C GLU D 30 8.92 62.37 22.44
N GLY D 31 9.17 61.35 23.27
CA GLY D 31 8.18 60.29 23.49
C GLY D 31 8.57 58.96 22.90
N THR D 32 7.58 58.14 22.56
CA THR D 32 7.82 56.76 22.17
C THR D 32 7.21 56.48 20.80
N GLY D 33 7.75 55.47 20.12
CA GLY D 33 7.22 55.01 18.85
C GLY D 33 7.19 53.51 18.71
N MET D 34 6.06 52.95 18.27
CA MET D 34 5.96 51.51 17.99
C MET D 34 5.54 51.27 16.55
N ALA D 35 6.44 50.67 15.76
CA ALA D 35 6.12 50.30 14.39
C ALA D 35 6.66 48.91 14.10
N ALA D 36 5.95 48.18 13.24
CA ALA D 36 6.48 46.94 12.69
C ALA D 36 7.67 47.23 11.77
N ASP D 37 8.66 46.33 11.81
CA ASP D 37 9.67 46.26 10.76
C ASP D 37 9.09 45.49 9.57
N GLN D 38 8.80 46.20 8.49
CA GLN D 38 8.09 45.56 7.40
C GLN D 38 8.93 44.54 6.62
N LYS D 39 10.23 44.76 6.45
CA LYS D 39 11.06 43.82 5.71
C LYS D 39 11.39 42.52 6.49
N SER D 40 11.57 42.54 7.83
CA SER D 40 11.67 41.23 8.50
C SER D 40 10.30 40.50 8.59
N THR D 41 9.21 41.26 8.72
CA THR D 41 7.88 40.65 8.68
C THR D 41 7.59 40.03 7.31
N GLN D 42 7.88 40.77 6.23
CA GLN D 42 7.58 40.25 4.90
C GLN D 42 8.35 38.98 4.62
N GLU D 43 9.65 39.00 4.94
CA GLU D 43 10.46 37.80 4.84
C GLU D 43 9.75 36.62 5.50
N ALA D 44 9.38 36.78 6.78
CA ALA D 44 8.80 35.67 7.53
C ALA D 44 7.48 35.21 6.93
N ILE D 45 6.65 36.16 6.46
CA ILE D 45 5.37 35.79 5.85
C ILE D 45 5.60 35.00 4.56
N ASP D 46 6.56 35.45 3.73
CA ASP D 46 6.89 34.71 2.50
C ASP D 46 7.32 33.27 2.80
N LYS D 47 8.14 33.09 3.84
CA LYS D 47 8.63 31.75 4.16
C LYS D 47 7.50 30.85 4.65
N ILE D 48 6.66 31.36 5.56
CA ILE D 48 5.58 30.52 6.09
C ILE D 48 4.57 30.22 4.99
N THR D 49 4.35 31.17 4.10
CA THR D 49 3.47 30.93 2.95
C THR D 49 4.01 29.80 2.09
N ASN D 50 5.32 29.81 1.81
CA ASN D 50 5.95 28.71 1.06
C ASN D 50 5.76 27.37 1.77
N LYS D 51 6.03 27.35 3.08
CA LYS D 51 5.85 26.15 3.87
C LYS D 51 4.43 25.61 3.72
N VAL D 52 3.44 26.49 3.94
CA VAL D 52 2.04 26.07 3.81
C VAL D 52 1.74 25.59 2.40
N ASN D 53 2.22 26.32 1.38
CA ASN D 53 1.91 25.89 0.02
C ASN D 53 2.54 24.53 -0.28
N ASN D 54 3.76 24.26 0.21
CA ASN D 54 4.37 22.94 -0.02
C ASN D 54 3.58 21.83 0.66
N ILE D 55 3.14 22.04 1.91
CA ILE D 55 2.45 20.98 2.61
C ILE D 55 1.10 20.70 1.94
N VAL D 56 0.40 21.76 1.53
CA VAL D 56 -0.90 21.59 0.91
C VAL D 56 -0.79 21.19 -0.56
N ASP D 57 0.08 21.85 -1.34
CA ASP D 57 0.04 21.65 -2.79
C ASP D 57 0.76 20.39 -3.28
N LYS D 58 1.72 19.82 -2.54
CA LYS D 58 2.37 18.61 -3.04
C LYS D 58 1.47 17.37 -2.94
N MET D 59 0.32 17.49 -2.26
CA MET D 59 -0.57 16.35 -2.12
C MET D 59 -1.26 16.09 -3.45
N ASN D 60 -1.26 14.84 -3.89
CA ASN D 60 -1.93 14.46 -5.12
C ASN D 60 -3.43 14.22 -4.86
N ARG D 61 -4.28 14.74 -5.74
CA ARG D 61 -5.72 14.52 -5.64
C ARG D 61 -6.21 13.90 -6.96
N GLU D 62 -5.57 12.80 -7.35
CA GLU D 62 -5.85 12.13 -8.61
C GLU D 62 -6.62 10.82 -8.45
N PHE D 63 -6.44 10.08 -7.36
CA PHE D 63 -6.96 8.72 -7.28
C PHE D 63 -8.14 8.65 -6.32
N GLU D 64 -9.00 7.69 -6.63
CA GLU D 64 -10.35 7.47 -6.14
C GLU D 64 -10.33 6.20 -5.30
N VAL D 65 -11.18 6.10 -4.28
CA VAL D 65 -11.25 4.89 -3.44
C VAL D 65 -12.72 4.46 -3.38
N VAL D 66 -13.13 3.55 -4.29
CA VAL D 66 -14.52 3.11 -4.24
C VAL D 66 -14.63 1.92 -3.28
N ASN D 67 -15.86 1.57 -2.88
CA ASN D 67 -16.09 0.40 -2.03
C ASN D 67 -16.40 -0.77 -2.97
N HIS D 68 -15.41 -1.63 -3.17
CA HIS D 68 -15.57 -2.78 -4.04
C HIS D 68 -16.44 -3.85 -3.39
N GLU D 69 -17.07 -4.65 -4.24
CA GLU D 69 -17.99 -5.72 -3.83
C GLU D 69 -17.42 -7.10 -4.13
N PHE D 70 -17.70 -8.03 -3.22
CA PHE D 70 -17.16 -9.37 -3.31
C PHE D 70 -18.25 -10.39 -2.99
N SER D 71 -18.25 -11.52 -3.68
CA SER D 71 -19.15 -12.61 -3.33
C SER D 71 -18.69 -13.29 -2.03
N GLU D 72 -19.52 -14.20 -1.52
CA GLU D 72 -19.12 -14.89 -0.30
C GLU D 72 -18.05 -15.95 -0.53
N VAL D 73 -17.64 -16.20 -1.78
CA VAL D 73 -16.52 -17.12 -1.97
C VAL D 73 -15.33 -16.33 -2.51
N GLU D 74 -15.29 -15.03 -2.24
CA GLU D 74 -14.14 -14.19 -2.53
C GLU D 74 -13.71 -13.47 -1.26
N LYS D 75 -13.72 -14.21 -0.16
CA LYS D 75 -13.31 -13.64 1.11
C LYS D 75 -11.84 -13.24 1.11
N ARG D 76 -10.99 -14.01 0.45
CA ARG D 76 -9.56 -13.70 0.46
C ARG D 76 -9.27 -12.38 -0.25
N ILE D 77 -9.83 -12.18 -1.46
CA ILE D 77 -9.50 -10.92 -2.15
C ILE D 77 -10.19 -9.74 -1.45
N ASN D 78 -11.34 -9.99 -0.84
CA ASN D 78 -12.00 -9.00 0.02
C ASN D 78 -11.05 -8.49 1.09
N MET D 79 -10.35 -9.41 1.76
CA MET D 79 -9.42 -9.04 2.81
C MET D 79 -8.17 -8.33 2.25
N ILE D 80 -7.71 -8.75 1.08
CA ILE D 80 -6.57 -8.12 0.44
C ILE D 80 -6.89 -6.67 0.09
N ASN D 81 -8.06 -6.45 -0.54
CA ASN D 81 -8.54 -5.09 -0.78
C ASN D 81 -8.57 -4.28 0.52
N ASP D 82 -9.20 -4.81 1.58
CA ASP D 82 -9.24 -4.09 2.87
C ASP D 82 -7.82 -3.83 3.42
N LYS D 83 -6.89 -4.77 3.22
CA LYS D 83 -5.54 -4.57 3.73
C LYS D 83 -4.86 -3.37 3.06
N ILE D 84 -5.04 -3.22 1.74
CA ILE D 84 -4.49 -2.04 1.05
C ILE D 84 -4.96 -0.77 1.72
N ASP D 85 -6.29 -0.63 1.87
CA ASP D 85 -6.88 0.58 2.44
C ASP D 85 -6.41 0.80 3.87
N ASP D 86 -6.43 -0.26 4.71
CA ASP D 86 -6.06 -0.14 6.13
C ASP D 86 -4.60 0.26 6.28
N GLN D 87 -3.71 -0.41 5.54
CA GLN D 87 -2.28 -0.13 5.70
C GLN D 87 -1.91 1.24 5.14
N ILE D 88 -2.51 1.63 4.02
CA ILE D 88 -2.24 2.95 3.45
C ILE D 88 -2.74 4.04 4.42
N GLU D 89 -3.94 3.85 4.96
CA GLU D 89 -4.48 4.83 5.91
C GLU D 89 -3.60 4.97 7.14
N ASP D 90 -3.08 3.86 7.69
CA ASP D 90 -2.12 3.94 8.79
C ASP D 90 -0.89 4.75 8.40
N LEU D 91 -0.38 4.57 7.18
CA LEU D 91 0.79 5.36 6.81
C LEU D 91 0.43 6.84 6.77
N TRP D 92 -0.71 7.21 6.17
CA TRP D 92 -1.06 8.63 6.12
C TRP D 92 -1.36 9.21 7.51
N ALA D 93 -2.07 8.45 8.37
CA ALA D 93 -2.40 8.95 9.72
C ALA D 93 -1.15 9.29 10.50
N TYR D 94 -0.15 8.40 10.47
CA TYR D 94 1.06 8.60 11.24
C TYR D 94 1.93 9.71 10.65
N ASN D 95 2.15 9.69 9.33
CA ASN D 95 3.03 10.68 8.72
C ASN D 95 2.44 12.07 8.79
N ALA D 96 1.11 12.19 8.64
CA ALA D 96 0.48 13.50 8.66
C ALA D 96 0.47 14.08 10.08
N GLU D 97 0.19 13.26 11.09
CA GLU D 97 0.35 13.72 12.48
C GLU D 97 1.77 14.20 12.74
N LEU D 98 2.76 13.35 12.43
CA LEU D 98 4.14 13.68 12.80
C LEU D 98 4.67 14.87 12.00
N LEU D 99 4.26 14.98 10.73
CA LEU D 99 4.66 16.12 9.93
C LEU D 99 4.21 17.42 10.59
N VAL D 100 2.93 17.48 10.94
CA VAL D 100 2.37 18.68 11.56
C VAL D 100 3.01 18.96 12.92
N LEU D 101 3.18 17.93 13.75
CA LEU D 101 3.87 18.12 15.03
C LEU D 101 5.29 18.67 14.84
N LEU D 102 6.07 18.05 13.94
CA LEU D 102 7.43 18.51 13.62
C LEU D 102 7.42 19.95 13.13
N GLU D 103 6.62 20.23 12.11
CA GLU D 103 6.68 21.54 11.48
C GLU D 103 6.16 22.62 12.41
N ASN D 104 5.17 22.29 13.26
CA ASN D 104 4.72 23.25 14.25
C ASN D 104 5.83 23.63 15.22
N GLN D 105 6.62 22.64 15.67
CA GLN D 105 7.76 22.98 16.53
C GLN D 105 8.78 23.87 15.79
N LYS D 106 9.08 23.55 14.52
CA LYS D 106 10.03 24.36 13.76
C LYS D 106 9.48 25.76 13.46
N THR D 107 8.17 25.89 13.20
CA THR D 107 7.64 27.21 12.90
C THR D 107 7.80 28.15 14.11
N LEU D 108 7.48 27.66 15.32
CA LEU D 108 7.60 28.53 16.49
C LEU D 108 9.06 28.86 16.78
N ASP D 109 9.98 27.93 16.50
CA ASP D 109 11.41 28.25 16.65
C ASP D 109 11.88 29.24 15.60
N GLU D 110 11.34 29.14 14.37
CA GLU D 110 11.72 30.06 13.30
C GLU D 110 11.33 31.50 13.66
N HIS D 111 10.14 31.70 14.26
CA HIS D 111 9.73 33.03 14.70
C HIS D 111 10.70 33.56 15.76
N ASP D 112 10.99 32.74 16.76
CA ASP D 112 11.98 33.16 17.76
C ASP D 112 13.29 33.55 17.11
N SER D 113 13.70 32.78 16.11
CA SER D 113 14.99 33.06 15.47
C SER D 113 14.93 34.32 14.60
N ASN D 114 13.80 34.63 13.94
CA ASN D 114 13.67 35.90 13.22
C ASN D 114 13.77 37.09 14.15
N VAL D 115 13.20 37.00 15.35
CA VAL D 115 13.27 38.10 16.30
C VAL D 115 14.73 38.31 16.72
N LYS D 116 15.44 37.23 17.06
CA LYS D 116 16.83 37.38 17.44
C LYS D 116 17.71 37.83 16.28
N ASN D 117 17.37 37.46 15.06
CA ASN D 117 18.11 38.00 13.91
C ASN D 117 17.92 39.51 13.77
N LEU D 118 16.71 40.00 14.03
CA LEU D 118 16.47 41.44 13.93
C LEU D 118 17.24 42.18 15.03
N PHE D 119 17.22 41.64 16.24
CA PHE D 119 17.98 42.20 17.35
C PHE D 119 19.45 42.28 17.00
N ASP D 120 20.04 41.17 16.56
CA ASP D 120 21.46 41.16 16.22
C ASP D 120 21.79 42.09 15.06
N GLU D 121 20.85 42.34 14.12
CA GLU D 121 21.13 43.29 13.05
C GLU D 121 21.20 44.73 13.56
N VAL D 122 20.53 45.00 14.68
CA VAL D 122 20.56 46.32 15.28
C VAL D 122 21.75 46.48 16.20
N LYS D 123 22.17 45.41 16.90
CA LYS D 123 23.38 45.52 17.69
C LYS D 123 24.59 45.79 16.79
N ARG D 124 24.62 45.22 15.59
CA ARG D 124 25.74 45.48 14.70
C ARG D 124 25.71 46.91 14.16
N ARG D 125 24.52 47.47 13.95
CA ARG D 125 24.44 48.86 13.50
C ARG D 125 24.85 49.84 14.59
N LEU D 126 24.48 49.55 15.85
CA LEU D 126 24.75 50.44 16.98
C LEU D 126 26.19 50.37 17.46
N SER D 127 26.78 49.19 17.51
CA SER D 127 28.22 49.05 17.77
C SER D 127 28.51 49.51 19.21
N ALA D 128 29.48 50.40 19.42
CA ALA D 128 29.85 50.87 20.77
C ALA D 128 28.95 51.97 21.28
N ASN D 129 28.06 52.47 20.42
CA ASN D 129 27.14 53.56 20.71
C ASN D 129 25.98 53.17 21.62
N ALA D 130 25.86 51.90 22.00
CA ALA D 130 24.77 51.47 22.87
C ALA D 130 25.23 50.31 23.74
N ILE D 131 24.65 50.22 24.94
CA ILE D 131 24.86 49.07 25.82
C ILE D 131 23.75 48.06 25.57
N ASP D 132 24.15 46.85 25.16
CA ASP D 132 23.27 45.74 24.79
C ASP D 132 22.43 45.23 25.97
N ALA D 133 22.56 45.88 27.13
CA ALA D 133 22.08 45.28 28.37
C ALA D 133 20.56 45.29 28.44
N GLY D 134 20.03 44.26 29.10
CA GLY D 134 18.62 44.14 29.36
C GLY D 134 17.86 43.00 28.70
N ASN D 135 16.90 43.40 27.90
CA ASN D 135 15.62 42.73 27.76
C ASN D 135 15.19 42.73 26.31
N GLY D 136 16.13 42.54 25.40
CA GLY D 136 15.77 42.75 24.03
C GLY D 136 15.83 44.20 23.63
N CYS D 137 16.66 44.98 24.33
CA CYS D 137 16.62 46.44 24.30
C CYS D 137 18.01 47.04 24.37
N PHE D 138 18.25 48.06 23.56
CA PHE D 138 19.48 48.84 23.64
C PHE D 138 19.25 50.17 24.37
N ASP D 139 20.19 50.52 25.25
CA ASP D 139 20.26 51.84 25.86
C ASP D 139 21.28 52.65 25.06
N ILE D 140 20.81 53.65 24.31
CA ILE D 140 21.67 54.43 23.43
C ILE D 140 22.32 55.57 24.21
N LEU D 141 23.63 55.75 24.00
CA LEU D 141 24.46 56.63 24.82
C LEU D 141 24.53 58.05 24.30
N HIS D 142 23.68 58.43 23.37
CA HIS D 142 23.74 59.76 22.82
C HIS D 142 22.32 60.25 22.65
N LYS D 143 22.17 61.48 22.20
CA LYS D 143 20.84 61.99 22.03
C LYS D 143 20.36 61.42 20.71
N CYS D 144 19.26 60.68 20.71
CA CYS D 144 18.80 60.01 19.51
C CYS D 144 17.37 60.50 19.34
N ASP D 145 17.21 61.49 18.48
CA ASP D 145 15.90 62.04 18.18
C ASP D 145 15.18 61.14 17.18
N ASN D 146 13.96 61.56 16.83
CA ASN D 146 13.09 60.75 16.00
C ASN D 146 13.62 60.48 14.61
N GLU D 147 14.62 61.22 14.11
CA GLU D 147 15.13 60.78 12.83
C GLU D 147 16.42 59.99 12.99
N CYS D 148 17.10 60.15 14.11
CA CYS D 148 18.10 59.16 14.51
C CYS D 148 17.47 57.78 14.62
N MET D 149 16.32 57.71 15.30
CA MET D 149 15.57 56.46 15.43
C MET D 149 15.24 55.86 14.07
N GLU D 150 14.58 56.63 13.19
CA GLU D 150 14.15 56.06 11.92
C GLU D 150 15.32 55.66 11.04
N THR D 151 16.54 56.10 11.35
CA THR D 151 17.70 55.59 10.62
C THR D 151 18.20 54.28 11.23
N ILE D 152 18.03 54.08 12.53
CA ILE D 152 18.37 52.79 13.11
C ILE D 152 17.46 51.71 12.54
N LYS D 153 16.25 52.09 12.14
CA LYS D 153 15.26 51.13 11.68
C LYS D 153 15.37 50.84 10.19
N ASN D 154 15.63 51.85 9.35
CA ASN D 154 15.75 51.61 7.91
C ASN D 154 17.17 51.24 7.48
N GLY D 155 18.12 51.17 8.42
CA GLY D 155 19.46 50.70 8.14
C GLY D 155 20.46 51.78 7.79
N THR D 156 19.99 52.97 7.41
CA THR D 156 20.82 54.11 7.02
C THR D 156 21.38 54.86 8.23
N TYR D 157 22.23 54.19 9.03
CA TYR D 157 22.71 54.78 10.28
C TYR D 157 24.18 54.47 10.45
N ASP D 158 25.01 55.52 10.61
CA ASP D 158 26.44 55.44 10.79
C ASP D 158 26.81 55.62 12.26
N HIS D 159 28.12 55.67 12.53
CA HIS D 159 28.56 56.04 13.87
C HIS D 159 29.22 57.41 13.80
N LYS D 160 28.45 58.32 13.18
CA LYS D 160 28.57 59.77 13.40
C LYS D 160 28.98 60.06 14.81
N GLU D 161 28.17 59.62 15.76
CA GLU D 161 28.15 60.12 17.10
C GLU D 161 29.32 59.62 17.95
N TYR D 162 30.21 58.77 17.38
CA TYR D 162 31.14 57.89 18.11
C TYR D 162 31.70 58.46 19.42
N GLU D 163 31.88 59.78 19.49
CA GLU D 163 32.58 60.36 20.62
C GLU D 163 31.65 61.11 21.57
N GLU D 164 30.44 61.44 21.14
CA GLU D 164 29.41 61.82 22.08
C GLU D 164 29.10 60.64 23.00
N GLU D 165 29.22 59.41 22.49
CA GLU D 165 29.02 58.22 23.35
C GLU D 165 30.23 57.94 24.21
N ALA D 166 31.45 58.05 23.67
CA ALA D 166 32.67 57.81 24.45
C ALA D 166 32.66 58.60 25.75
N LYS D 167 32.21 59.85 25.73
CA LYS D 167 32.14 60.64 26.94
C LYS D 167 31.07 60.09 27.89
N LEU D 168 29.87 59.86 27.37
CA LEU D 168 28.78 59.30 28.16
C LEU D 168 29.09 57.92 28.72
N GLU D 169 30.02 57.17 28.11
CA GLU D 169 30.27 55.81 28.57
C GLU D 169 31.24 55.75 29.75
N ARG D 170 32.16 56.71 29.89
CA ARG D 170 32.99 56.70 31.09
C ARG D 170 32.26 57.27 32.29
N SER D 171 31.18 58.04 32.05
CA SER D 171 30.25 58.44 33.07
C SER D 171 29.50 57.23 33.63
N ASP E 5 35.56 35.04 42.42
CA ASP E 5 34.19 34.55 42.53
C ASP E 5 33.60 34.27 41.14
N ARG E 6 32.90 33.16 41.03
CA ARG E 6 32.69 32.57 39.71
C ARG E 6 31.45 31.68 39.75
N ILE E 7 30.62 31.76 38.71
CA ILE E 7 29.47 30.86 38.55
C ILE E 7 29.48 30.31 37.13
N CYS E 8 29.33 28.98 37.02
CA CYS E 8 29.45 28.24 35.77
C CYS E 8 28.15 27.52 35.47
N ILE E 9 27.80 27.44 34.18
CA ILE E 9 26.62 26.69 33.73
C ILE E 9 27.13 25.40 33.09
N GLY E 10 26.45 24.27 33.39
CA GLY E 10 26.90 23.02 32.84
C GLY E 10 25.79 22.02 32.62
N TYR E 11 26.17 20.88 32.05
CA TYR E 11 25.27 19.78 31.78
C TYR E 11 25.90 18.47 32.28
N GLN E 12 25.05 17.45 32.42
CA GLN E 12 25.44 16.20 33.06
C GLN E 12 26.08 15.23 32.06
N SER E 13 27.11 14.52 32.54
CA SER E 13 27.64 13.31 31.93
C SER E 13 27.50 12.11 32.87
N ASN E 14 27.48 10.90 32.31
CA ASN E 14 27.30 9.72 33.15
C ASN E 14 28.09 8.56 32.57
N ASN E 15 27.94 7.39 33.18
CA ASN E 15 28.68 6.20 32.78
C ASN E 15 27.97 5.39 31.70
N SER E 16 26.86 5.87 31.15
CA SER E 16 26.22 5.20 30.03
C SER E 16 27.23 4.84 28.94
N THR E 17 27.06 3.65 28.35
CA THR E 17 27.75 3.25 27.14
C THR E 17 26.84 3.28 25.90
N ASP E 18 25.56 3.65 26.07
CA ASP E 18 24.63 3.84 24.96
C ASP E 18 25.18 4.75 23.86
N THR E 19 24.94 4.38 22.62
CA THR E 19 25.15 5.23 21.46
C THR E 19 23.86 5.26 20.64
N VAL E 20 23.69 6.31 19.82
CA VAL E 20 22.66 6.36 18.79
C VAL E 20 23.28 6.81 17.47
N ASN E 21 22.57 6.56 16.38
CA ASN E 21 22.84 7.19 15.09
C ASN E 21 21.92 8.40 14.87
N THR E 22 22.47 9.45 14.28
CA THR E 22 21.71 10.61 13.82
C THR E 22 21.88 10.73 12.32
N LEU E 23 21.10 11.64 11.73
CA LEU E 23 21.20 11.83 10.28
C LEU E 23 22.61 12.23 9.86
N ILE E 24 23.36 12.93 10.72
CA ILE E 24 24.67 13.45 10.35
C ILE E 24 25.85 12.72 11.03
N GLU E 25 25.60 11.85 12.01
CA GLU E 25 26.70 11.22 12.76
C GLU E 25 26.41 9.78 13.11
N GLN E 26 27.43 8.93 13.02
CA GLN E 26 27.30 7.54 13.45
C GLN E 26 27.79 7.39 14.90
N ASN E 27 27.07 6.58 15.69
CA ASN E 27 27.53 6.10 17.01
C ASN E 27 27.93 7.23 17.98
N VAL E 28 26.98 8.12 18.25
CA VAL E 28 27.19 9.22 19.19
C VAL E 28 26.88 8.70 20.60
N PRO E 29 27.80 8.79 21.57
CA PRO E 29 27.45 8.39 22.94
C PRO E 29 26.43 9.35 23.53
N VAL E 30 25.44 8.80 24.24
CA VAL E 30 24.42 9.63 24.86
C VAL E 30 24.09 9.08 26.25
N THR E 31 23.63 9.98 27.13
CA THR E 31 23.47 9.59 28.52
C THR E 31 22.26 8.71 28.72
N GLN E 32 21.33 8.69 27.76
CA GLN E 32 20.17 7.83 27.91
C GLN E 32 19.43 7.58 26.60
N THR E 33 19.00 6.34 26.36
CA THR E 33 18.28 6.00 25.12
C THR E 33 17.09 5.13 25.42
N MET E 34 16.26 4.94 24.39
CA MET E 34 15.20 3.96 24.43
C MET E 34 15.06 3.31 23.08
N GLU E 35 14.69 2.03 23.09
CA GLU E 35 14.61 1.17 21.91
C GLU E 35 13.21 1.23 21.32
N LEU E 36 13.12 1.36 20.00
CA LEU E 36 11.81 1.42 19.35
C LEU E 36 11.41 0.13 18.61
N VAL E 37 12.31 -0.82 18.41
CA VAL E 37 11.97 -2.09 17.74
C VAL E 37 11.90 -3.16 18.80
N GLU E 38 10.73 -3.81 18.92
CA GLU E 38 10.60 -4.97 19.80
C GLU E 38 11.29 -6.15 19.14
N THR E 39 12.33 -6.64 19.80
CA THR E 39 13.17 -7.71 19.28
C THR E 39 13.09 -8.97 20.13
N GLU E 40 12.46 -8.91 21.29
CA GLU E 40 12.27 -10.07 22.16
C GLU E 40 10.91 -10.71 21.92
N LYS E 41 10.89 -12.03 21.82
CA LYS E 41 9.65 -12.76 21.58
C LYS E 41 9.62 -14.03 22.41
N HIS E 42 8.41 -14.40 22.83
CA HIS E 42 8.17 -15.70 23.45
C HIS E 42 7.87 -16.72 22.36
N PRO E 43 8.76 -17.67 22.09
CA PRO E 43 8.65 -18.56 20.89
C PRO E 43 7.60 -19.65 21.07
N ALA E 44 6.33 -19.23 21.12
CA ALA E 44 5.22 -20.14 21.33
C ALA E 44 3.96 -19.49 20.79
N TYR E 45 2.96 -20.32 20.50
CA TYR E 45 1.64 -19.86 20.06
C TYR E 45 0.71 -19.80 21.27
N CYS E 46 0.30 -18.61 21.66
CA CYS E 46 -0.46 -18.34 22.87
C CYS E 46 -1.92 -18.06 22.56
N ASN E 47 -2.71 -17.90 23.61
CA ASN E 47 -4.04 -17.34 23.47
C ASN E 47 -3.97 -15.85 23.16
N THR E 48 -4.97 -15.36 22.44
CA THR E 48 -5.15 -13.95 22.16
C THR E 48 -6.53 -13.55 22.70
N ASP E 49 -6.95 -12.32 22.38
CA ASP E 49 -8.27 -11.86 22.83
C ASP E 49 -9.39 -12.81 22.44
N LEU E 50 -9.28 -13.48 21.29
CA LEU E 50 -10.32 -14.37 20.81
C LEU E 50 -10.19 -15.78 21.36
N GLY E 51 -9.15 -16.09 22.13
CA GLY E 51 -9.04 -17.37 22.82
C GLY E 51 -7.86 -18.21 22.32
N ALA E 52 -8.07 -19.56 22.31
CA ALA E 52 -6.94 -20.48 22.15
C ALA E 52 -6.80 -20.93 20.70
N PRO E 53 -5.58 -21.22 20.28
CA PRO E 53 -5.38 -21.79 18.95
C PRO E 53 -5.86 -23.24 18.92
N LEU E 54 -6.20 -23.69 17.73
CA LEU E 54 -6.42 -25.10 17.43
C LEU E 54 -5.17 -25.63 16.74
N GLU E 55 -4.52 -26.63 17.33
CA GLU E 55 -3.35 -27.25 16.71
C GLU E 55 -3.75 -28.48 15.89
N LEU E 56 -3.27 -28.55 14.66
CA LEU E 56 -3.48 -29.71 13.79
C LEU E 56 -2.13 -30.34 13.48
N ARG E 57 -1.76 -31.39 14.22
CA ARG E 57 -0.50 -32.13 14.05
C ARG E 57 -0.58 -33.19 12.97
N ASP E 58 -1.68 -33.91 12.89
CA ASP E 58 -1.79 -35.08 12.03
C ASP E 58 -2.75 -34.91 10.87
N CYS E 59 -3.60 -33.89 10.89
CA CYS E 59 -4.65 -33.70 9.90
C CYS E 59 -4.62 -32.29 9.34
N LYS E 60 -4.82 -32.19 8.03
CA LYS E 60 -5.02 -30.89 7.44
C LYS E 60 -6.44 -30.41 7.72
N ILE E 61 -6.64 -29.09 7.60
CA ILE E 61 -7.96 -28.52 7.88
C ILE E 61 -9.06 -29.24 7.10
N GLU E 62 -8.84 -29.51 5.79
CA GLU E 62 -9.84 -30.25 4.99
C GLU E 62 -10.20 -31.58 5.63
N ALA E 63 -9.22 -32.29 6.16
CA ALA E 63 -9.50 -33.61 6.72
C ALA E 63 -10.42 -33.51 7.93
N VAL E 64 -10.18 -32.57 8.86
CA VAL E 64 -11.07 -32.50 10.01
C VAL E 64 -12.47 -32.02 9.60
N ILE E 65 -12.55 -31.10 8.63
CA ILE E 65 -13.87 -30.63 8.18
C ILE E 65 -14.68 -31.78 7.60
N TYR E 66 -14.11 -32.50 6.62
CA TYR E 66 -14.84 -33.60 6.00
C TYR E 66 -14.94 -34.80 6.92
N GLY E 67 -14.05 -34.89 7.90
CA GLY E 67 -14.11 -35.91 8.92
C GLY E 67 -13.44 -37.19 8.53
N ASN E 68 -12.23 -37.05 8.00
CA ASN E 68 -11.35 -38.19 7.80
C ASN E 68 -11.35 -39.04 9.07
N PRO E 69 -11.66 -40.33 8.97
CA PRO E 69 -11.89 -41.13 10.19
C PRO E 69 -10.62 -41.39 10.99
N LYS E 70 -9.44 -41.11 10.45
CA LYS E 70 -8.23 -41.05 11.24
C LYS E 70 -8.07 -39.75 12.03
N CYS E 71 -8.95 -38.76 11.86
CA CYS E 71 -8.79 -37.44 12.49
C CYS E 71 -9.75 -37.37 13.67
N ASP E 72 -9.26 -37.72 14.85
CA ASP E 72 -10.11 -37.70 16.02
C ASP E 72 -10.23 -36.30 16.61
N ILE E 73 -9.44 -35.34 16.12
CA ILE E 73 -9.31 -33.97 16.64
C ILE E 73 -10.61 -33.51 17.29
N HIS E 74 -10.49 -33.02 18.53
CA HIS E 74 -11.61 -32.48 19.28
C HIS E 74 -11.78 -31.00 18.91
N LEU E 75 -12.88 -30.68 18.21
CA LEU E 75 -13.28 -29.29 17.98
C LEU E 75 -14.17 -28.88 19.14
N LYS E 76 -13.75 -27.83 19.83
CA LYS E 76 -14.37 -27.43 21.07
C LYS E 76 -15.48 -26.43 20.81
N ASP E 77 -16.46 -26.42 21.72
CA ASP E 77 -17.62 -25.58 21.51
C ASP E 77 -17.28 -24.12 21.76
N GLN E 78 -16.26 -23.84 22.60
CA GLN E 78 -15.72 -22.49 22.73
C GLN E 78 -15.22 -21.96 21.40
N GLY E 79 -14.78 -22.85 20.51
CA GLY E 79 -14.18 -22.43 19.27
C GLY E 79 -12.70 -22.22 19.42
N TRP E 80 -12.12 -21.35 18.59
CA TRP E 80 -10.67 -21.23 18.49
C TRP E 80 -10.36 -19.89 17.82
N SER E 81 -9.22 -19.31 18.17
CA SER E 81 -8.90 -17.99 17.63
C SER E 81 -8.14 -18.08 16.33
N TYR E 82 -7.40 -19.16 16.12
CA TYR E 82 -6.63 -19.35 14.90
C TYR E 82 -6.24 -20.83 14.82
N ILE E 83 -5.80 -21.25 13.64
CA ILE E 83 -5.37 -22.62 13.40
C ILE E 83 -3.86 -22.66 13.16
N VAL E 84 -3.16 -23.49 13.92
CA VAL E 84 -1.77 -23.84 13.67
C VAL E 84 -1.78 -25.20 12.99
N GLU E 85 -1.49 -25.23 11.71
CA GLU E 85 -1.46 -26.46 10.93
C GLU E 85 0.00 -26.84 10.67
N ARG E 86 0.44 -27.94 11.28
CA ARG E 86 1.77 -28.47 11.04
C ARG E 86 1.94 -28.88 9.57
N PRO E 87 2.93 -28.34 8.84
CA PRO E 87 3.10 -28.74 7.42
C PRO E 87 3.30 -30.23 7.21
N SER E 88 3.76 -30.96 8.24
CA SER E 88 4.02 -32.39 8.12
C SER E 88 2.79 -33.26 8.31
N ALA E 89 1.64 -32.67 8.63
CA ALA E 89 0.42 -33.42 8.84
C ALA E 89 0.14 -34.34 7.65
N PRO E 90 0.13 -35.66 7.85
CA PRO E 90 -0.01 -36.58 6.70
C PRO E 90 -1.42 -36.72 6.14
N GLU E 91 -2.46 -36.64 6.97
CA GLU E 91 -3.80 -37.01 6.55
C GLU E 91 -4.51 -35.85 5.87
N GLY E 92 -4.97 -36.07 4.65
CA GLY E 92 -5.81 -35.14 3.92
C GLY E 92 -7.13 -35.78 3.50
N MET E 93 -7.51 -35.60 2.25
CA MET E 93 -8.72 -36.25 1.75
C MET E 93 -8.33 -37.69 1.49
N CYS E 94 -8.76 -38.60 2.37
CA CYS E 94 -8.39 -40.00 2.27
C CYS E 94 -8.88 -40.63 0.97
N TYR E 95 -10.11 -40.35 0.58
CA TYR E 95 -10.45 -40.87 -0.75
C TYR E 95 -10.01 -39.87 -1.80
N PRO E 96 -9.24 -40.29 -2.82
CA PRO E 96 -8.58 -39.32 -3.70
C PRO E 96 -9.56 -38.44 -4.46
N GLY E 97 -9.18 -37.18 -4.60
CA GLY E 97 -9.96 -36.15 -5.26
C GLY E 97 -9.73 -34.83 -4.54
N SER E 98 -10.25 -33.76 -5.14
CA SER E 98 -9.90 -32.45 -4.62
C SER E 98 -11.15 -31.64 -4.28
N VAL E 99 -10.93 -30.65 -3.42
CA VAL E 99 -11.99 -29.80 -2.89
C VAL E 99 -12.09 -28.56 -3.75
N GLU E 100 -13.26 -28.34 -4.36
CA GLU E 100 -13.48 -27.07 -5.04
C GLU E 100 -13.42 -25.89 -4.04
N ASN E 101 -12.71 -24.81 -4.43
CA ASN E 101 -12.55 -23.60 -3.58
C ASN E 101 -11.97 -23.99 -2.23
N LEU E 102 -10.89 -24.77 -2.28
CA LEU E 102 -10.26 -25.30 -1.08
C LEU E 102 -9.77 -24.17 -0.18
N GLU E 103 -9.09 -23.18 -0.77
CA GLU E 103 -8.54 -22.11 0.04
C GLU E 103 -9.65 -21.30 0.70
N GLU E 104 -10.77 -21.08 0.01
CA GLU E 104 -11.86 -20.36 0.65
C GLU E 104 -12.46 -21.17 1.79
N LEU E 105 -12.47 -22.51 1.69
CA LEU E 105 -13.05 -23.34 2.77
C LEU E 105 -12.19 -23.29 4.02
N ARG E 106 -10.89 -23.51 3.84
CA ARG E 106 -9.95 -23.38 4.95
C ARG E 106 -10.09 -22.02 5.62
N PHE E 107 -10.26 -20.97 4.80
CA PHE E 107 -10.45 -19.62 5.33
C PHE E 107 -11.63 -19.54 6.27
N VAL E 108 -12.80 -20.10 5.87
CA VAL E 108 -13.97 -19.95 6.74
C VAL E 108 -13.84 -20.72 8.04
N PHE E 109 -12.98 -21.74 8.09
CA PHE E 109 -12.81 -22.51 9.32
C PHE E 109 -11.71 -21.98 10.22
N SER E 110 -11.03 -20.88 9.86
CA SER E 110 -9.78 -20.53 10.54
C SER E 110 -10.02 -19.88 11.90
N SER E 111 -11.18 -19.23 12.14
CA SER E 111 -11.57 -18.79 13.48
C SER E 111 -13.04 -19.14 13.73
N ALA E 112 -13.38 -19.35 15.00
CA ALA E 112 -14.78 -19.52 15.40
C ALA E 112 -14.97 -19.07 16.85
N ALA E 113 -15.84 -18.10 17.05
CA ALA E 113 -16.17 -17.67 18.42
C ALA E 113 -16.95 -18.74 19.17
N SER E 114 -17.64 -19.63 18.45
CA SER E 114 -18.15 -20.87 19.00
C SER E 114 -18.46 -21.81 17.83
N TYR E 115 -18.68 -23.07 18.18
CA TYR E 115 -18.77 -24.14 17.21
C TYR E 115 -19.86 -25.13 17.61
N LYS E 116 -20.63 -25.58 16.62
CA LYS E 116 -21.65 -26.59 16.82
C LYS E 116 -21.76 -27.44 15.55
N ARG E 117 -21.69 -28.75 15.71
CA ARG E 117 -21.93 -29.72 14.64
C ARG E 117 -23.41 -30.06 14.54
N ILE E 118 -23.97 -29.94 13.33
CA ILE E 118 -25.41 -30.09 13.14
C ILE E 118 -25.70 -31.25 12.19
N ARG E 119 -26.60 -32.15 12.61
CA ARG E 119 -27.08 -33.19 11.69
C ARG E 119 -28.07 -32.62 10.69
N LEU E 120 -27.81 -32.81 9.41
CA LEU E 120 -28.63 -32.30 8.33
C LEU E 120 -29.58 -33.36 7.76
N PHE E 121 -29.16 -34.62 7.69
CA PHE E 121 -30.00 -35.68 7.17
C PHE E 121 -29.74 -36.96 7.93
N ASP E 122 -30.78 -37.79 8.04
CA ASP E 122 -30.68 -39.16 8.54
C ASP E 122 -31.01 -40.09 7.37
N TYR E 123 -30.01 -40.87 6.93
CA TYR E 123 -30.20 -41.67 5.72
C TYR E 123 -30.85 -43.04 5.98
N SER E 124 -31.20 -43.34 7.25
CA SER E 124 -32.19 -44.37 7.59
C SER E 124 -33.45 -44.26 6.74
N ARG E 125 -33.91 -43.03 6.56
CA ARG E 125 -35.20 -42.73 5.94
C ARG E 125 -35.16 -42.88 4.42
N TRP E 126 -34.00 -43.19 3.86
CA TRP E 126 -33.76 -43.14 2.42
C TRP E 126 -33.79 -44.54 1.83
N ASN E 127 -34.28 -44.63 0.59
CA ASN E 127 -34.38 -45.89 -0.13
C ASN E 127 -33.08 -46.22 -0.85
N VAL E 128 -32.05 -46.39 -0.04
CA VAL E 128 -30.70 -46.65 -0.49
C VAL E 128 -30.06 -47.48 0.60
N THR E 129 -28.91 -48.07 0.29
CA THR E 129 -28.06 -48.56 1.36
C THR E 129 -27.04 -47.48 1.70
N ARG E 130 -26.87 -47.23 2.99
CA ARG E 130 -26.16 -46.08 3.47
C ARG E 130 -24.83 -46.52 4.09
N SER E 131 -23.95 -45.53 4.26
CA SER E 131 -22.71 -45.66 5.05
C SER E 131 -21.68 -46.61 4.44
N GLY E 132 -21.52 -46.57 3.12
CA GLY E 132 -20.41 -47.24 2.49
C GLY E 132 -19.05 -46.85 3.03
N THR E 133 -18.06 -47.74 2.89
CA THR E 133 -16.75 -47.54 3.49
C THR E 133 -15.71 -47.95 2.46
N SER E 134 -14.45 -47.70 2.80
CA SER E 134 -13.40 -47.87 1.81
C SER E 134 -12.08 -48.10 2.54
N LYS E 135 -11.22 -48.92 1.94
CA LYS E 135 -9.89 -49.10 2.47
C LYS E 135 -9.03 -47.85 2.29
N ALA E 136 -9.40 -46.96 1.37
CA ALA E 136 -8.66 -45.70 1.29
C ALA E 136 -8.91 -44.82 2.51
N CYS E 137 -9.95 -45.11 3.29
CA CYS E 137 -10.39 -44.28 4.42
C CYS E 137 -10.46 -45.12 5.68
N ASN E 138 -9.33 -45.69 6.06
CA ASN E 138 -9.26 -46.53 7.25
C ASN E 138 -9.45 -45.72 8.51
N ALA E 139 -10.18 -46.31 9.46
CA ALA E 139 -10.25 -45.76 10.81
C ALA E 139 -8.91 -45.87 11.52
N SER E 140 -8.76 -45.09 12.60
CA SER E 140 -7.54 -45.17 13.41
C SER E 140 -7.41 -46.52 14.12
N THR E 141 -8.54 -47.20 14.38
CA THR E 141 -8.49 -48.54 14.99
C THR E 141 -7.98 -49.60 14.01
N GLY E 142 -8.41 -49.53 12.75
CA GLY E 142 -7.78 -50.32 11.70
C GLY E 142 -8.65 -50.67 10.52
N GLY E 143 -9.94 -50.89 10.77
CA GLY E 143 -10.84 -51.28 9.71
C GLY E 143 -11.14 -50.17 8.72
N GLN E 144 -11.66 -50.56 7.57
CA GLN E 144 -12.07 -49.59 6.58
C GLN E 144 -13.24 -48.75 7.11
N SER E 145 -13.28 -47.48 6.70
CA SER E 145 -14.27 -46.57 7.25
C SER E 145 -14.60 -45.52 6.19
N PHE E 146 -15.13 -44.37 6.63
CA PHE E 146 -15.41 -43.27 5.71
C PHE E 146 -15.46 -41.94 6.45
N TYR E 147 -15.60 -40.88 5.67
CA TYR E 147 -15.76 -39.53 6.21
C TYR E 147 -16.94 -39.49 7.19
N ARG E 148 -16.80 -38.71 8.24
CA ARG E 148 -17.90 -38.53 9.18
C ARG E 148 -18.96 -37.58 8.65
N SER E 149 -18.58 -36.61 7.79
CA SER E 149 -19.52 -35.53 7.47
C SER E 149 -20.38 -35.82 6.24
N ILE E 150 -19.93 -36.70 5.36
CA ILE E 150 -20.62 -37.02 4.12
C ILE E 150 -20.75 -38.53 4.07
N ASN E 151 -21.81 -39.01 3.41
CA ASN E 151 -22.25 -40.39 3.57
C ASN E 151 -22.32 -41.07 2.22
N TRP E 152 -21.60 -42.16 2.06
CA TRP E 152 -21.54 -42.86 0.78
C TRP E 152 -22.81 -43.69 0.59
N LEU E 153 -23.77 -43.18 -0.22
CA LEU E 153 -24.99 -43.91 -0.58
C LEU E 153 -24.80 -44.76 -1.83
N THR E 154 -25.26 -46.00 -1.77
CA THR E 154 -25.30 -46.92 -2.91
C THR E 154 -26.70 -47.52 -3.04
N LYS E 155 -26.94 -48.25 -4.13
CA LYS E 155 -28.30 -48.70 -4.47
C LYS E 155 -28.91 -49.60 -3.38
N LYS E 156 -30.21 -49.43 -3.14
CA LYS E 156 -30.93 -50.33 -2.27
C LYS E 156 -30.88 -51.74 -2.85
N LYS E 157 -30.65 -52.70 -1.97
CA LYS E 157 -30.48 -54.07 -2.46
C LYS E 157 -31.85 -54.75 -2.62
N PRO E 158 -32.01 -55.58 -3.66
CA PRO E 158 -30.92 -56.08 -4.52
C PRO E 158 -30.48 -55.16 -5.67
N ASP E 159 -31.36 -54.36 -6.26
CA ASP E 159 -30.96 -53.56 -7.41
C ASP E 159 -31.94 -52.43 -7.72
N THR E 160 -32.11 -51.49 -6.80
CA THR E 160 -32.97 -50.33 -7.03
C THR E 160 -32.27 -49.05 -6.56
N TYR E 161 -32.20 -48.04 -7.44
CA TYR E 161 -31.80 -46.69 -7.06
C TYR E 161 -32.65 -45.71 -7.86
N ASP E 162 -33.81 -45.38 -7.31
CA ASP E 162 -34.68 -44.37 -7.89
C ASP E 162 -34.23 -42.99 -7.40
N PHE E 163 -34.76 -41.95 -8.02
CA PHE E 163 -34.54 -40.61 -7.49
C PHE E 163 -35.01 -40.56 -6.03
N ASN E 164 -34.09 -40.28 -5.13
CA ASN E 164 -34.33 -39.98 -3.72
C ASN E 164 -34.14 -38.49 -3.47
N GLU E 165 -34.98 -37.90 -2.63
CA GLU E 165 -34.81 -36.49 -2.29
C GLU E 165 -35.18 -36.23 -0.84
N GLY E 166 -34.58 -35.18 -0.28
CA GLY E 166 -34.83 -34.81 1.10
C GLY E 166 -34.51 -33.33 1.26
N ALA E 167 -34.96 -32.78 2.39
CA ALA E 167 -34.85 -31.37 2.67
C ALA E 167 -34.40 -31.19 4.10
N TYR E 168 -33.59 -30.17 4.33
CA TYR E 168 -33.21 -29.74 5.66
C TYR E 168 -33.44 -28.24 5.72
N VAL E 169 -34.08 -27.77 6.80
CA VAL E 169 -34.33 -26.33 7.01
C VAL E 169 -33.37 -25.81 8.09
N ASN E 170 -32.65 -24.74 7.78
CA ASN E 170 -31.75 -24.16 8.79
C ASN E 170 -32.59 -23.37 9.79
N ASN E 171 -32.84 -23.97 10.96
CA ASN E 171 -33.53 -23.31 12.06
C ASN E 171 -32.57 -22.96 13.18
N GLU E 172 -31.27 -22.86 12.87
CA GLU E 172 -30.23 -22.66 13.86
C GLU E 172 -29.91 -21.16 13.91
N ASP E 173 -29.00 -20.81 14.83
CA ASP E 173 -28.70 -19.42 15.12
C ASP E 173 -27.64 -18.81 14.19
N GLY E 174 -27.54 -19.25 12.93
CA GLY E 174 -26.59 -18.65 12.02
C GLY E 174 -26.40 -19.48 10.75
N ASP E 175 -25.31 -19.18 10.05
CA ASP E 175 -25.00 -19.83 8.77
C ASP E 175 -24.36 -21.20 9.00
N ILE E 176 -24.76 -22.18 8.20
CA ILE E 176 -24.27 -23.54 8.31
C ILE E 176 -23.40 -23.87 7.09
N ILE E 177 -22.19 -24.38 7.36
CA ILE E 177 -21.34 -24.93 6.30
C ILE E 177 -21.71 -26.40 6.10
N PHE E 178 -22.06 -26.77 4.86
CA PHE E 178 -22.29 -28.17 4.55
C PHE E 178 -21.38 -28.62 3.40
N LEU E 179 -21.26 -29.95 3.28
CA LEU E 179 -20.27 -30.59 2.43
C LEU E 179 -20.91 -31.73 1.66
N TRP E 180 -20.40 -31.99 0.45
CA TRP E 180 -20.83 -33.18 -0.30
C TRP E 180 -19.74 -33.57 -1.27
N GLY E 181 -19.99 -34.66 -1.99
CA GLY E 181 -19.04 -35.21 -2.92
C GLY E 181 -19.76 -35.91 -4.05
N ILE E 182 -19.03 -36.16 -5.13
CA ILE E 182 -19.53 -36.90 -6.28
C ILE E 182 -18.48 -37.94 -6.63
N HIS E 183 -18.90 -39.20 -6.65
CA HIS E 183 -18.02 -40.31 -6.91
C HIS E 183 -18.01 -40.59 -8.41
N HIS E 184 -16.80 -40.70 -8.96
CA HIS E 184 -16.57 -41.09 -10.36
C HIS E 184 -15.92 -42.47 -10.37
N PRO E 185 -16.69 -43.55 -10.60
CA PRO E 185 -16.11 -44.90 -10.62
C PRO E 185 -15.22 -45.10 -11.84
N PRO E 186 -14.30 -46.06 -11.77
CA PRO E 186 -13.37 -46.28 -12.92
C PRO E 186 -13.97 -47.01 -14.12
N ASP E 187 -15.10 -47.68 -13.99
CA ASP E 187 -15.62 -48.43 -15.14
C ASP E 187 -17.12 -48.59 -15.02
N THR E 188 -17.76 -48.90 -16.16
CA THR E 188 -19.22 -49.01 -16.19
C THR E 188 -19.73 -50.14 -15.30
N LYS E 189 -18.95 -51.21 -15.14
CA LYS E 189 -19.36 -52.29 -14.24
C LYS E 189 -19.42 -51.80 -12.80
N GLU E 190 -18.40 -51.05 -12.35
CA GLU E 190 -18.47 -50.51 -10.99
C GLU E 190 -19.63 -49.54 -10.85
N GLN E 191 -19.86 -48.71 -11.88
CA GLN E 191 -20.99 -47.78 -11.86
C GLN E 191 -22.29 -48.54 -11.64
N THR E 192 -22.50 -49.62 -12.41
CA THR E 192 -23.78 -50.31 -12.32
C THR E 192 -23.93 -51.05 -10.99
N THR E 193 -22.87 -51.66 -10.47
CA THR E 193 -23.01 -52.39 -9.21
C THR E 193 -23.22 -51.44 -8.03
N LEU E 194 -22.60 -50.26 -8.06
CA LEU E 194 -22.78 -49.33 -6.96
C LEU E 194 -24.13 -48.60 -7.07
N TYR E 195 -24.50 -48.19 -8.28
CA TYR E 195 -25.56 -47.19 -8.46
C TYR E 195 -26.69 -47.63 -9.38
N LYS E 196 -26.60 -48.81 -10.01
CA LYS E 196 -27.57 -49.35 -10.96
C LYS E 196 -27.62 -48.54 -12.25
N ASN E 197 -27.99 -47.26 -12.17
CA ASN E 197 -28.11 -46.42 -13.35
C ASN E 197 -26.75 -46.15 -13.99
N ALA E 198 -26.73 -46.20 -15.32
CA ALA E 198 -25.49 -46.01 -16.06
C ALA E 198 -25.08 -44.55 -16.05
N ASN E 199 -26.05 -43.63 -15.95
CA ASN E 199 -25.78 -42.23 -15.75
C ASN E 199 -26.78 -41.68 -14.75
N THR E 200 -26.35 -40.72 -13.93
CA THR E 200 -27.13 -40.27 -12.79
C THR E 200 -27.15 -38.75 -12.74
N LEU E 201 -28.10 -38.20 -12.02
CA LEU E 201 -28.19 -36.76 -11.80
C LEU E 201 -28.28 -36.53 -10.31
N SER E 202 -27.34 -35.75 -9.78
CA SER E 202 -27.34 -35.38 -8.36
C SER E 202 -27.46 -33.86 -8.29
N SER E 203 -28.46 -33.37 -7.57
CA SER E 203 -28.69 -31.94 -7.45
C SER E 203 -28.58 -31.53 -5.99
N VAL E 204 -27.86 -30.44 -5.75
CA VAL E 204 -27.72 -29.82 -4.44
C VAL E 204 -28.23 -28.39 -4.62
N THR E 205 -29.33 -28.06 -3.94
CA THR E 205 -29.98 -26.78 -4.15
C THR E 205 -30.35 -26.14 -2.82
N THR E 206 -30.33 -24.81 -2.81
CA THR E 206 -30.86 -24.06 -1.69
C THR E 206 -31.74 -22.96 -2.27
N ASN E 207 -32.14 -22.01 -1.42
CA ASN E 207 -32.84 -20.84 -1.94
C ASN E 207 -32.02 -20.13 -3.02
N THR E 208 -30.69 -20.17 -2.93
CA THR E 208 -29.80 -19.46 -3.84
C THR E 208 -28.86 -20.35 -4.65
N ILE E 209 -28.56 -21.53 -4.19
CA ILE E 209 -27.59 -22.41 -4.85
C ILE E 209 -28.36 -23.34 -5.76
N ASN E 210 -27.83 -23.56 -6.97
CA ASN E 210 -28.48 -24.40 -7.98
C ASN E 210 -27.44 -25.23 -8.71
N ARG E 211 -27.10 -26.37 -8.15
CA ARG E 211 -25.98 -27.15 -8.68
C ARG E 211 -26.38 -28.60 -8.97
N SER E 212 -25.88 -29.11 -10.09
CA SER E 212 -26.16 -30.45 -10.57
C SER E 212 -24.86 -31.07 -11.05
N PHE E 213 -24.77 -32.39 -10.94
CA PHE E 213 -23.58 -33.16 -11.27
C PHE E 213 -23.98 -34.51 -11.86
N GLN E 214 -23.18 -34.95 -12.84
CA GLN E 214 -23.29 -36.23 -13.52
C GLN E 214 -21.91 -36.89 -13.49
N PRO E 215 -21.84 -38.21 -13.32
CA PRO E 215 -20.54 -38.88 -13.24
C PRO E 215 -19.87 -39.04 -14.61
N ASN E 216 -18.55 -39.03 -14.57
CA ASN E 216 -17.69 -39.23 -15.73
C ASN E 216 -16.91 -40.50 -15.46
N ILE E 217 -17.33 -41.58 -16.05
CA ILE E 217 -16.75 -42.88 -15.74
C ILE E 217 -15.43 -43.04 -16.48
N GLY E 218 -14.45 -43.65 -15.82
CA GLY E 218 -13.15 -43.87 -16.42
C GLY E 218 -12.04 -44.05 -15.38
N PRO E 219 -11.00 -44.80 -15.73
CA PRO E 219 -9.88 -44.98 -14.77
C PRO E 219 -8.96 -43.77 -14.72
N ARG E 220 -8.70 -43.27 -13.50
CA ARG E 220 -7.64 -42.28 -13.25
C ARG E 220 -6.42 -42.98 -12.63
N PRO E 221 -5.26 -42.32 -12.63
CA PRO E 221 -4.05 -42.94 -12.04
C PRO E 221 -4.30 -43.47 -10.64
N LEU E 222 -3.61 -44.56 -10.28
CA LEU E 222 -3.77 -45.14 -8.95
C LEU E 222 -3.34 -44.15 -7.89
N VAL E 223 -4.22 -43.91 -6.94
CA VAL E 223 -3.88 -43.16 -5.73
C VAL E 223 -4.50 -43.89 -4.56
N ARG E 224 -3.68 -44.23 -3.57
CA ARG E 224 -4.11 -44.91 -2.35
C ARG E 224 -5.05 -46.09 -2.65
N GLY E 225 -4.67 -46.89 -3.65
CA GLY E 225 -5.39 -48.09 -4.02
C GLY E 225 -6.54 -47.89 -4.98
N GLN E 226 -6.81 -46.66 -5.40
CA GLN E 226 -8.07 -46.31 -6.04
C GLN E 226 -7.81 -45.78 -7.45
N GLN E 227 -8.62 -46.24 -8.40
CA GLN E 227 -8.66 -45.65 -9.73
C GLN E 227 -9.92 -44.81 -9.98
N GLY E 228 -10.90 -44.83 -9.05
CA GLY E 228 -11.96 -43.87 -9.03
C GLY E 228 -11.50 -42.54 -8.42
N ARG E 229 -12.39 -41.53 -8.47
CA ARG E 229 -12.17 -40.24 -7.83
C ARG E 229 -13.46 -39.68 -7.27
N MET E 230 -13.31 -38.84 -6.26
CA MET E 230 -14.38 -37.98 -5.77
C MET E 230 -14.02 -36.53 -6.05
N ASP E 231 -14.99 -35.76 -6.54
CA ASP E 231 -14.94 -34.31 -6.45
C ASP E 231 -15.67 -33.89 -5.18
N TYR E 232 -15.03 -33.08 -4.37
CA TYR E 232 -15.59 -32.59 -3.12
C TYR E 232 -16.03 -31.14 -3.27
N TYR E 233 -17.13 -30.80 -2.61
CA TYR E 233 -17.73 -29.49 -2.75
C TYR E 233 -18.15 -29.02 -1.38
N TRP E 234 -18.50 -27.74 -1.29
CA TRP E 234 -19.02 -27.19 -0.06
C TRP E 234 -19.92 -25.99 -0.34
N GLY E 235 -20.77 -25.70 0.62
CA GLY E 235 -21.68 -24.57 0.54
C GLY E 235 -22.05 -23.99 1.90
N ILE E 236 -22.75 -22.86 1.84
CA ILE E 236 -23.20 -22.13 3.00
C ILE E 236 -24.71 -22.05 2.94
N LEU E 237 -25.36 -22.60 3.96
CA LEU E 237 -26.81 -22.52 4.08
C LEU E 237 -27.12 -21.41 5.09
N LYS E 238 -27.69 -20.32 4.60
CA LYS E 238 -27.91 -19.18 5.47
C LYS E 238 -29.14 -19.43 6.35
N ARG E 239 -29.19 -18.71 7.47
CA ARG E 239 -30.28 -18.76 8.44
C ARG E 239 -31.63 -18.77 7.74
N GLY E 240 -32.50 -19.72 8.12
CA GLY E 240 -33.82 -19.77 7.52
C GLY E 240 -33.90 -20.48 6.17
N GLU E 241 -32.77 -20.78 5.53
CA GLU E 241 -32.82 -21.32 4.17
C GLU E 241 -33.06 -22.83 4.21
N THR E 242 -33.42 -23.37 3.05
CA THR E 242 -33.65 -24.81 2.87
C THR E 242 -32.58 -25.44 1.96
N LEU E 243 -32.05 -26.58 2.41
CA LEU E 243 -31.14 -27.39 1.61
C LEU E 243 -31.90 -28.60 1.07
N LYS E 244 -32.07 -28.67 -0.24
CA LYS E 244 -32.67 -29.85 -0.87
C LYS E 244 -31.61 -30.61 -1.66
N ILE E 245 -31.61 -31.93 -1.53
CA ILE E 245 -30.73 -32.81 -2.29
C ILE E 245 -31.57 -33.85 -3.00
N ARG E 246 -31.10 -34.25 -4.18
CA ARG E 246 -31.79 -35.20 -5.03
C ARG E 246 -30.74 -36.02 -5.76
N THR E 247 -30.90 -37.34 -5.82
CA THR E 247 -29.94 -38.19 -6.51
C THR E 247 -30.56 -39.54 -6.86
N ASN E 248 -30.16 -40.07 -8.02
CA ASN E 248 -30.32 -41.49 -8.32
C ASN E 248 -28.98 -42.19 -8.40
N GLY E 249 -27.96 -41.64 -7.74
CA GLY E 249 -26.63 -42.24 -7.67
C GLY E 249 -25.49 -41.24 -7.74
N ASN E 250 -24.34 -41.63 -7.16
CA ASN E 250 -23.02 -41.03 -7.27
C ASN E 250 -22.88 -39.86 -6.30
N LEU E 251 -23.95 -39.44 -5.64
CA LEU E 251 -23.83 -38.41 -4.62
C LEU E 251 -23.29 -39.03 -3.33
N ILE E 252 -22.22 -38.42 -2.81
CA ILE E 252 -21.72 -38.67 -1.47
C ILE E 252 -22.39 -37.58 -0.63
N ALA E 253 -23.45 -37.95 0.11
CA ALA E 253 -24.44 -36.97 0.50
C ALA E 253 -24.08 -36.27 1.83
N PRO E 254 -24.52 -35.02 2.00
CA PRO E 254 -24.19 -34.29 3.24
C PRO E 254 -24.90 -34.90 4.43
N GLU E 255 -24.13 -35.18 5.49
CA GLU E 255 -24.74 -35.71 6.71
C GLU E 255 -24.60 -34.79 7.91
N PHE E 256 -23.41 -34.20 8.13
CA PHE E 256 -23.19 -33.26 9.22
C PHE E 256 -22.67 -31.94 8.65
N GLY E 257 -23.31 -30.85 9.08
CA GLY E 257 -22.82 -29.51 8.84
C GLY E 257 -22.20 -28.88 10.08
N TYR E 258 -21.68 -27.66 9.89
CA TYR E 258 -21.02 -26.90 10.94
C TYR E 258 -21.60 -25.50 11.07
N LEU E 259 -22.01 -25.16 12.29
CA LEU E 259 -22.44 -23.81 12.67
C LEU E 259 -21.29 -23.12 13.39
N LEU E 260 -20.60 -22.20 12.71
CA LEU E 260 -19.52 -21.39 13.29
C LEU E 260 -20.00 -19.96 13.52
N LYS E 261 -19.86 -19.46 14.74
CA LYS E 261 -20.18 -18.06 15.00
C LYS E 261 -18.92 -17.22 14.94
N GLY E 262 -19.09 -15.94 14.58
CA GLY E 262 -18.03 -15.00 14.36
C GLY E 262 -17.68 -14.89 12.88
N GLU E 263 -17.02 -13.81 12.52
CA GLU E 263 -16.42 -13.77 11.20
C GLU E 263 -15.03 -14.40 11.25
N SER E 264 -14.56 -14.89 10.12
CA SER E 264 -13.22 -15.44 9.98
C SER E 264 -12.30 -14.41 9.37
N TYR E 265 -10.99 -14.58 9.63
CA TYR E 265 -9.99 -13.62 9.20
C TYR E 265 -8.78 -14.27 8.58
N GLY E 266 -8.90 -15.53 8.15
CA GLY E 266 -7.80 -16.24 7.54
C GLY E 266 -6.63 -16.51 8.45
N ARG E 267 -6.87 -16.64 9.75
CA ARG E 267 -5.81 -16.89 10.72
C ARG E 267 -5.36 -18.34 10.65
N ILE E 268 -4.55 -18.66 9.64
CA ILE E 268 -3.94 -19.98 9.51
C ILE E 268 -2.42 -19.83 9.58
N ILE E 269 -1.79 -20.53 10.52
CA ILE E 269 -0.34 -20.47 10.68
C ILE E 269 0.25 -21.80 10.24
N GLN E 270 1.07 -21.77 9.19
CA GLN E 270 1.59 -23.01 8.61
C GLN E 270 3.02 -23.17 9.14
N ASN E 271 3.14 -23.77 10.33
CA ASN E 271 4.41 -23.80 11.04
C ASN E 271 4.68 -25.16 11.67
N GLU E 272 5.93 -25.62 11.57
CA GLU E 272 6.31 -26.94 12.08
C GLU E 272 6.78 -26.94 13.54
N ASP E 273 7.72 -26.06 13.94
CA ASP E 273 8.52 -26.27 15.14
C ASP E 273 8.23 -25.36 16.32
N ILE E 274 7.36 -24.35 16.19
CA ILE E 274 7.00 -23.50 17.30
C ILE E 274 5.85 -24.17 18.06
N PRO E 275 5.99 -24.44 19.36
CA PRO E 275 4.95 -25.20 20.05
C PRO E 275 3.78 -24.32 20.51
N ILE E 276 2.65 -24.98 20.78
CA ILE E 276 1.58 -24.34 21.52
C ILE E 276 2.08 -24.01 22.92
N GLY E 277 1.86 -22.76 23.36
CA GLY E 277 2.29 -22.34 24.69
C GLY E 277 1.14 -22.25 25.69
N ASN E 278 1.50 -22.03 26.95
CA ASN E 278 0.56 -21.74 28.02
C ASN E 278 0.80 -20.29 28.44
N CYS E 279 0.13 -19.37 27.73
CA CYS E 279 0.48 -17.96 27.78
C CYS E 279 -0.63 -17.17 27.10
N ASN E 280 -0.67 -15.88 27.39
CA ASN E 280 -1.62 -14.97 26.78
C ASN E 280 -0.90 -13.78 26.18
N THR E 281 -1.44 -13.25 25.08
CA THR E 281 -0.78 -12.13 24.44
C THR E 281 -1.79 -11.28 23.70
N LYS E 282 -1.52 -9.96 23.63
CA LYS E 282 -2.27 -9.08 22.76
C LYS E 282 -1.81 -9.22 21.32
N CYS E 283 -0.57 -9.67 21.12
CA CYS E 283 0.06 -9.71 19.82
C CYS E 283 0.70 -11.07 19.65
N GLN E 284 0.18 -11.87 18.72
CA GLN E 284 0.74 -13.16 18.36
C GLN E 284 1.30 -13.07 16.95
N THR E 285 2.62 -13.09 16.81
CA THR E 285 3.20 -13.18 15.49
C THR E 285 3.39 -14.64 15.11
N TYR E 286 3.63 -14.86 13.82
CA TYR E 286 3.85 -16.20 13.34
C TYR E 286 5.17 -16.78 13.84
N ALA E 287 6.03 -15.96 14.46
CA ALA E 287 7.28 -16.47 15.01
C ALA E 287 7.27 -16.51 16.53
N GLY E 288 6.15 -16.15 17.17
CA GLY E 288 6.08 -16.13 18.62
C GLY E 288 5.32 -14.92 19.14
N ALA E 289 5.02 -14.91 20.44
CA ALA E 289 4.29 -13.79 21.04
C ALA E 289 5.24 -12.64 21.41
N ILE E 290 4.73 -11.43 21.38
CA ILE E 290 5.55 -10.26 21.67
C ILE E 290 4.74 -9.25 22.45
N ASN E 291 5.43 -8.46 23.26
CA ASN E 291 4.85 -7.24 23.81
C ASN E 291 4.60 -6.26 22.68
N SER E 292 3.54 -5.46 22.82
CA SER E 292 3.13 -4.53 21.79
C SER E 292 3.34 -3.08 22.20
N SER E 293 4.13 -2.83 23.24
CA SER E 293 4.36 -1.47 23.73
C SER E 293 5.06 -0.63 22.68
N LYS E 294 6.13 -1.16 22.10
CA LYS E 294 6.95 -0.43 21.14
C LYS E 294 6.23 -0.31 19.80
N PRO E 295 6.58 0.71 19.00
CA PRO E 295 5.87 0.90 17.74
C PRO E 295 6.33 -0.03 16.63
N PHE E 296 7.49 -0.66 16.75
CA PHE E 296 7.91 -1.59 15.71
C PHE E 296 8.36 -2.91 16.31
N GLN E 297 8.41 -3.94 15.46
CA GLN E 297 8.87 -5.26 15.89
C GLN E 297 9.53 -5.95 14.71
N ASN E 298 10.54 -6.77 15.00
CA ASN E 298 11.22 -7.50 13.95
C ASN E 298 11.03 -9.01 14.05
N ALA E 299 10.00 -9.46 14.78
CA ALA E 299 9.70 -10.89 14.90
C ALA E 299 9.21 -11.48 13.58
N SER E 300 8.23 -10.84 12.95
CA SER E 300 7.64 -11.43 11.76
C SER E 300 6.75 -10.42 11.04
N ARG E 301 6.72 -10.51 9.72
CA ARG E 301 5.75 -9.74 8.96
C ARG E 301 4.33 -10.27 9.10
N HIS E 302 4.12 -11.49 9.59
CA HIS E 302 2.78 -12.06 9.76
C HIS E 302 2.41 -12.06 11.24
N TYR E 303 1.24 -11.54 11.57
CA TYR E 303 0.88 -11.47 12.98
C TYR E 303 -0.61 -11.25 13.13
N MET E 304 -1.09 -11.48 14.36
CA MET E 304 -2.49 -11.32 14.72
C MET E 304 -2.59 -10.54 16.01
N GLY E 305 -3.68 -9.79 16.15
CA GLY E 305 -3.93 -9.06 17.39
C GLY E 305 -3.59 -7.58 17.27
N GLU E 306 -3.09 -6.96 18.34
CA GLU E 306 -2.78 -5.53 18.41
C GLU E 306 -1.26 -5.45 18.39
N CYS E 307 -0.70 -5.20 17.21
CA CYS E 307 0.69 -5.50 16.96
C CYS E 307 1.44 -4.28 16.46
N PRO E 308 2.71 -4.14 16.82
CA PRO E 308 3.53 -3.12 16.18
C PRO E 308 3.81 -3.55 14.75
N LYS E 309 4.15 -2.57 13.91
CA LYS E 309 4.48 -2.83 12.52
C LYS E 309 5.81 -3.55 12.41
N TYR E 310 5.93 -4.36 11.37
CA TYR E 310 7.16 -5.11 11.14
C TYR E 310 8.19 -4.21 10.46
N VAL E 311 9.42 -4.24 10.95
CA VAL E 311 10.58 -3.67 10.27
C VAL E 311 11.67 -4.72 10.39
N LYS E 312 12.43 -4.92 9.31
CA LYS E 312 13.55 -5.88 9.40
C LYS E 312 14.82 -5.11 9.78
N LYS E 313 14.87 -4.72 11.04
CA LYS E 313 15.99 -3.98 11.61
C LYS E 313 16.31 -4.55 12.97
N ALA E 314 17.59 -4.56 13.32
CA ALA E 314 18.01 -5.09 14.61
C ALA E 314 17.73 -4.13 15.76
N SER E 315 17.55 -2.84 15.48
CA SER E 315 17.43 -1.83 16.52
C SER E 315 17.13 -0.46 15.93
N LEU E 316 16.41 0.37 16.69
CA LEU E 316 16.13 1.75 16.32
C LEU E 316 16.18 2.49 17.66
N ARG E 317 17.39 2.93 18.03
CA ARG E 317 17.61 3.56 19.32
C ARG E 317 17.29 5.05 19.20
N LEU E 318 16.38 5.53 20.03
CA LEU E 318 16.01 6.92 20.06
C LEU E 318 16.79 7.61 21.18
N ALA E 319 17.42 8.73 20.85
CA ALA E 319 18.08 9.52 21.87
C ALA E 319 17.05 10.13 22.84
N VAL E 320 17.32 10.00 24.14
CA VAL E 320 16.54 10.66 25.19
C VAL E 320 17.37 11.70 25.93
N GLY E 321 18.56 11.31 26.40
CA GLY E 321 19.45 12.20 27.11
C GLY E 321 20.39 12.98 26.21
N LEU E 322 21.49 13.40 26.80
CA LEU E 322 22.42 14.34 26.20
C LEU E 322 23.55 13.59 25.54
N ARG E 323 24.23 14.30 24.65
CA ARG E 323 25.51 13.86 24.15
C ARG E 323 26.47 13.63 25.32
N ASN E 324 26.97 12.40 25.46
CA ASN E 324 27.79 12.04 26.61
C ASN E 324 29.25 12.45 26.36
N THR E 325 29.60 13.68 26.71
CA THR E 325 30.96 14.20 26.50
C THR E 325 31.48 14.79 27.81
N PRO E 326 32.15 13.97 28.64
CA PRO E 326 32.66 14.49 29.92
C PRO E 326 33.87 15.38 29.72
N SER E 327 34.05 16.31 30.64
CA SER E 327 35.08 17.35 30.52
C SER E 327 36.51 16.81 30.60
N ILE F 6 37.40 26.12 37.96
CA ILE F 6 36.21 25.41 37.51
C ILE F 6 35.68 25.96 36.19
N ALA F 7 35.23 25.06 35.31
CA ALA F 7 34.78 25.37 33.97
C ALA F 7 33.30 25.02 33.78
N GLY F 8 32.67 25.72 32.84
CA GLY F 8 31.31 25.45 32.44
C GLY F 8 31.20 24.50 31.25
N PHE F 9 30.04 24.59 30.58
CA PHE F 9 29.68 23.62 29.54
C PHE F 9 30.59 23.64 28.31
N ILE F 10 31.29 24.76 28.03
CA ILE F 10 32.15 24.78 26.83
C ILE F 10 33.23 23.71 26.91
N GLU F 11 33.70 23.39 28.12
CA GLU F 11 34.79 22.44 28.27
C GLU F 11 34.33 21.00 28.55
N GLY F 12 33.04 20.71 28.43
CA GLY F 12 32.53 19.35 28.52
C GLY F 12 31.56 19.17 29.66
N GLY F 13 31.03 17.93 29.77
CA GLY F 13 29.98 17.63 30.73
C GLY F 13 30.52 17.33 32.12
N TRP F 14 29.62 17.41 33.12
CA TRP F 14 29.96 17.19 34.53
C TRP F 14 29.44 15.82 34.99
N SER F 15 30.37 14.92 35.33
CA SER F 15 30.03 13.64 35.99
C SER F 15 29.55 13.81 37.42
N GLY F 16 29.89 14.93 38.07
CA GLY F 16 29.43 15.17 39.44
C GLY F 16 27.92 15.33 39.55
N MET F 17 27.31 15.99 38.57
CA MET F 17 25.89 16.32 38.66
C MET F 17 25.04 15.06 38.48
N ILE F 18 24.30 14.70 39.52
CA ILE F 18 23.52 13.47 39.52
C ILE F 18 22.03 13.72 39.67
N ASP F 19 21.62 14.97 39.92
CA ASP F 19 20.21 15.27 40.20
C ASP F 19 19.52 16.02 39.07
N GLY F 20 20.06 15.97 37.85
CA GLY F 20 19.48 16.72 36.76
C GLY F 20 20.40 16.82 35.57
N TRP F 21 19.86 17.40 34.50
CA TRP F 21 20.55 17.47 33.22
C TRP F 21 21.37 18.74 33.07
N TYR F 22 20.88 19.84 33.61
CA TYR F 22 21.59 21.11 33.52
C TYR F 22 21.64 21.78 34.88
N GLY F 23 22.73 22.47 35.17
CA GLY F 23 22.77 23.26 36.38
C GLY F 23 24.01 24.10 36.58
N PHE F 24 24.39 24.27 37.85
CA PHE F 24 25.25 25.36 38.28
C PHE F 24 26.40 24.84 39.10
N HIS F 25 27.59 25.41 38.86
CA HIS F 25 28.76 25.17 39.68
C HIS F 25 29.41 26.52 40.01
N HIS F 26 29.37 26.90 41.29
CA HIS F 26 29.89 28.18 41.77
C HIS F 26 31.10 27.98 42.68
N SER F 27 31.95 29.01 42.77
CA SER F 27 33.10 29.00 43.68
C SER F 27 33.27 30.38 44.28
N ASN F 28 33.21 30.44 45.61
CA ASN F 28 33.51 31.67 46.36
C ASN F 28 34.46 31.32 47.51
N SER F 29 34.58 32.24 48.48
CA SER F 29 35.46 32.03 49.63
C SER F 29 34.96 30.94 50.56
N GLU F 30 33.66 30.67 50.56
CA GLU F 30 33.11 29.59 51.37
C GLU F 30 33.29 28.21 50.74
N GLY F 31 33.88 28.15 49.55
CA GLY F 31 33.98 26.90 48.81
C GLY F 31 33.08 26.85 47.59
N THR F 32 32.69 25.65 47.17
CA THR F 32 32.00 25.48 45.91
C THR F 32 30.67 24.78 46.11
N GLY F 33 29.77 24.99 45.16
CA GLY F 33 28.49 24.31 45.16
C GLY F 33 28.09 23.81 43.79
N MET F 34 27.66 22.55 43.69
CA MET F 34 27.16 21.99 42.44
C MET F 34 25.75 21.44 42.64
N ALA F 35 24.77 22.06 41.98
CA ALA F 35 23.38 21.61 41.99
C ALA F 35 22.80 21.71 40.60
N ALA F 36 21.86 20.80 40.29
CA ALA F 36 21.03 20.93 39.10
C ALA F 36 20.09 22.14 39.21
N ASP F 37 19.86 22.81 38.08
CA ASP F 37 18.73 23.73 37.96
C ASP F 37 17.47 22.91 37.67
N GLN F 38 16.56 22.82 38.64
CA GLN F 38 15.44 21.89 38.47
C GLN F 38 14.42 22.37 37.42
N LYS F 39 14.23 23.68 37.29
CA LYS F 39 13.28 24.29 36.37
C LYS F 39 13.71 24.18 34.89
N SER F 40 15.00 24.33 34.55
CA SER F 40 15.36 24.05 33.16
C SER F 40 15.38 22.53 32.87
N THR F 41 15.73 21.70 33.86
CA THR F 41 15.70 20.26 33.69
C THR F 41 14.29 19.73 33.50
N GLN F 42 13.34 20.16 34.35
CA GLN F 42 11.97 19.62 34.24
C GLN F 42 11.37 19.98 32.89
N GLU F 43 11.51 21.25 32.49
CA GLU F 43 11.08 21.65 31.15
C GLU F 43 11.59 20.67 30.11
N ALA F 44 12.91 20.42 30.10
CA ALA F 44 13.50 19.59 29.07
C ALA F 44 12.97 18.15 29.14
N ILE F 45 12.76 17.64 30.35
CA ILE F 45 12.25 16.28 30.49
C ILE F 45 10.83 16.19 29.95
N ASP F 46 9.99 17.18 30.31
CA ASP F 46 8.62 17.23 29.79
C ASP F 46 8.60 17.24 28.28
N LYS F 47 9.50 18.01 27.64
CA LYS F 47 9.53 18.07 26.19
C LYS F 47 9.92 16.72 25.58
N ILE F 48 10.98 16.08 26.10
CA ILE F 48 11.45 14.82 25.52
C ILE F 48 10.42 13.73 25.75
N THR F 49 9.74 13.79 26.89
CA THR F 49 8.64 12.87 27.15
C THR F 49 7.55 13.05 26.12
N ASN F 50 7.17 14.30 25.81
CA ASN F 50 6.15 14.52 24.77
C ASN F 50 6.60 13.92 23.44
N LYS F 51 7.84 14.20 23.04
CA LYS F 51 8.37 13.68 21.78
C LYS F 51 8.24 12.16 21.73
N VAL F 52 8.71 11.48 22.78
CA VAL F 52 8.66 10.03 22.82
C VAL F 52 7.22 9.55 22.79
N ASN F 53 6.34 10.19 23.56
CA ASN F 53 4.95 9.72 23.55
C ASN F 53 4.35 9.91 22.17
N ASN F 54 4.69 11.00 21.48
CA ASN F 54 4.12 11.19 20.15
C ASN F 54 4.62 10.11 19.18
N ILE F 55 5.90 9.78 19.24
CA ILE F 55 6.43 8.83 18.30
C ILE F 55 5.84 7.45 18.54
N VAL F 56 5.70 7.07 19.80
CA VAL F 56 5.19 5.75 20.16
C VAL F 56 3.66 5.71 20.08
N ASP F 57 2.97 6.71 20.61
CA ASP F 57 1.53 6.59 20.75
C ASP F 57 0.75 6.89 19.46
N LYS F 58 1.29 7.64 18.50
CA LYS F 58 0.48 7.86 17.29
C LYS F 58 0.43 6.64 16.37
N MET F 59 1.24 5.62 16.64
CA MET F 59 1.23 4.42 15.81
C MET F 59 -0.05 3.66 16.07
N ASN F 60 -0.72 3.28 15.00
CA ASN F 60 -1.95 2.50 15.13
C ASN F 60 -1.60 1.01 15.25
N ARG F 61 -2.24 0.31 16.18
CA ARG F 61 -2.04 -1.13 16.39
C ARG F 61 -3.40 -1.83 16.27
N GLU F 62 -4.08 -1.58 15.15
CA GLU F 62 -5.41 -2.08 14.89
C GLU F 62 -5.45 -3.19 13.84
N PHE F 63 -4.54 -3.21 12.88
CA PHE F 63 -4.71 -4.10 11.74
C PHE F 63 -3.70 -5.22 11.77
N GLU F 64 -4.14 -6.33 11.20
CA GLU F 64 -3.57 -7.65 11.31
C GLU F 64 -3.02 -8.03 9.94
N VAL F 65 -1.97 -8.85 9.90
CA VAL F 65 -1.37 -9.29 8.63
C VAL F 65 -1.26 -10.81 8.66
N VAL F 66 -2.29 -11.52 8.13
CA VAL F 66 -2.21 -12.97 8.07
C VAL F 66 -1.51 -13.39 6.77
N ASN F 67 -1.09 -14.65 6.71
CA ASN F 67 -0.45 -15.23 5.54
C ASN F 67 -1.54 -15.91 4.73
N HIS F 68 -1.97 -15.24 3.66
CA HIS F 68 -3.04 -15.76 2.83
C HIS F 68 -2.57 -16.90 1.96
N GLU F 69 -3.51 -17.78 1.61
CA GLU F 69 -3.24 -18.98 0.82
C GLU F 69 -3.85 -18.88 -0.58
N PHE F 70 -3.12 -19.41 -1.56
CA PHE F 70 -3.52 -19.32 -2.96
C PHE F 70 -3.33 -20.65 -3.67
N SER F 71 -4.22 -20.97 -4.59
CA SER F 71 -4.01 -22.14 -5.45
C SER F 71 -2.91 -21.89 -6.48
N GLU F 72 -2.58 -22.95 -7.21
CA GLU F 72 -1.55 -22.87 -8.26
C GLU F 72 -2.02 -22.17 -9.52
N VAL F 73 -3.32 -21.83 -9.63
CA VAL F 73 -3.79 -20.99 -10.74
C VAL F 73 -4.25 -19.66 -10.17
N GLU F 74 -3.67 -19.28 -9.04
CA GLU F 74 -3.90 -17.93 -8.52
C GLU F 74 -2.57 -17.23 -8.27
N LYS F 75 -1.64 -17.39 -9.21
CA LYS F 75 -0.32 -16.76 -9.10
C LYS F 75 -0.40 -15.24 -9.12
N ARG F 76 -1.27 -14.67 -9.95
CA ARG F 76 -1.33 -13.21 -10.03
C ARG F 76 -1.80 -12.60 -8.71
N ILE F 77 -2.90 -13.11 -8.14
CA ILE F 77 -3.37 -12.49 -6.89
C ILE F 77 -2.41 -12.79 -5.75
N ASN F 78 -1.71 -13.94 -5.79
CA ASN F 78 -0.62 -14.19 -4.85
C ASN F 78 0.43 -13.08 -4.91
N MET F 79 0.85 -12.70 -6.12
CA MET F 79 1.86 -11.66 -6.26
C MET F 79 1.33 -10.27 -5.87
N ILE F 80 0.05 -10.00 -6.16
CA ILE F 80 -0.55 -8.74 -5.75
C ILE F 80 -0.57 -8.62 -4.23
N ASN F 81 -1.05 -9.64 -3.55
CA ASN F 81 -0.97 -9.71 -2.08
C ASN F 81 0.46 -9.46 -1.59
N ASP F 82 1.43 -10.17 -2.16
CA ASP F 82 2.83 -9.96 -1.78
C ASP F 82 3.31 -8.52 -2.05
N LYS F 83 2.85 -7.91 -3.15
CA LYS F 83 3.25 -6.54 -3.46
C LYS F 83 2.79 -5.56 -2.38
N ILE F 84 1.56 -5.71 -1.89
CA ILE F 84 1.08 -4.85 -0.77
C ILE F 84 2.02 -4.94 0.41
N ASP F 85 2.30 -6.18 0.87
CA ASP F 85 3.16 -6.34 2.03
C ASP F 85 4.57 -5.77 1.79
N ASP F 86 5.15 -6.05 0.60
CA ASP F 86 6.52 -5.58 0.29
C ASP F 86 6.60 -4.07 0.22
N GLN F 87 5.66 -3.44 -0.50
CA GLN F 87 5.73 -1.99 -0.67
C GLN F 87 5.37 -1.27 0.62
N ILE F 88 4.40 -1.78 1.38
CA ILE F 88 4.08 -1.16 2.67
C ILE F 88 5.29 -1.28 3.60
N GLU F 89 5.92 -2.46 3.63
CA GLU F 89 7.09 -2.67 4.48
C GLU F 89 8.26 -1.73 4.12
N ASP F 90 8.55 -1.55 2.81
CA ASP F 90 9.56 -0.58 2.40
C ASP F 90 9.23 0.82 2.89
N LEU F 91 7.96 1.22 2.83
CA LEU F 91 7.63 2.57 3.30
C LEU F 91 7.94 2.71 4.77
N TRP F 92 7.52 1.71 5.58
CA TRP F 92 7.78 1.81 7.02
C TRP F 92 9.27 1.75 7.35
N ALA F 93 10.05 0.89 6.67
CA ALA F 93 11.47 0.75 6.96
C ALA F 93 12.21 2.07 6.74
N TYR F 94 11.91 2.74 5.62
CA TYR F 94 12.60 3.98 5.28
C TYR F 94 12.17 5.13 6.19
N ASN F 95 10.87 5.29 6.39
CA ASN F 95 10.39 6.41 7.20
C ASN F 95 10.77 6.23 8.66
N ALA F 96 10.78 5.00 9.16
CA ALA F 96 11.10 4.82 10.57
C ALA F 96 12.58 5.06 10.83
N GLU F 97 13.46 4.58 9.95
CA GLU F 97 14.89 4.94 10.05
C GLU F 97 15.08 6.44 10.00
N LEU F 98 14.54 7.10 8.96
CA LEU F 98 14.83 8.52 8.75
C LEU F 98 14.22 9.36 9.88
N LEU F 99 13.04 8.98 10.34
CA LEU F 99 12.42 9.68 11.47
C LEU F 99 13.35 9.67 12.67
N VAL F 100 13.85 8.50 13.03
CA VAL F 100 14.72 8.37 14.18
C VAL F 100 16.04 9.11 13.98
N LEU F 101 16.67 8.99 12.81
CA LEU F 101 17.90 9.73 12.53
C LEU F 101 17.69 11.25 12.68
N LEU F 102 16.66 11.80 12.03
CA LEU F 102 16.29 13.21 12.15
C LEU F 102 16.07 13.58 13.60
N GLU F 103 15.19 12.83 14.27
CA GLU F 103 14.84 13.22 15.62
C GLU F 103 16.00 13.05 16.58
N ASN F 104 16.89 12.08 16.38
CA ASN F 104 18.07 12.01 17.23
C ASN F 104 18.97 13.24 17.07
N GLN F 105 19.16 13.70 15.82
CA GLN F 105 19.96 14.90 15.62
C GLN F 105 19.34 16.12 16.31
N LYS F 106 18.02 16.26 16.23
CA LYS F 106 17.34 17.39 16.85
C LYS F 106 17.38 17.31 18.37
N THR F 107 17.23 16.10 18.93
CA THR F 107 17.24 15.98 20.38
C THR F 107 18.57 16.46 20.94
N LEU F 108 19.68 16.04 20.33
CA LEU F 108 20.99 16.44 20.84
C LEU F 108 21.20 17.94 20.65
N ASP F 109 20.67 18.51 19.55
CA ASP F 109 20.74 19.96 19.39
C ASP F 109 19.87 20.68 20.40
N GLU F 110 18.72 20.10 20.74
CA GLU F 110 17.84 20.70 21.72
C GLU F 110 18.50 20.77 23.11
N HIS F 111 19.27 19.74 23.47
CA HIS F 111 19.99 19.78 24.74
C HIS F 111 21.04 20.90 24.75
N ASP F 112 21.84 21.01 23.67
CA ASP F 112 22.82 22.10 23.58
C ASP F 112 22.14 23.46 23.69
N SER F 113 20.99 23.60 23.05
CA SER F 113 20.30 24.87 23.03
C SER F 113 19.65 25.19 24.38
N ASN F 114 19.17 24.16 25.11
CA ASN F 114 18.68 24.40 26.48
C ASN F 114 19.78 24.89 27.41
N VAL F 115 20.99 24.34 27.27
CA VAL F 115 22.10 24.77 28.11
C VAL F 115 22.44 26.23 27.83
N LYS F 116 22.54 26.58 26.54
CA LYS F 116 22.91 27.91 26.10
C LYS F 116 21.85 28.91 26.56
N ASN F 117 20.58 28.47 26.59
CA ASN F 117 19.47 29.30 27.09
C ASN F 117 19.63 29.58 28.58
N LEU F 118 20.10 28.59 29.32
CA LEU F 118 20.28 28.78 30.76
C LEU F 118 21.41 29.75 31.01
N PHE F 119 22.49 29.62 30.26
CA PHE F 119 23.60 30.56 30.34
C PHE F 119 23.13 31.98 30.05
N ASP F 120 22.45 32.18 28.92
CA ASP F 120 22.00 33.52 28.55
C ASP F 120 21.00 34.09 29.56
N GLU F 121 20.21 33.24 30.22
CA GLU F 121 19.31 33.75 31.26
C GLU F 121 20.09 34.23 32.49
N VAL F 122 21.28 33.71 32.72
CA VAL F 122 22.10 34.16 33.83
C VAL F 122 22.96 35.38 33.44
N LYS F 123 23.41 35.45 32.19
CA LYS F 123 24.10 36.67 31.79
C LYS F 123 23.19 37.89 31.86
N ARG F 124 21.90 37.73 31.57
CA ARG F 124 20.99 38.88 31.62
C ARG F 124 20.71 39.32 33.04
N ARG F 125 20.65 38.39 34.00
CA ARG F 125 20.47 38.78 35.38
C ARG F 125 21.75 39.40 35.98
N LEU F 126 22.92 38.94 35.52
CA LEU F 126 24.19 39.45 36.03
C LEU F 126 24.56 40.82 35.46
N SER F 127 24.30 41.06 34.19
CA SER F 127 24.41 42.41 33.58
C SER F 127 25.88 42.82 33.58
N ALA F 128 26.22 44.02 34.07
CA ALA F 128 27.58 44.56 34.05
C ALA F 128 28.41 44.08 35.21
N ASN F 129 27.76 43.38 36.14
CA ASN F 129 28.31 42.88 37.40
C ASN F 129 29.21 41.67 37.24
N ALA F 130 29.35 41.14 36.03
CA ALA F 130 30.21 39.99 35.79
C ALA F 130 30.79 40.10 34.38
N ILE F 131 31.98 39.52 34.21
CA ILE F 131 32.59 39.39 32.89
C ILE F 131 32.21 38.04 32.30
N ASP F 132 31.53 38.07 31.14
CA ASP F 132 31.02 36.90 30.42
C ASP F 132 32.13 35.99 29.92
N ALA F 133 33.37 36.31 30.24
CA ALA F 133 34.49 35.68 29.55
C ALA F 133 34.72 34.25 30.00
N GLY F 134 35.21 33.45 29.06
CA GLY F 134 35.62 32.10 29.32
C GLY F 134 34.83 31.00 28.65
N ASN F 135 34.26 30.14 29.47
CA ASN F 135 34.07 28.74 29.11
C ASN F 135 32.73 28.25 29.62
N GLY F 136 31.68 29.04 29.44
CA GLY F 136 30.41 28.73 30.04
C GLY F 136 30.31 29.23 31.46
N CYS F 137 31.10 30.25 31.79
CA CYS F 137 31.37 30.62 33.15
C CYS F 137 31.44 32.13 33.27
N PHE F 138 30.85 32.68 34.33
CA PHE F 138 30.96 34.09 34.66
C PHE F 138 31.95 34.32 35.80
N ASP F 139 32.76 35.37 35.66
CA ASP F 139 33.59 35.89 36.74
C ASP F 139 32.86 37.08 37.35
N ILE F 140 32.38 36.92 38.59
CA ILE F 140 31.59 37.95 39.26
C ILE F 140 32.51 38.93 40.00
N LEU F 141 32.24 40.22 39.84
CA LEU F 141 33.13 41.31 40.24
C LEU F 141 32.89 41.82 41.66
N HIS F 142 32.14 41.10 42.49
CA HIS F 142 31.89 41.54 43.85
C HIS F 142 31.99 40.31 44.74
N LYS F 143 31.84 40.50 46.05
CA LYS F 143 31.73 39.35 46.93
C LYS F 143 30.31 38.86 46.86
N CYS F 144 30.14 37.63 46.41
CA CYS F 144 28.86 36.95 46.19
C CYS F 144 29.01 35.70 47.03
N ASP F 145 28.50 35.75 48.25
CA ASP F 145 28.51 34.64 49.19
C ASP F 145 27.42 33.64 48.81
N ASN F 146 27.29 32.60 49.62
CA ASN F 146 26.36 31.51 49.31
C ASN F 146 24.91 31.94 49.23
N GLU F 147 24.55 33.13 49.71
CA GLU F 147 23.13 33.48 49.59
C GLU F 147 22.89 34.38 48.38
N CYS F 148 23.90 35.15 47.99
CA CYS F 148 23.93 35.78 46.68
C CYS F 148 23.90 34.74 45.56
N MET F 149 24.72 33.69 45.69
CA MET F 149 24.72 32.61 44.71
C MET F 149 23.33 32.04 44.50
N GLU F 150 22.68 31.62 45.61
CA GLU F 150 21.37 31.00 45.48
C GLU F 150 20.33 31.97 44.94
N THR F 151 20.62 33.27 44.94
CA THR F 151 19.70 34.20 44.28
C THR F 151 19.98 34.31 42.78
N ILE F 152 21.24 34.11 42.37
CA ILE F 152 21.54 34.01 40.95
C ILE F 152 20.87 32.79 40.35
N LYS F 153 20.60 31.76 41.16
CA LYS F 153 20.04 30.52 40.67
C LYS F 153 18.51 30.50 40.67
N ASN F 154 17.86 31.05 41.70
CA ASN F 154 16.41 31.04 41.73
C ASN F 154 15.79 32.26 41.06
N GLY F 155 16.61 33.16 40.50
CA GLY F 155 16.12 34.30 39.74
C GLY F 155 15.92 35.56 40.56
N THR F 156 15.86 35.44 41.89
CA THR F 156 15.62 36.53 42.82
C THR F 156 16.88 37.37 43.09
N TYR F 157 17.43 37.98 42.03
CA TYR F 157 18.69 38.69 42.16
C TYR F 157 18.65 39.99 41.36
N ASP F 158 18.88 41.13 42.04
CA ASP F 158 18.94 42.45 41.42
C ASP F 158 20.39 42.92 41.32
N HIS F 159 20.58 44.16 40.87
CA HIS F 159 21.92 44.73 40.84
C HIS F 159 22.07 45.81 41.91
N LYS F 160 21.71 45.40 43.12
CA LYS F 160 22.19 46.03 44.35
C LYS F 160 23.62 46.48 44.20
N GLU F 161 24.48 45.57 43.79
CA GLU F 161 25.92 45.64 43.85
C GLU F 161 26.54 46.59 42.82
N TYR F 162 25.74 47.29 42.01
CA TYR F 162 26.22 48.00 40.82
C TYR F 162 27.54 48.76 41.01
N GLU F 163 27.77 49.33 42.20
CA GLU F 163 28.95 50.16 42.32
C GLU F 163 30.14 49.47 42.97
N GLU F 164 29.92 48.38 43.72
CA GLU F 164 31.04 47.56 44.16
C GLU F 164 31.79 46.93 42.99
N GLU F 165 31.08 46.64 41.90
CA GLU F 165 31.72 46.12 40.69
C GLU F 165 32.39 47.20 39.90
N ALA F 166 31.73 48.37 39.79
CA ALA F 166 32.29 49.49 39.04
C ALA F 166 33.72 49.78 39.46
N LYS F 167 34.03 49.77 40.76
CA LYS F 167 35.41 49.97 41.18
C LYS F 167 36.28 48.77 40.83
N LEU F 168 35.79 47.56 41.15
CA LEU F 168 36.53 46.34 40.83
C LEU F 168 36.79 46.17 39.33
N GLU F 169 35.99 46.80 38.48
CA GLU F 169 36.18 46.60 37.04
C GLU F 169 37.25 47.53 36.48
N ARG F 170 37.45 48.71 37.07
CA ARG F 170 38.53 49.57 36.59
C ARG F 170 39.89 49.08 37.11
N SER F 171 39.88 48.30 38.18
CA SER F 171 41.05 47.56 38.61
C SER F 171 41.42 46.50 37.58
C1 NAG G . -4.40 -21.04 -45.28
C2 NAG G . -4.97 -19.63 -45.41
C3 NAG G . -5.89 -19.52 -46.65
C4 NAG G . -5.39 -20.29 -47.87
C5 NAG G . -4.68 -21.60 -47.53
C6 NAG G . -3.89 -22.18 -48.68
C7 NAG G . -5.23 -18.37 -43.31
C8 NAG G . -6.13 -18.12 -42.13
N2 NAG G . -5.69 -19.25 -44.21
O3 NAG G . -6.04 -18.14 -46.96
O4 NAG G . -6.50 -20.61 -48.71
O5 NAG G . -3.77 -21.40 -46.44
O6 NAG G . -3.61 -21.20 -49.67
O7 NAG G . -4.14 -17.82 -43.43
C1 NAG G . -6.64 -19.77 -49.87
C2 NAG G . -7.90 -20.33 -50.57
C3 NAG G . -8.41 -19.41 -51.70
C4 NAG G . -8.29 -17.92 -51.39
C5 NAG G . -6.98 -17.59 -50.70
C6 NAG G . -6.91 -16.16 -50.20
C7 NAG G . -8.11 -22.79 -50.56
C8 NAG G . -7.73 -24.06 -51.26
N2 NAG G . -7.63 -21.66 -51.10
O3 NAG G . -9.77 -19.73 -51.95
O4 NAG G . -8.38 -17.17 -52.60
O5 NAG G . -6.84 -18.43 -49.55
O6 NAG G . -8.09 -15.82 -49.48
O7 NAG G . -8.83 -22.78 -49.56
C1 FUC G . -2.97 -21.67 -50.88
C2 FUC G . -2.13 -20.47 -51.36
C3 FUC G . -0.85 -20.33 -50.52
C4 FUC G . 0.03 -21.59 -50.61
C5 FUC G . -0.80 -22.86 -50.24
C6 FUC G . -0.11 -24.14 -50.65
O2 FUC G . -2.91 -19.30 -51.31
O3 FUC G . -0.08 -19.20 -50.90
O4 FUC G . 0.60 -21.71 -51.90
O5 FUC G . -2.18 -22.92 -50.76
C1 NAG H . 11.68 12.69 -16.17
C2 NAG H . 10.56 13.52 -16.73
C3 NAG H . 11.00 14.20 -18.01
C4 NAG H . 12.30 14.97 -17.79
C5 NAG H . 13.35 14.18 -16.99
C6 NAG H . 14.48 15.06 -16.48
C7 NAG H . 8.39 12.60 -16.02
C8 NAG H . 7.21 11.74 -16.40
N2 NAG H . 9.36 12.72 -16.94
O3 NAG H . 9.98 15.10 -18.43
O4 NAG H . 12.89 15.29 -19.04
O5 NAG H . 12.77 13.54 -15.84
O6 NAG H . 13.99 16.26 -15.89
O7 NAG H . 8.48 13.15 -14.92
C1 NAG H . 12.89 16.74 -19.16
C2 NAG H . 13.67 17.10 -20.45
C3 NAG H . 13.37 18.53 -20.97
C4 NAG H . 12.09 19.19 -20.45
C5 NAG H . 11.54 18.58 -19.17
C6 NAG H . 10.09 18.93 -18.90
C7 NAG H . 15.79 15.92 -20.83
C8 NAG H . 17.26 15.89 -20.52
N2 NAG H . 15.11 16.92 -20.25
O3 NAG H . 13.35 18.50 -22.40
O4 NAG H . 12.34 20.57 -20.23
O5 NAG H . 11.59 17.16 -19.28
O6 NAG H . 9.23 18.29 -19.82
O7 NAG H . 15.25 15.09 -21.55
C1 NAG I . -47.93 -11.90 -8.61
C2 NAG I . -47.68 -12.05 -7.11
C3 NAG I . -48.75 -12.95 -6.47
C4 NAG I . -50.16 -12.69 -6.99
C5 NAG I . -50.21 -12.36 -8.49
C6 NAG I . -51.51 -11.74 -8.96
C7 NAG I . -45.43 -11.98 -6.13
C8 NAG I . -44.12 -12.69 -5.99
N2 NAG I . -46.35 -12.59 -6.88
O3 NAG I . -48.70 -12.76 -5.06
O4 NAG I . -50.94 -13.86 -6.78
O5 NAG I . -49.18 -11.42 -8.82
O6 NAG I . -52.47 -11.61 -7.92
O7 NAG I . -45.63 -10.88 -5.60
C1 NAG I . -51.89 -13.75 -5.69
C2 NAG I . -52.65 -15.11 -5.70
C3 NAG I . -53.54 -15.30 -4.45
C4 NAG I . -52.91 -14.76 -3.16
C5 NAG I . -52.21 -13.43 -3.37
C6 NAG I . -51.42 -12.98 -2.16
C7 NAG I . -53.13 -16.04 -7.94
C8 NAG I . -54.10 -16.03 -9.09
N2 NAG I . -53.45 -15.23 -6.91
O3 NAG I . -53.83 -16.68 -4.29
O4 NAG I . -53.92 -14.62 -2.16
O5 NAG I . -51.28 -13.56 -4.44
O6 NAG I . -50.48 -13.97 -1.77
O7 NAG I . -52.11 -16.71 -7.94
C1 FUC I . -53.76 -11.06 -8.34
C2 FUC I . -54.05 -9.86 -7.37
C3 FUC I . -53.33 -8.57 -7.83
C4 FUC I . -53.76 -8.15 -9.25
C5 FUC I . -53.57 -9.29 -10.26
C6 FUC I . -54.32 -9.05 -11.58
O2 FUC I . -53.66 -10.16 -6.03
O3 FUC I . -53.58 -7.50 -6.92
O4 FUC I . -55.11 -7.68 -9.26
O5 FUC I . -53.96 -10.67 -9.76
C1 NAG J . -14.43 14.54 11.87
C2 NAG J . -14.67 13.72 13.10
C3 NAG J . -15.80 14.35 13.92
C4 NAG J . -15.53 15.82 14.19
C5 NAG J . -15.02 16.58 12.94
C6 NAG J . -14.47 17.95 13.26
C7 NAG J . -13.98 11.42 12.68
C8 NAG J . -14.43 10.01 12.35
N2 NAG J . -14.95 12.33 12.79
O3 NAG J . -15.93 13.64 15.15
O4 NAG J . -16.73 16.46 14.61
O5 NAG J . -14.01 15.84 12.25
O6 NAG J . -13.76 17.99 14.49
O7 NAG J . -12.78 11.70 12.82
C1 NAG J . -16.55 16.94 15.96
C2 NAG J . -17.88 17.64 16.33
C3 NAG J . -18.07 17.81 17.86
C4 NAG J . -17.19 16.95 18.77
C5 NAG J . -15.94 16.41 18.09
C6 NAG J . -15.28 15.26 18.83
C7 NAG J . -18.71 19.15 14.58
C8 NAG J . -18.67 20.55 14.04
N2 NAG J . -17.96 18.93 15.67
O3 NAG J . -19.44 17.56 18.18
O4 NAG J . -16.80 17.71 19.91
O5 NAG J . -16.32 15.90 16.81
O6 NAG J . -16.09 14.10 18.81
O7 NAG J . -19.40 18.27 14.06
C1 NAG K . -6.29 -49.52 4.82
C2 NAG K . -4.87 -49.27 4.30
C3 NAG K . -4.28 -50.52 3.66
C4 NAG K . -4.65 -51.83 4.36
C5 NAG K . -6.05 -51.83 4.98
C6 NAG K . -6.26 -52.93 5.99
C7 NAG K . -4.26 -46.99 3.57
C8 NAG K . -4.34 -45.98 2.45
N2 NAG K . -4.86 -48.17 3.35
O3 NAG K . -2.87 -50.37 3.62
O4 NAG K . -4.61 -52.90 3.44
O5 NAG K . -6.29 -50.60 5.67
O6 NAG K . -5.04 -53.23 6.65
O7 NAG K . -3.69 -46.74 4.63
C1 NAG K . -3.50 -53.80 3.63
C2 NAG K . -3.67 -54.91 2.56
C3 NAG K . -2.42 -55.81 2.42
C4 NAG K . -1.10 -55.05 2.56
C5 NAG K . -1.16 -54.02 3.67
C6 NAG K . 0.08 -53.14 3.76
C7 NAG K . -6.04 -55.56 2.28
C8 NAG K . -7.12 -56.51 2.73
N2 NAG K . -4.84 -55.72 2.86
O3 NAG K . -2.46 -56.47 1.15
O4 NAG K . -0.05 -55.98 2.80
O5 NAG K . -2.27 -53.15 3.45
O6 NAG K . 0.31 -52.41 2.56
O7 NAG K . -6.25 -54.71 1.43
C1 FUC K . -5.08 -54.47 7.42
C2 FUC K . -3.90 -54.31 8.43
C3 FUC K . -4.24 -53.33 9.55
C4 FUC K . -5.50 -53.78 10.32
C5 FUC K . -6.69 -54.02 9.36
C6 FUC K . -7.83 -54.80 10.00
O2 FUC K . -2.71 -53.92 7.75
O3 FUC K . -3.16 -53.16 10.45
O4 FUC K . -5.23 -54.94 11.10
O5 FUC K . -6.36 -54.70 8.09
C1 NAG L . 15.77 -8.84 15.23
C2 NAG L . 16.82 -9.37 14.29
C3 NAG L . 17.75 -10.30 15.06
C4 NAG L . 18.32 -9.59 16.29
C5 NAG L . 17.26 -8.84 17.09
C6 NAG L . 17.86 -7.89 18.11
C7 NAG L . 15.87 -9.42 12.04
C8 NAG L . 15.33 -10.28 10.93
N2 NAG L . 16.25 -10.06 13.15
O3 NAG L . 18.82 -10.70 14.21
O4 NAG L . 18.96 -10.53 17.15
O5 NAG L . 16.39 -8.07 16.25
O6 NAG L . 18.97 -7.19 17.57
O7 NAG L . 15.94 -8.18 11.93
C1 NAG L . 20.37 -10.16 17.21
C2 NAG L . 21.02 -11.13 18.24
C3 NAG L . 22.56 -11.23 18.07
C4 NAG L . 23.15 -10.76 16.74
C5 NAG L . 22.23 -9.84 15.95
C6 NAG L . 22.61 -9.73 14.49
C7 NAG L . 19.85 -11.33 20.40
C8 NAG L . 19.64 -10.71 21.75
N2 NAG L . 20.69 -10.67 19.59
O3 NAG L . 22.91 -12.60 18.27
O4 NAG L . 24.37 -10.07 17.00
O5 NAG L . 20.92 -10.38 15.99
O6 NAG L . 22.68 -11.01 13.89
O7 NAG L . 19.30 -12.37 20.06
C1 NAG M . -5.51 -50.04 -29.24
C2 NAG M . -5.43 -49.60 -27.80
C3 NAG M . -4.98 -50.77 -26.94
C4 NAG M . -5.94 -51.95 -27.13
C5 NAG M . -6.17 -52.26 -28.62
C6 NAG M . -7.37 -53.14 -28.87
C7 NAG M . -4.79 -47.42 -26.90
C8 NAG M . -3.74 -46.35 -26.85
N2 NAG M . -4.51 -48.48 -27.64
O3 NAG M . -4.95 -50.39 -25.57
O4 NAG M . -5.45 -53.10 -26.44
O5 NAG M . -6.43 -51.05 -29.35
O6 NAG M . -7.42 -54.23 -27.97
O7 NAG M . -5.84 -47.33 -26.26
C1 NAG N . -37.83 -21.43 -38.65
C2 NAG N . -36.36 -21.10 -38.59
C3 NAG N . -35.82 -20.95 -40.00
C4 NAG N . -36.09 -22.22 -40.80
C5 NAG N . -37.56 -22.66 -40.69
C6 NAG N . -37.79 -24.08 -41.14
C7 NAG N . -35.12 -19.83 -36.92
C8 NAG N . -34.98 -18.54 -36.18
N2 NAG N . -36.11 -19.91 -37.81
O3 NAG N . -34.42 -20.70 -39.97
O4 NAG N . -35.69 -22.04 -42.15
O5 NAG N . -38.01 -22.62 -39.33
O6 NAG N . -37.58 -24.21 -42.54
O7 NAG N . -34.35 -20.77 -36.74
C1 NAG O . -38.47 -43.57 -0.49
C2 NAG O . -38.48 -42.08 -0.66
C3 NAG O . -39.88 -41.55 -0.41
C4 NAG O . -40.87 -42.24 -1.35
C5 NAG O . -40.71 -43.77 -1.31
C6 NAG O . -41.37 -44.47 -2.48
C7 NAG O . -36.68 -40.49 -0.11
C8 NAG O . -35.76 -39.99 0.95
N2 NAG O . -37.53 -41.47 0.26
O3 NAG O . -39.95 -40.14 -0.63
O4 NAG O . -42.19 -41.83 -1.01
O5 NAG O . -39.33 -44.14 -1.40
O6 NAG O . -42.75 -44.22 -2.56
O7 NAG O . -36.68 -40.03 -1.23
#